data_3WWG
#
_entry.id   3WWG
#
_cell.length_a   96.400
_cell.length_b   108.100
_cell.length_c   116.000
_cell.angle_alpha   90.00
_cell.angle_beta   103.90
_cell.angle_gamma   90.00
#
_symmetry.space_group_name_H-M   'P 1 21 1'
#
loop_
_entity.id
_entity.type
_entity.pdbx_description
1 polymer Isopullulanase
2 branched alpha-D-glucopyranose-(1-6)-beta-D-glucopyranose
3 branched alpha-D-glucopyranose-(1-4)-alpha-D-glucopyranose
4 non-polymer 2-acetamido-2-deoxy-beta-D-glucopyranose
5 water water
#
_entity_poly.entity_id   1
_entity_poly.type   'polypeptide(L)'
_entity_poly.pdbx_seq_one_letter_code
;REFMAVTANNSQLLTWWHNTGEINTQTPVADGNVRQSGLYSVKVQTTPASSSLYYDSFVYLAIPGNGMSDQLQYTQGYNQ
TQAWTSFLYSHDATVKISRNGSSANSNVVIRPTSLNFPVRYDNQSVYITVPYSPTGYRFSVEFDDDLISLAPSGARQPEN
ALLIFASPFENSSTKPQPGSPNSIAPAPGRVLGLNTTSASTVVFNPGVYYFTGHDHMVLSSSVTWVYFAPGAYVKGAVEF
LSTASEVKASGHGVLSGEQYVWYADPDEGYQKASGANNNGLRMWRGTLGNSSQTFVLNGVTVSAPPFNSMDWSGNSLDLI
TCRVDDYKQVGAFYGQTDGLEMYPGTILQDVFYHTDDDGLKMYYSNVTARNIVMWKESVAPVVEFGWTPRNTENVLFDNV
DVIHQAYANAGNNPGIFGAVNNYLYAPDGLSSAHSTGNSNMTVRNITWSNFRAEGSSSALFRINPIQNLDNISIKNVSIE
SFEPLSINTTESWMPVWYDLNNGKQITVTDFSIEGFTVGNTTITASNAASVGRIDGVDPAYAGSVHYID
;
_entity_poly.pdbx_strand_id   A,B,C,D
#
# COMPACT_ATOMS: atom_id res chain seq x y z
N PHE A 3 -55.47 6.32 -30.45
CA PHE A 3 -54.03 6.67 -30.18
C PHE A 3 -53.26 5.52 -29.54
N MET A 4 -52.24 5.03 -30.24
CA MET A 4 -51.20 4.24 -29.61
C MET A 4 -49.83 4.80 -30.03
N ALA A 5 -48.93 4.90 -29.05
CA ALA A 5 -47.65 5.55 -29.25
C ALA A 5 -46.66 4.63 -29.97
N VAL A 6 -45.81 5.24 -30.80
CA VAL A 6 -44.71 4.52 -31.43
C VAL A 6 -43.43 5.13 -30.89
N THR A 7 -42.64 4.32 -30.21
CA THR A 7 -41.41 4.78 -29.58
C THR A 7 -40.20 4.21 -30.30
N ALA A 8 -39.11 4.98 -30.34
CA ALA A 8 -37.87 4.55 -30.97
C ALA A 8 -37.06 3.71 -29.99
N ASN A 9 -36.37 2.70 -30.52
CA ASN A 9 -35.36 1.96 -29.79
C ASN A 9 -34.36 1.39 -30.79
N ASN A 10 -33.49 2.26 -31.29
CA ASN A 10 -32.53 1.93 -32.31
C ASN A 10 -31.16 2.50 -31.94
N SER A 11 -30.17 2.33 -32.80
CA SER A 11 -28.81 2.74 -32.47
C SER A 11 -28.64 4.25 -32.49
N GLN A 12 -29.67 4.97 -32.93
CA GLN A 12 -29.59 6.42 -33.03
C GLN A 12 -30.46 7.17 -32.05
N LEU A 13 -31.55 6.54 -31.59
CA LEU A 13 -32.59 7.22 -30.82
C LEU A 13 -33.34 6.22 -29.96
N LEU A 14 -33.65 6.66 -28.74
CA LEU A 14 -34.50 5.89 -27.84
C LEU A 14 -35.45 6.85 -27.16
N THR A 15 -36.75 6.56 -27.28
CA THR A 15 -37.81 7.28 -26.61
C THR A 15 -38.69 6.26 -25.91
N TRP A 16 -39.56 6.73 -25.03
CA TRP A 16 -40.44 5.83 -24.29
C TRP A 16 -41.78 6.45 -23.93
N TRP A 17 -42.68 5.57 -23.50
CA TRP A 17 -44.02 5.94 -23.17
C TRP A 17 -44.38 5.26 -21.87
N HIS A 18 -45.52 5.64 -21.31
CA HIS A 18 -46.12 4.94 -20.21
C HIS A 18 -47.59 4.77 -20.54
N ASN A 19 -48.10 3.55 -20.42
CA ASN A 19 -49.50 3.28 -20.66
C ASN A 19 -50.41 3.67 -19.51
N THR A 20 -49.85 3.96 -18.33
CA THR A 20 -50.64 4.46 -17.20
C THR A 20 -50.44 5.97 -17.00
N GLY A 21 -50.19 6.66 -18.10
CA GLY A 21 -50.15 8.12 -18.11
C GLY A 21 -51.50 8.69 -17.72
N GLU A 22 -51.49 9.66 -16.80
CA GLU A 22 -52.70 10.27 -16.33
C GLU A 22 -52.61 11.77 -16.52
N ILE A 23 -53.53 12.35 -17.30
CA ILE A 23 -53.62 13.80 -17.42
C ILE A 23 -54.41 14.28 -16.21
N ASN A 24 -53.76 15.09 -15.38
CA ASN A 24 -54.32 15.50 -14.09
C ASN A 24 -53.52 16.69 -13.59
N THR A 25 -54.19 17.80 -13.30
CA THR A 25 -53.51 19.04 -12.89
C THR A 25 -53.93 19.54 -11.51
N GLN A 26 -54.52 18.70 -10.67
CA GLN A 26 -54.96 19.18 -9.36
C GLN A 26 -54.96 18.18 -8.21
N THR A 27 -55.02 16.89 -8.50
CA THR A 27 -54.99 15.90 -7.43
C THR A 27 -53.85 14.94 -7.65
N PRO A 28 -53.56 14.11 -6.63
CA PRO A 28 -52.53 13.11 -6.83
C PRO A 28 -52.97 12.14 -7.89
N VAL A 29 -52.03 11.66 -8.69
CA VAL A 29 -52.34 10.60 -9.65
C VAL A 29 -52.41 9.28 -8.88
N ALA A 30 -53.03 8.29 -9.49
CA ALA A 30 -53.11 6.96 -8.87
C ALA A 30 -51.70 6.40 -8.69
N ASP A 31 -51.55 5.49 -7.73
CA ASP A 31 -50.24 4.98 -7.34
C ASP A 31 -49.46 4.40 -8.53
N GLY A 32 -50.15 3.69 -9.42
CA GLY A 32 -49.52 3.07 -10.58
C GLY A 32 -49.48 3.97 -11.80
N ASN A 33 -50.03 5.17 -11.69
CA ASN A 33 -50.04 6.12 -12.80
C ASN A 33 -48.89 7.13 -12.78
N VAL A 34 -48.68 7.75 -13.94
CA VAL A 34 -47.65 8.75 -14.15
C VAL A 34 -48.31 10.01 -14.68
N ARG A 35 -48.11 11.13 -14.00
CA ARG A 35 -48.71 12.39 -14.42
C ARG A 35 -48.15 12.82 -15.75
N GLN A 36 -49.03 13.15 -16.68
CA GLN A 36 -48.65 13.43 -18.06
C GLN A 36 -49.14 14.80 -18.49
N SER A 37 -48.33 15.50 -19.27
CA SER A 37 -48.76 16.79 -19.80
C SER A 37 -49.96 16.61 -20.72
N GLY A 38 -50.98 17.42 -20.51
CA GLY A 38 -52.13 17.48 -21.42
C GLY A 38 -51.99 18.63 -22.40
N LEU A 39 -50.96 19.46 -22.21
CA LEU A 39 -50.70 20.59 -23.09
C LEU A 39 -49.69 20.28 -24.20
N TYR A 40 -48.60 19.63 -23.84
CA TYR A 40 -47.50 19.41 -24.78
C TYR A 40 -47.40 17.94 -25.21
N SER A 41 -47.21 17.77 -26.51
CA SER A 41 -46.94 16.50 -27.13
C SER A 41 -45.60 16.64 -27.85
N VAL A 42 -44.70 15.68 -27.65
CA VAL A 42 -43.37 15.77 -28.26
C VAL A 42 -43.06 14.48 -29.02
N LYS A 43 -42.50 14.64 -30.22
CA LYS A 43 -41.99 13.53 -31.02
C LYS A 43 -40.57 13.84 -31.44
N VAL A 44 -39.76 12.82 -31.68
CA VAL A 44 -38.37 12.99 -32.09
C VAL A 44 -38.05 12.17 -33.36
N GLN A 45 -37.25 12.77 -34.24
CA GLN A 45 -36.87 12.14 -35.50
C GLN A 45 -35.39 12.41 -35.82
N THR A 46 -34.62 11.34 -35.97
CA THR A 46 -33.21 11.47 -36.32
C THR A 46 -33.10 12.16 -37.69
N THR A 47 -32.13 13.05 -37.83
CA THR A 47 -31.88 13.71 -39.12
C THR A 47 -31.15 12.73 -40.04
N PRO A 48 -31.37 12.84 -41.37
CA PRO A 48 -32.24 13.80 -42.06
C PRO A 48 -33.73 13.45 -41.96
N ALA A 49 -34.58 14.37 -42.43
CA ALA A 49 -36.03 14.27 -42.24
C ALA A 49 -36.75 13.35 -43.25
N SER A 50 -36.45 12.05 -43.22
CA SER A 50 -37.08 11.09 -44.12
C SER A 50 -36.84 9.63 -43.71
N LEU A 53 -38.89 8.62 -39.42
CA LEU A 53 -40.13 8.54 -38.64
C LEU A 53 -40.06 9.44 -37.42
N TYR A 54 -41.21 9.98 -37.03
CA TYR A 54 -41.32 10.74 -35.80
C TYR A 54 -41.82 9.83 -34.69
N TYR A 55 -41.01 9.67 -33.64
CA TYR A 55 -41.33 8.77 -32.53
C TYR A 55 -41.78 9.53 -31.29
N ASP A 56 -42.84 9.03 -30.66
CA ASP A 56 -43.39 9.66 -29.47
C ASP A 56 -42.41 9.61 -28.29
N SER A 57 -42.36 10.71 -27.53
CA SER A 57 -41.56 10.82 -26.32
C SER A 57 -42.48 11.30 -25.21
N PHE A 58 -42.52 10.56 -24.10
CA PHE A 58 -43.43 10.89 -23.01
C PHE A 58 -43.11 12.26 -22.41
N VAL A 59 -44.16 13.05 -22.21
CA VAL A 59 -44.05 14.33 -21.54
C VAL A 59 -44.60 14.21 -20.13
N TYR A 60 -43.69 14.10 -19.16
CA TYR A 60 -44.02 14.10 -17.74
C TYR A 60 -44.50 15.49 -17.30
N LEU A 61 -45.22 15.55 -16.18
CA LEU A 61 -45.68 16.81 -15.61
C LEU A 61 -45.59 16.80 -14.10
N ALA A 62 -44.96 17.85 -13.56
CA ALA A 62 -44.93 18.09 -12.12
C ALA A 62 -45.74 19.34 -11.81
N ILE A 63 -46.45 19.32 -10.68
CA ILE A 63 -47.24 20.47 -10.28
C ILE A 63 -46.97 20.84 -8.83
N PRO A 64 -47.15 22.14 -8.49
CA PRO A 64 -46.95 22.59 -7.11
C PRO A 64 -47.86 21.84 -6.16
N GLY A 65 -47.29 21.31 -5.07
CA GLY A 65 -48.06 20.49 -4.13
C GLY A 65 -48.26 19.03 -4.52
N ASN A 66 -47.91 18.68 -5.78
CA ASN A 66 -48.07 17.31 -6.29
C ASN A 66 -49.52 16.80 -6.23
N GLY A 67 -50.47 17.72 -6.36
CA GLY A 67 -51.88 17.38 -6.22
C GLY A 67 -52.43 17.47 -4.81
N MET A 68 -51.56 17.68 -3.83
CA MET A 68 -51.98 17.83 -2.44
C MET A 68 -52.23 19.30 -2.17
N SER A 69 -53.47 19.74 -2.34
CA SER A 69 -53.76 21.17 -2.27
C SER A 69 -53.46 21.75 -0.87
N ASP A 70 -53.54 20.92 0.17
CA ASP A 70 -53.17 21.36 1.53
C ASP A 70 -51.65 21.60 1.74
N GLN A 71 -50.83 21.29 0.74
CA GLN A 71 -49.38 21.52 0.82
C GLN A 71 -48.95 22.76 0.04
N LEU A 72 -49.91 23.45 -0.58
CA LEU A 72 -49.59 24.61 -1.40
C LEU A 72 -49.06 25.77 -0.56
N GLN A 73 -49.50 25.85 0.69
CA GLN A 73 -48.93 26.79 1.66
C GLN A 73 -47.39 26.73 1.75
N TYR A 74 -46.81 25.57 1.41
CA TYR A 74 -45.36 25.39 1.51
C TYR A 74 -44.62 25.65 0.19
N THR A 75 -45.33 26.22 -0.78
CA THR A 75 -44.77 26.63 -2.06
C THR A 75 -44.77 28.14 -2.11
N GLN A 76 -44.35 28.72 -3.22
CA GLN A 76 -44.36 30.20 -3.38
C GLN A 76 -45.72 30.78 -3.76
N GLY A 77 -46.70 29.92 -4.04
CA GLY A 77 -48.07 30.33 -4.33
C GLY A 77 -48.29 30.72 -5.78
N TYR A 78 -47.36 30.37 -6.66
CA TYR A 78 -47.53 30.61 -8.09
C TYR A 78 -48.31 29.43 -8.71
N ASN A 79 -48.81 29.65 -9.92
CA ASN A 79 -49.58 28.62 -10.63
C ASN A 79 -48.78 27.97 -11.76
N GLN A 80 -47.46 28.15 -11.75
CA GLN A 80 -46.62 27.53 -12.75
C GLN A 80 -46.59 26.01 -12.58
N THR A 81 -46.56 25.31 -13.71
CA THR A 81 -46.32 23.87 -13.74
C THR A 81 -45.07 23.64 -14.56
N GLN A 82 -44.52 22.43 -14.48
CA GLN A 82 -43.29 22.09 -15.17
C GLN A 82 -43.36 20.73 -15.83
N ALA A 83 -43.43 20.75 -17.17
CA ALA A 83 -43.41 19.54 -18.00
C ALA A 83 -42.01 19.31 -18.55
N TRP A 84 -41.69 18.04 -18.79
CA TRP A 84 -40.38 17.71 -19.35
C TRP A 84 -40.41 16.37 -20.08
N THR A 85 -39.45 16.21 -20.99
CA THR A 85 -39.28 14.96 -21.69
C THR A 85 -37.79 14.63 -21.80
N SER A 86 -37.50 13.34 -21.81
CA SER A 86 -36.15 12.83 -21.97
C SER A 86 -36.12 11.80 -23.09
N PHE A 87 -35.02 11.80 -23.84
CA PHE A 87 -34.74 10.76 -24.83
C PHE A 87 -33.23 10.60 -24.94
N LEU A 88 -32.81 9.44 -25.42
CA LEU A 88 -31.38 9.18 -25.63
C LEU A 88 -31.12 9.28 -27.11
N TYR A 89 -29.94 9.75 -27.47
CA TYR A 89 -29.61 9.92 -28.87
C TYR A 89 -28.13 9.78 -29.10
N SER A 90 -27.76 9.50 -30.35
CA SER A 90 -26.35 9.44 -30.75
C SER A 90 -26.12 10.10 -32.11
N HIS A 91 -27.12 10.83 -32.59
CA HIS A 91 -27.09 11.53 -33.87
C HIS A 91 -27.99 12.76 -33.73
N ASP A 92 -27.72 13.78 -34.54
CA ASP A 92 -28.62 14.94 -34.60
C ASP A 92 -30.06 14.46 -34.69
N ALA A 93 -30.95 15.14 -34.00
CA ALA A 93 -32.36 14.81 -34.01
C ALA A 93 -33.17 16.07 -34.11
N THR A 94 -34.38 15.94 -34.63
CA THR A 94 -35.34 17.03 -34.65
C THR A 94 -36.42 16.74 -33.61
N VAL A 95 -36.64 17.71 -32.71
CA VAL A 95 -37.65 17.62 -31.68
C VAL A 95 -38.89 18.36 -32.18
N LYS A 96 -39.99 17.65 -32.27
CA LYS A 96 -41.24 18.22 -32.78
C LYS A 96 -42.24 18.39 -31.64
N ILE A 97 -42.60 19.64 -31.37
CA ILE A 97 -43.48 19.94 -30.24
C ILE A 97 -44.83 20.44 -30.75
N SER A 98 -45.90 19.88 -30.21
CA SER A 98 -47.25 20.27 -30.58
C SER A 98 -48.02 20.61 -29.33
N ARG A 99 -48.93 21.57 -29.44
CA ARG A 99 -49.75 21.98 -28.31
C ARG A 99 -51.21 21.63 -28.54
N ASN A 100 -51.84 21.18 -27.48
CA ASN A 100 -53.25 20.83 -27.52
C ASN A 100 -54.08 22.12 -27.41
N GLY A 101 -54.45 22.67 -28.56
CA GLY A 101 -55.20 23.93 -28.62
C GLY A 101 -55.49 24.37 -30.05
N SER A 106 -47.64 30.71 -32.08
CA SER A 106 -46.73 31.42 -31.18
C SER A 106 -45.28 30.90 -31.28
N ASN A 107 -44.35 31.85 -31.28
CA ASN A 107 -42.93 31.57 -31.40
C ASN A 107 -42.31 31.21 -30.04
N VAL A 108 -41.20 30.49 -30.05
CA VAL A 108 -40.57 30.05 -28.80
C VAL A 108 -39.20 30.67 -28.59
N VAL A 109 -38.82 30.79 -27.32
CA VAL A 109 -37.45 31.09 -26.95
C VAL A 109 -36.87 29.86 -26.25
N ILE A 110 -35.66 29.50 -26.66
CA ILE A 110 -34.91 28.42 -26.07
C ILE A 110 -33.93 28.98 -25.05
N ARG A 111 -33.99 28.47 -23.83
CA ARG A 111 -33.05 28.84 -22.78
C ARG A 111 -32.30 27.59 -22.32
N PRO A 112 -30.96 27.69 -22.17
CA PRO A 112 -30.09 28.85 -22.36
C PRO A 112 -30.13 29.41 -23.78
N THR A 113 -30.11 30.73 -23.90
CA THR A 113 -30.22 31.39 -25.22
C THR A 113 -28.94 31.26 -26.05
N SER A 114 -27.83 30.94 -25.41
CA SER A 114 -26.59 30.68 -26.11
C SER A 114 -26.66 29.45 -27.02
N LEU A 115 -27.64 28.58 -26.82
CA LEU A 115 -27.68 27.34 -27.60
C LEU A 115 -27.85 27.58 -29.11
N ASN A 116 -28.74 28.48 -29.49
CA ASN A 116 -28.93 28.83 -30.91
C ASN A 116 -29.27 27.65 -31.81
N PHE A 117 -30.09 26.73 -31.31
CA PHE A 117 -30.61 25.65 -32.13
C PHE A 117 -31.55 26.21 -33.19
N PRO A 118 -31.45 25.72 -34.44
CA PRO A 118 -32.40 26.19 -35.46
C PRO A 118 -33.83 25.81 -35.09
N VAL A 119 -34.76 26.73 -35.31
CA VAL A 119 -36.17 26.53 -34.98
C VAL A 119 -37.02 26.83 -36.21
N ARG A 120 -37.93 25.91 -36.53
CA ARG A 120 -38.81 26.08 -37.68
C ARG A 120 -40.24 25.83 -37.25
N TYR A 121 -41.18 26.25 -38.08
CA TYR A 121 -42.61 26.14 -37.77
C TYR A 121 -43.38 25.64 -38.99
N ASP A 122 -44.52 25.01 -38.73
CA ASP A 122 -45.53 24.77 -39.76
C ASP A 122 -46.89 25.12 -39.17
N ASN A 123 -47.98 24.76 -39.86
CA ASN A 123 -49.33 24.97 -39.33
C ASN A 123 -49.47 24.80 -37.81
N GLN A 124 -49.15 23.63 -37.29
CA GLN A 124 -49.48 23.28 -35.90
C GLN A 124 -48.31 22.88 -34.99
N SER A 125 -47.06 22.98 -35.47
CA SER A 125 -45.91 22.46 -34.71
C SER A 125 -44.64 23.30 -34.77
N VAL A 126 -43.81 23.13 -33.73
CA VAL A 126 -42.50 23.73 -33.64
C VAL A 126 -41.44 22.65 -33.75
N TYR A 127 -40.42 22.91 -34.56
CA TYR A 127 -39.35 21.95 -34.86
C TYR A 127 -38.01 22.52 -34.42
N ILE A 128 -37.34 21.81 -33.51
CA ILE A 128 -36.04 22.24 -33.01
C ILE A 128 -35.00 21.21 -33.36
N THR A 129 -33.98 21.65 -34.09
CA THR A 129 -32.91 20.77 -34.48
C THR A 129 -31.90 20.73 -33.35
N VAL A 130 -31.86 19.61 -32.64
CA VAL A 130 -30.93 19.41 -31.54
C VAL A 130 -29.73 18.65 -32.04
N PRO A 131 -28.57 19.33 -32.14
CA PRO A 131 -27.40 18.60 -32.59
C PRO A 131 -26.92 17.62 -31.55
N TYR A 132 -26.24 16.58 -31.97
CA TYR A 132 -25.73 15.59 -31.03
C TYR A 132 -24.52 16.15 -30.30
N SER A 133 -24.51 16.02 -28.98
CA SER A 133 -23.30 16.24 -28.22
C SER A 133 -23.11 15.08 -27.27
N PRO A 134 -21.85 14.67 -27.04
CA PRO A 134 -21.61 13.56 -26.13
C PRO A 134 -22.04 13.80 -24.68
N THR A 135 -22.21 15.06 -24.27
CA THR A 135 -22.73 15.36 -22.92
C THR A 135 -24.22 15.70 -22.91
N GLY A 136 -24.82 15.74 -24.10
CA GLY A 136 -26.23 16.05 -24.23
C GLY A 136 -26.57 17.51 -23.93
N TYR A 137 -27.87 17.80 -23.87
CA TYR A 137 -28.36 19.13 -23.56
C TYR A 137 -29.58 19.07 -22.64
N ARG A 138 -29.75 20.14 -21.88
CA ARG A 138 -30.87 20.34 -20.99
C ARG A 138 -31.36 21.76 -21.19
N PHE A 139 -32.59 21.92 -21.68
CA PHE A 139 -33.07 23.26 -22.02
C PHE A 139 -34.57 23.46 -21.91
N SER A 140 -34.96 24.72 -21.86
CA SER A 140 -36.36 25.11 -21.69
C SER A 140 -36.88 25.66 -23.00
N VAL A 141 -38.10 25.26 -23.37
CA VAL A 141 -38.78 25.75 -24.57
C VAL A 141 -39.93 26.62 -24.08
N GLU A 142 -39.87 27.91 -24.42
CA GLU A 142 -40.73 28.91 -23.79
C GLU A 142 -41.56 29.60 -24.86
N PHE A 143 -42.86 29.34 -24.84
CA PHE A 143 -43.79 29.90 -25.81
C PHE A 143 -44.15 31.31 -25.39
N ASP A 144 -44.03 32.23 -26.33
CA ASP A 144 -44.33 33.63 -26.09
C ASP A 144 -45.71 33.83 -25.47
N ASP A 145 -46.73 33.18 -26.02
CA ASP A 145 -48.11 33.37 -25.55
C ASP A 145 -48.46 32.60 -24.27
N ASP A 146 -47.49 31.88 -23.70
CA ASP A 146 -47.68 31.16 -22.45
C ASP A 146 -46.96 31.86 -21.27
N LEU A 147 -46.23 32.91 -21.58
CA LEU A 147 -45.53 33.69 -20.57
C LEU A 147 -46.52 34.47 -19.69
N ILE A 148 -46.24 34.45 -18.39
CA ILE A 148 -46.94 35.27 -17.40
C ILE A 148 -45.95 36.12 -16.59
N SER A 149 -46.49 37.08 -15.85
CA SER A 149 -45.71 37.92 -14.96
C SER A 149 -45.83 37.40 -13.54
N LEU A 150 -44.69 37.21 -12.89
CA LEU A 150 -44.67 36.73 -11.52
C LEU A 150 -44.44 37.89 -10.57
N ALA A 151 -45.45 38.20 -9.77
CA ALA A 151 -45.37 39.28 -8.78
C ALA A 151 -44.52 38.86 -7.57
N PRO A 152 -43.75 39.79 -6.98
CA PRO A 152 -43.61 41.23 -7.30
C PRO A 152 -42.48 41.59 -8.26
N SER A 153 -41.69 40.62 -8.70
CA SER A 153 -40.58 40.92 -9.61
C SER A 153 -41.03 41.35 -11.00
N GLY A 154 -42.16 40.80 -11.46
CA GLY A 154 -42.58 41.00 -12.86
C GLY A 154 -41.79 40.12 -13.82
N ALA A 155 -41.09 39.13 -13.30
CA ALA A 155 -40.34 38.20 -14.14
C ALA A 155 -41.27 37.54 -15.14
N ARG A 156 -40.91 37.56 -16.42
CA ARG A 156 -41.69 36.90 -17.48
C ARG A 156 -41.25 35.45 -17.67
N GLN A 157 -42.15 34.51 -17.41
CA GLN A 157 -41.82 33.08 -17.44
C GLN A 157 -43.01 32.28 -17.95
N PRO A 158 -42.73 31.09 -18.55
CA PRO A 158 -43.80 30.15 -18.85
C PRO A 158 -44.71 29.90 -17.66
N GLU A 159 -46.01 29.98 -17.86
CA GLU A 159 -46.94 29.44 -16.90
C GLU A 159 -46.83 27.91 -16.92
N ASN A 160 -46.56 27.34 -18.09
CA ASN A 160 -46.46 25.89 -18.28
C ASN A 160 -45.14 25.57 -18.95
N ALA A 161 -44.11 25.29 -18.15
CA ALA A 161 -42.78 25.04 -18.68
C ALA A 161 -42.69 23.70 -19.38
N LEU A 162 -41.85 23.64 -20.42
CA LEU A 162 -41.49 22.42 -21.13
C LEU A 162 -39.97 22.31 -21.17
N LEU A 163 -39.43 21.28 -20.54
CA LEU A 163 -37.98 21.07 -20.49
C LEU A 163 -37.61 19.89 -21.36
N ILE A 164 -36.51 20.03 -22.11
CA ILE A 164 -36.08 18.98 -23.02
C ILE A 164 -34.72 18.48 -22.57
N PHE A 165 -34.67 17.20 -22.17
CA PHE A 165 -33.42 16.56 -21.76
C PHE A 165 -32.93 15.54 -22.79
N ALA A 166 -32.07 16.00 -23.70
CA ALA A 166 -31.44 15.13 -24.69
C ALA A 166 -30.13 14.57 -24.15
N SER A 167 -30.05 13.25 -23.98
CA SER A 167 -28.89 12.63 -23.33
C SER A 167 -28.21 11.60 -24.22
N PRO A 168 -26.91 11.36 -24.01
CA PRO A 168 -26.25 10.33 -24.81
C PRO A 168 -26.67 8.95 -24.32
N PHE A 169 -26.39 7.93 -25.13
CA PHE A 169 -26.69 6.54 -24.78
C PHE A 169 -25.97 6.15 -23.52
N GLU A 170 -26.45 5.10 -22.88
CA GLU A 170 -25.89 4.60 -21.65
C GLU A 170 -24.84 3.53 -21.95
N ASN A 171 -23.65 3.68 -21.37
CA ASN A 171 -22.58 2.68 -21.53
C ASN A 171 -22.55 1.71 -20.34
N SER A 172 -21.63 0.76 -20.36
CA SER A 172 -21.60 -0.30 -19.35
C SER A 172 -21.32 0.21 -17.92
N SER A 173 -20.82 1.42 -17.77
CA SER A 173 -20.60 2.01 -16.46
C SER A 173 -21.87 2.66 -15.87
N THR A 174 -22.84 3.03 -16.71
CA THR A 174 -24.12 3.57 -16.21
C THR A 174 -25.36 2.70 -16.46
N LYS A 175 -25.21 1.64 -17.27
CA LYS A 175 -26.27 0.63 -17.44
C LYS A 175 -25.74 -0.79 -17.17
N PRO A 176 -26.32 -1.53 -16.22
CA PRO A 176 -25.84 -2.91 -16.05
C PRO A 176 -26.01 -3.68 -17.34
N GLN A 177 -24.94 -4.31 -17.79
CA GLN A 177 -25.00 -5.11 -19.01
C GLN A 177 -26.01 -6.23 -18.81
N PRO A 178 -26.70 -6.65 -19.87
CA PRO A 178 -27.59 -7.80 -19.73
C PRO A 178 -26.80 -9.03 -19.30
N GLY A 179 -27.36 -9.78 -18.36
CA GLY A 179 -26.69 -10.93 -17.77
C GLY A 179 -25.83 -10.56 -16.57
N SER A 180 -26.06 -9.37 -16.02
CA SER A 180 -25.27 -8.84 -14.89
C SER A 180 -25.47 -9.72 -13.66
N PRO A 181 -24.42 -9.87 -12.82
CA PRO A 181 -24.52 -10.71 -11.62
C PRO A 181 -25.34 -10.11 -10.48
N ASN A 182 -25.77 -10.97 -9.56
CA ASN A 182 -26.38 -10.58 -8.30
C ASN A 182 -27.28 -9.34 -8.38
N SER A 183 -28.16 -9.35 -9.38
CA SER A 183 -29.07 -8.24 -9.64
C SER A 183 -30.49 -8.64 -9.33
N ILE A 184 -31.23 -7.69 -8.75
CA ILE A 184 -32.65 -7.84 -8.53
C ILE A 184 -33.42 -6.80 -9.33
N ALA A 185 -34.49 -7.25 -9.97
CA ALA A 185 -35.34 -6.41 -10.79
C ALA A 185 -36.77 -6.48 -10.27
N PRO A 186 -37.16 -5.54 -9.38
CA PRO A 186 -38.53 -5.57 -8.86
C PRO A 186 -39.58 -5.42 -9.98
N ALA A 187 -40.74 -6.01 -9.77
CA ALA A 187 -41.87 -5.87 -10.69
C ALA A 187 -42.54 -4.52 -10.45
N PRO A 188 -43.31 -4.02 -11.44
CA PRO A 188 -44.04 -2.77 -11.23
C PRO A 188 -44.95 -2.82 -10.01
N GLY A 189 -45.18 -1.66 -9.39
CA GLY A 189 -46.07 -1.55 -8.23
C GLY A 189 -45.31 -1.25 -6.95
N ARG A 190 -45.87 -1.66 -5.83
CA ARG A 190 -45.24 -1.47 -4.53
C ARG A 190 -43.90 -2.25 -4.49
N VAL A 191 -42.79 -1.57 -4.21
CA VAL A 191 -41.50 -2.25 -4.12
C VAL A 191 -41.19 -2.63 -2.67
N LEU A 192 -40.87 -3.90 -2.43
CA LEU A 192 -40.59 -4.38 -1.07
C LEU A 192 -39.31 -5.24 -1.00
N GLY A 193 -38.65 -5.23 0.15
CA GLY A 193 -37.51 -6.10 0.42
C GLY A 193 -36.13 -5.60 0.01
N LEU A 194 -36.06 -4.43 -0.61
CA LEU A 194 -34.75 -3.92 -1.01
C LEU A 194 -33.85 -3.55 0.19
N ASN A 195 -34.43 -3.29 1.35
CA ASN A 195 -33.62 -2.99 2.55
C ASN A 195 -32.95 -4.22 3.17
N THR A 196 -33.40 -5.42 2.80
CA THR A 196 -32.83 -6.66 3.35
C THR A 196 -32.34 -7.60 2.26
N THR A 197 -32.34 -7.16 1.00
CA THR A 197 -31.85 -7.99 -0.11
C THR A 197 -30.32 -8.22 -0.03
N SER A 198 -29.86 -9.31 -0.63
CA SER A 198 -28.43 -9.60 -0.73
C SER A 198 -27.91 -9.26 -2.13
N ALA A 199 -28.77 -8.73 -2.99
CA ALA A 199 -28.34 -8.23 -4.29
C ALA A 199 -27.34 -7.09 -4.10
N SER A 200 -26.49 -6.90 -5.09
CA SER A 200 -25.59 -5.76 -5.07
C SER A 200 -26.07 -4.69 -6.05
N THR A 201 -26.91 -5.09 -7.01
CA THR A 201 -27.43 -4.20 -8.03
C THR A 201 -28.95 -4.31 -8.14
N VAL A 202 -29.62 -3.17 -8.10
CA VAL A 202 -31.07 -3.09 -8.26
C VAL A 202 -31.40 -2.46 -9.60
N VAL A 203 -32.24 -3.14 -10.40
CA VAL A 203 -32.55 -2.72 -11.75
C VAL A 203 -34.03 -2.41 -11.86
N PHE A 204 -34.34 -1.17 -12.25
CA PHE A 204 -35.71 -0.75 -12.50
C PHE A 204 -35.92 -0.67 -14.01
N ASN A 205 -36.54 -1.70 -14.58
CA ASN A 205 -36.83 -1.73 -16.02
C ASN A 205 -38.06 -0.87 -16.29
N PRO A 206 -38.34 -0.56 -17.56
CA PRO A 206 -39.47 0.32 -17.85
C PRO A 206 -40.78 -0.08 -17.17
N GLY A 207 -41.50 0.89 -16.62
CA GLY A 207 -42.66 0.62 -15.77
C GLY A 207 -42.75 1.62 -14.63
N VAL A 208 -43.73 1.42 -13.76
CA VAL A 208 -44.04 2.36 -12.69
C VAL A 208 -43.87 1.65 -11.36
N TYR A 209 -43.15 2.27 -10.44
CA TYR A 209 -42.90 1.68 -9.12
C TYR A 209 -43.19 2.74 -8.07
N TYR A 210 -43.62 2.32 -6.89
CA TYR A 210 -43.85 3.27 -5.82
C TYR A 210 -43.56 2.69 -4.45
N PHE A 211 -43.21 3.58 -3.53
CA PHE A 211 -42.93 3.20 -2.15
C PHE A 211 -44.01 3.73 -1.20
N THR A 212 -45.00 4.45 -1.73
CA THR A 212 -45.96 5.21 -0.91
C THR A 212 -45.29 6.36 -0.19
N GLY A 213 -46.12 7.20 0.42
CA GLY A 213 -45.66 8.30 1.25
C GLY A 213 -45.18 7.90 2.63
N HIS A 214 -45.25 6.61 2.98
CA HIS A 214 -44.85 6.14 4.33
C HIS A 214 -43.78 5.06 4.29
N ASP A 215 -42.90 5.14 3.29
CA ASP A 215 -41.77 4.25 3.16
C ASP A 215 -40.83 4.89 2.14
N HIS A 216 -39.59 4.41 2.07
CA HIS A 216 -38.67 4.82 0.99
C HIS A 216 -37.68 3.73 0.64
N MET A 217 -36.90 3.96 -0.41
CA MET A 217 -36.00 2.95 -0.91
C MET A 217 -34.73 2.91 -0.07
N VAL A 218 -34.87 2.32 1.12
CA VAL A 218 -33.73 2.02 1.96
C VAL A 218 -33.10 0.81 1.29
N LEU A 219 -31.87 0.97 0.80
CA LEU A 219 -31.16 -0.10 0.10
C LEU A 219 -30.21 -0.82 1.05
N SER A 220 -30.27 -2.15 1.08
CA SER A 220 -29.43 -2.94 1.98
C SER A 220 -27.94 -2.67 1.78
N SER A 221 -27.15 -3.01 2.78
CA SER A 221 -25.71 -2.72 2.77
C SER A 221 -24.93 -3.41 1.65
N SER A 222 -25.53 -4.38 0.97
CA SER A 222 -24.89 -5.03 -0.15
C SER A 222 -25.19 -4.29 -1.47
N VAL A 223 -26.20 -3.43 -1.49
CA VAL A 223 -26.53 -2.70 -2.72
C VAL A 223 -25.54 -1.56 -2.96
N THR A 224 -24.82 -1.64 -4.07
CA THR A 224 -23.84 -0.64 -4.44
C THR A 224 -24.25 0.07 -5.74
N TRP A 225 -25.36 -0.34 -6.34
CA TRP A 225 -25.81 0.23 -7.61
C TRP A 225 -27.32 0.11 -7.72
N VAL A 226 -27.98 1.26 -7.93
CA VAL A 226 -29.39 1.31 -8.31
C VAL A 226 -29.50 1.94 -9.70
N TYR A 227 -30.23 1.28 -10.61
CA TYR A 227 -30.33 1.73 -11.99
C TYR A 227 -31.78 2.02 -12.36
N PHE A 228 -32.00 3.20 -12.93
CA PHE A 228 -33.32 3.65 -13.31
C PHE A 228 -33.36 3.68 -14.83
N ALA A 229 -33.92 2.64 -15.44
CA ALA A 229 -33.95 2.56 -16.88
C ALA A 229 -34.68 3.76 -17.45
N PRO A 230 -34.30 4.19 -18.65
CA PRO A 230 -35.21 5.07 -19.38
C PRO A 230 -36.56 4.38 -19.53
N GLY A 231 -37.64 5.10 -19.22
CA GLY A 231 -38.98 4.52 -19.19
C GLY A 231 -39.37 3.97 -17.84
N ALA A 232 -38.44 3.94 -16.89
CA ALA A 232 -38.77 3.60 -15.52
C ALA A 232 -39.16 4.88 -14.79
N TYR A 233 -40.24 4.81 -14.01
CA TYR A 233 -40.69 5.91 -13.19
C TYR A 233 -40.88 5.39 -11.78
N VAL A 234 -40.05 5.84 -10.85
CA VAL A 234 -40.07 5.33 -9.49
C VAL A 234 -40.50 6.43 -8.52
N LYS A 235 -41.57 6.17 -7.77
CA LYS A 235 -41.99 7.09 -6.73
C LYS A 235 -41.36 6.67 -5.43
N GLY A 236 -40.45 7.49 -4.93
CA GLY A 236 -39.68 7.18 -3.73
C GLY A 236 -38.47 8.08 -3.55
N ALA A 237 -37.55 7.62 -2.68
CA ALA A 237 -36.36 8.36 -2.28
C ALA A 237 -35.29 7.33 -1.91
N VAL A 238 -34.03 7.66 -2.17
CA VAL A 238 -32.97 6.68 -2.07
C VAL A 238 -32.12 6.91 -0.82
N GLU A 239 -31.88 5.83 -0.07
CA GLU A 239 -30.94 5.82 1.04
C GLU A 239 -30.08 4.55 0.94
N PHE A 240 -28.81 4.73 0.63
CA PHE A 240 -27.84 3.63 0.61
C PHE A 240 -27.39 3.31 2.04
N LEU A 241 -27.50 2.06 2.46
CA LEU A 241 -26.84 1.60 3.71
C LEU A 241 -25.40 1.11 3.48
N SER A 242 -25.02 0.85 2.23
CA SER A 242 -23.65 0.38 1.94
C SER A 242 -22.60 1.42 2.29
N THR A 243 -21.58 1.00 3.04
CA THR A 243 -20.40 1.81 3.32
C THR A 243 -19.26 1.46 2.36
N ALA A 244 -19.56 0.83 1.22
CA ALA A 244 -18.52 0.41 0.27
C ALA A 244 -17.83 1.60 -0.39
N SER A 245 -16.76 1.31 -1.11
CA SER A 245 -15.96 2.34 -1.76
C SER A 245 -16.69 3.08 -2.89
N GLU A 246 -17.72 2.47 -3.47
CA GLU A 246 -18.59 3.17 -4.42
C GLU A 246 -20.05 2.81 -4.21
N VAL A 247 -20.92 3.83 -4.24
CA VAL A 247 -22.35 3.64 -4.38
C VAL A 247 -22.80 4.43 -5.62
N LYS A 248 -23.67 3.83 -6.42
CA LYS A 248 -24.02 4.42 -7.69
C LYS A 248 -25.52 4.45 -7.95
N ALA A 249 -26.00 5.59 -8.43
CA ALA A 249 -27.36 5.73 -8.93
C ALA A 249 -27.24 6.24 -10.36
N SER A 250 -27.80 5.51 -11.32
CA SER A 250 -27.62 5.85 -12.73
C SER A 250 -28.79 5.40 -13.58
N GLY A 251 -28.73 5.71 -14.87
CA GLY A 251 -29.84 5.50 -15.78
C GLY A 251 -30.69 6.75 -15.89
N HIS A 252 -31.53 6.80 -16.92
CA HIS A 252 -32.26 8.01 -17.32
C HIS A 252 -33.74 7.99 -16.97
N GLY A 253 -34.12 7.12 -16.03
CA GLY A 253 -35.47 7.12 -15.50
C GLY A 253 -35.66 8.26 -14.51
N VAL A 254 -36.84 8.27 -13.90
CA VAL A 254 -37.24 9.27 -12.93
C VAL A 254 -37.36 8.67 -11.52
N LEU A 255 -36.83 9.41 -10.55
CA LEU A 255 -37.07 9.18 -9.13
C LEU A 255 -37.90 10.35 -8.63
N SER A 256 -39.17 10.12 -8.31
CA SER A 256 -40.12 11.18 -7.96
C SER A 256 -40.52 11.15 -6.50
N GLY A 257 -40.37 12.28 -5.80
CA GLY A 257 -40.77 12.38 -4.39
C GLY A 257 -42.21 12.86 -4.18
N GLU A 258 -43.06 12.70 -5.19
CA GLU A 258 -44.41 13.29 -5.20
C GLU A 258 -45.40 12.74 -4.17
N GLN A 259 -45.13 11.55 -3.65
CA GLN A 259 -46.02 10.94 -2.64
C GLN A 259 -45.75 11.43 -1.23
N TYR A 260 -44.60 12.09 -1.02
CA TYR A 260 -44.21 12.58 0.30
C TYR A 260 -44.79 13.96 0.55
N VAL A 261 -45.27 14.19 1.77
CA VAL A 261 -45.64 15.55 2.18
C VAL A 261 -44.35 16.38 2.34
N TRP A 262 -44.48 17.70 2.28
CA TRP A 262 -43.34 18.58 2.45
C TRP A 262 -42.71 18.35 3.80
N TYR A 263 -41.37 18.30 3.82
CA TYR A 263 -40.64 18.13 5.07
C TYR A 263 -40.97 16.80 5.77
N ALA A 264 -41.37 15.79 5.00
CA ALA A 264 -41.67 14.47 5.56
C ALA A 264 -40.48 13.92 6.34
N ASP A 265 -40.73 13.46 7.56
CA ASP A 265 -39.68 12.98 8.45
C ASP A 265 -39.75 11.46 8.58
N PRO A 266 -38.81 10.74 7.98
CA PRO A 266 -38.89 9.29 7.98
C PRO A 266 -38.74 8.64 9.38
N ASP A 267 -38.24 9.42 10.34
CA ASP A 267 -38.15 8.98 11.72
C ASP A 267 -39.39 9.35 12.56
N GLU A 268 -40.37 10.02 11.95
CA GLU A 268 -41.65 10.34 12.62
C GLU A 268 -42.86 9.91 11.77
N GLY A 269 -42.77 8.70 11.19
CA GLY A 269 -43.87 8.14 10.40
C GLY A 269 -44.10 8.83 9.06
N TYR A 270 -43.08 9.54 8.58
CA TYR A 270 -43.14 10.31 7.32
C TYR A 270 -44.17 11.43 7.39
N GLN A 271 -44.46 11.87 8.60
CA GLN A 271 -45.30 13.04 8.80
C GLN A 271 -44.40 14.26 8.70
N LYS A 272 -45.01 15.42 8.45
CA LYS A 272 -44.26 16.65 8.43
C LYS A 272 -43.46 16.81 9.73
N ALA A 273 -42.18 17.14 9.62
CA ALA A 273 -41.32 17.26 10.80
C ALA A 273 -41.88 18.22 11.85
N SER A 274 -41.69 17.87 13.12
CA SER A 274 -42.05 18.73 14.26
C SER A 274 -41.00 19.82 14.49
N GLY A 275 -41.27 21.02 13.98
CA GLY A 275 -40.52 22.22 14.36
C GLY A 275 -39.14 22.38 13.74
N ALA A 276 -39.04 22.13 12.44
CA ALA A 276 -37.84 22.49 11.65
C ALA A 276 -36.54 21.76 12.06
N ASN A 277 -36.65 20.46 12.35
CA ASN A 277 -35.51 19.66 12.84
C ASN A 277 -34.42 19.30 11.79
N ASN A 278 -34.61 19.74 10.54
CA ASN A 278 -33.76 19.38 9.40
C ASN A 278 -33.68 17.87 9.07
N ASN A 279 -34.64 17.09 9.57
CA ASN A 279 -34.66 15.65 9.31
C ASN A 279 -35.66 15.28 8.22
N GLY A 280 -35.96 16.24 7.35
CA GLY A 280 -36.79 15.96 6.18
C GLY A 280 -36.12 14.95 5.27
N LEU A 281 -36.96 14.11 4.64
CA LEU A 281 -36.52 13.08 3.73
C LEU A 281 -35.74 13.63 2.53
N ARG A 282 -34.51 13.13 2.38
CA ARG A 282 -33.65 13.43 1.23
C ARG A 282 -33.97 12.50 0.07
N MET A 283 -33.81 12.99 -1.15
CA MET A 283 -33.92 12.13 -2.33
C MET A 283 -32.71 11.23 -2.48
N TRP A 284 -31.53 11.70 -2.08
CA TRP A 284 -30.32 10.90 -2.07
C TRP A 284 -29.67 10.95 -0.69
N ARG A 285 -29.47 9.79 -0.09
CA ARG A 285 -28.77 9.69 1.18
C ARG A 285 -27.90 8.45 1.14
N GLY A 286 -26.73 8.53 1.77
CA GLY A 286 -25.81 7.40 1.88
C GLY A 286 -25.22 7.31 3.27
N THR A 287 -24.40 6.29 3.47
CA THR A 287 -23.91 5.94 4.80
C THR A 287 -22.41 5.65 4.72
N LEU A 288 -21.67 6.19 5.68
CA LEU A 288 -20.21 6.06 5.70
C LEU A 288 -19.78 5.25 6.90
N GLY A 289 -18.77 4.39 6.69
CA GLY A 289 -18.05 3.76 7.80
C GLY A 289 -16.85 4.65 8.14
N ASN A 290 -15.67 4.07 8.18
CA ASN A 290 -14.45 4.86 8.43
C ASN A 290 -13.48 4.82 7.24
N SER A 291 -13.98 4.49 6.06
CA SER A 291 -13.18 4.50 4.84
C SER A 291 -13.85 5.29 3.71
N SER A 292 -13.13 5.47 2.61
CA SER A 292 -13.54 6.38 1.54
C SER A 292 -14.68 5.84 0.70
N GLN A 293 -15.55 6.76 0.25
CA GLN A 293 -16.66 6.40 -0.62
C GLN A 293 -16.87 7.46 -1.71
N THR A 294 -17.15 6.98 -2.91
CA THR A 294 -17.52 7.83 -4.03
C THR A 294 -18.99 7.56 -4.38
N PHE A 295 -19.79 8.63 -4.43
CA PHE A 295 -21.16 8.56 -4.92
C PHE A 295 -21.13 8.93 -6.39
N VAL A 296 -21.49 7.98 -7.25
CA VAL A 296 -21.62 8.25 -8.67
C VAL A 296 -23.10 8.44 -8.98
N LEU A 297 -23.44 9.58 -9.57
CA LEU A 297 -24.81 9.92 -9.90
C LEU A 297 -24.85 10.37 -11.34
N ASN A 298 -25.61 9.68 -12.18
CA ASN A 298 -25.49 9.86 -13.62
C ASN A 298 -26.82 9.60 -14.31
N GLY A 299 -27.29 10.58 -15.09
CA GLY A 299 -28.44 10.35 -15.96
C GLY A 299 -29.80 10.60 -15.35
N VAL A 300 -29.94 10.28 -14.08
CA VAL A 300 -31.23 10.33 -13.39
C VAL A 300 -31.91 11.71 -13.40
N THR A 301 -33.23 11.70 -13.56
CA THR A 301 -34.07 12.86 -13.28
C THR A 301 -34.72 12.66 -11.90
N VAL A 302 -34.55 13.63 -11.02
CA VAL A 302 -35.29 13.68 -9.77
C VAL A 302 -36.42 14.67 -9.92
N SER A 303 -37.63 14.28 -9.51
CA SER A 303 -38.75 15.22 -9.51
C SER A 303 -39.36 15.34 -8.13
N ALA A 304 -39.86 16.53 -7.84
CA ALA A 304 -40.65 16.80 -6.64
C ALA A 304 -40.01 16.34 -5.34
N PRO A 305 -38.80 16.83 -5.04
CA PRO A 305 -38.24 16.56 -3.71
C PRO A 305 -39.12 17.17 -2.62
N PRO A 306 -39.35 16.43 -1.52
CA PRO A 306 -40.07 17.01 -0.39
C PRO A 306 -39.22 17.91 0.51
N PHE A 307 -37.91 17.94 0.32
CA PHE A 307 -37.01 18.68 1.19
C PHE A 307 -35.66 18.85 0.49
N ASN A 308 -34.58 19.03 1.24
CA ASN A 308 -33.23 19.11 0.66
C ASN A 308 -33.01 17.87 -0.18
N SER A 309 -32.39 18.00 -1.34
CA SER A 309 -32.27 16.87 -2.26
C SER A 309 -31.33 15.78 -1.76
N MET A 310 -30.31 16.14 -1.00
CA MET A 310 -29.28 15.16 -0.61
C MET A 310 -28.44 15.53 0.59
N ASP A 311 -28.16 14.53 1.42
CA ASP A 311 -27.14 14.61 2.46
C ASP A 311 -26.70 13.20 2.87
N TRP A 312 -25.39 13.03 3.10
CA TRP A 312 -24.82 11.79 3.61
C TRP A 312 -24.82 11.79 5.14
N SER A 313 -24.99 10.62 5.74
CA SER A 313 -25.09 10.48 7.20
C SER A 313 -23.70 10.28 7.76
N GLY A 314 -23.55 10.62 9.03
CA GLY A 314 -22.28 10.49 9.74
C GLY A 314 -21.68 11.85 9.97
N ASN A 315 -20.59 11.89 10.73
CA ASN A 315 -19.91 13.14 11.02
C ASN A 315 -18.45 13.02 10.58
N SER A 316 -18.27 12.61 9.33
CA SER A 316 -16.95 12.34 8.77
C SER A 316 -17.03 12.52 7.26
N LEU A 317 -17.51 13.68 6.84
CA LEU A 317 -17.88 13.92 5.44
C LEU A 317 -16.69 14.15 4.49
N ASP A 318 -15.47 14.18 5.03
CA ASP A 318 -14.27 14.16 4.19
C ASP A 318 -14.11 12.85 3.44
N LEU A 319 -14.71 11.78 3.96
CA LEU A 319 -14.59 10.44 3.36
C LEU A 319 -15.48 10.24 2.13
N ILE A 320 -16.32 11.22 1.82
CA ILE A 320 -17.24 11.12 0.66
C ILE A 320 -16.83 12.09 -0.44
N THR A 321 -16.92 11.64 -1.68
CA THR A 321 -16.76 12.49 -2.85
C THR A 321 -17.82 12.09 -3.87
N CYS A 322 -18.25 13.04 -4.69
CA CYS A 322 -19.31 12.83 -5.68
C CYS A 322 -18.81 12.95 -7.10
N ARG A 323 -19.39 12.17 -8.00
CA ARG A 323 -19.14 12.29 -9.43
C ARG A 323 -20.50 12.35 -10.10
N VAL A 324 -20.91 13.55 -10.50
CA VAL A 324 -22.26 13.80 -10.96
C VAL A 324 -22.22 14.30 -12.40
N ASP A 325 -23.05 13.69 -13.25
CA ASP A 325 -23.10 13.98 -14.68
C ASP A 325 -24.51 13.77 -15.22
N ASP A 326 -24.97 14.64 -16.11
CA ASP A 326 -26.19 14.36 -16.87
C ASP A 326 -27.36 14.13 -15.92
N TYR A 327 -27.47 14.99 -14.89
CA TYR A 327 -28.46 14.84 -13.82
C TYR A 327 -29.40 16.02 -13.80
N LYS A 328 -30.68 15.77 -13.49
CA LYS A 328 -31.71 16.81 -13.47
C LYS A 328 -32.53 16.78 -12.19
N GLN A 329 -32.89 17.97 -11.70
CA GLN A 329 -33.90 18.14 -10.66
C GLN A 329 -34.98 19.04 -11.22
N VAL A 330 -36.21 18.52 -11.22
CA VAL A 330 -37.37 19.23 -11.77
C VAL A 330 -38.52 19.25 -10.76
N GLY A 331 -39.46 20.14 -10.99
CA GLY A 331 -40.71 20.17 -10.21
C GLY A 331 -40.50 20.34 -8.72
N ALA A 332 -39.46 21.10 -8.37
CA ALA A 332 -39.14 21.38 -6.99
C ALA A 332 -39.80 22.68 -6.52
N PHE A 333 -41.14 22.67 -6.48
CA PHE A 333 -41.91 23.86 -6.13
C PHE A 333 -41.92 24.15 -4.63
N TYR A 334 -41.54 23.16 -3.82
CA TYR A 334 -41.49 23.34 -2.37
C TYR A 334 -40.31 24.18 -1.95
N GLY A 335 -40.44 24.79 -0.77
CA GLY A 335 -39.34 25.47 -0.14
C GLY A 335 -38.30 24.45 0.31
N GLN A 336 -37.07 24.94 0.49
CA GLN A 336 -35.96 24.14 1.04
C GLN A 336 -35.56 22.96 0.17
N THR A 337 -35.77 23.10 -1.14
CA THR A 337 -35.46 22.07 -2.11
C THR A 337 -34.06 22.28 -2.70
N ASP A 338 -33.06 22.24 -1.83
CA ASP A 338 -31.66 22.54 -2.16
C ASP A 338 -31.13 21.67 -3.28
N GLY A 339 -30.04 22.10 -3.90
CA GLY A 339 -29.30 21.25 -4.82
C GLY A 339 -28.47 20.24 -4.03
N LEU A 340 -27.70 19.43 -4.76
CA LEU A 340 -26.88 18.37 -4.16
C LEU A 340 -25.81 18.92 -3.22
N GLU A 341 -25.32 18.10 -2.30
CA GLU A 341 -24.08 18.47 -1.61
C GLU A 341 -22.96 18.08 -2.56
N MET A 342 -21.90 18.89 -2.61
CA MET A 342 -20.71 18.59 -3.39
C MET A 342 -19.56 18.41 -2.42
N TYR A 343 -19.36 17.16 -2.03
CA TYR A 343 -18.39 16.85 -0.98
C TYR A 343 -16.98 16.97 -1.55
N PRO A 344 -15.96 16.95 -0.66
CA PRO A 344 -14.59 17.20 -1.13
C PRO A 344 -14.16 16.36 -2.33
N GLY A 345 -13.58 17.01 -3.33
CA GLY A 345 -13.07 16.31 -4.51
C GLY A 345 -14.10 16.15 -5.61
N THR A 346 -15.34 16.57 -5.34
CA THR A 346 -16.46 16.36 -6.27
C THR A 346 -16.19 16.98 -7.63
N ILE A 347 -16.59 16.24 -8.65
CA ILE A 347 -16.68 16.75 -10.01
C ILE A 347 -18.13 16.58 -10.43
N LEU A 348 -18.75 17.69 -10.80
CA LEU A 348 -20.17 17.73 -11.14
C LEU A 348 -20.29 18.51 -12.42
N GLN A 349 -20.95 17.92 -13.41
CA GLN A 349 -21.11 18.58 -14.69
C GLN A 349 -22.37 18.17 -15.43
N ASP A 350 -22.86 19.09 -16.26
CA ASP A 350 -23.98 18.81 -17.16
C ASP A 350 -25.23 18.48 -16.36
N VAL A 351 -25.63 19.44 -15.54
CA VAL A 351 -26.74 19.30 -14.60
C VAL A 351 -27.83 20.34 -14.88
N PHE A 352 -29.09 19.99 -14.60
CA PHE A 352 -30.20 20.94 -14.62
C PHE A 352 -30.75 21.01 -13.21
N TYR A 353 -30.89 22.22 -12.67
CA TYR A 353 -31.48 22.41 -11.34
C TYR A 353 -32.71 23.32 -11.39
N HIS A 354 -33.87 22.80 -11.01
CA HIS A 354 -34.98 23.64 -10.60
C HIS A 354 -34.91 23.61 -9.07
N THR A 355 -34.77 24.77 -8.45
CA THR A 355 -34.63 24.81 -7.01
C THR A 355 -35.25 26.08 -6.42
N ASP A 356 -35.92 25.90 -5.28
CA ASP A 356 -36.43 27.01 -4.49
C ASP A 356 -35.61 27.18 -3.22
N ASP A 357 -34.33 26.80 -3.22
CA ASP A 357 -33.44 27.11 -2.10
C ASP A 357 -31.99 27.07 -2.58
N ASP A 358 -31.02 26.94 -1.68
CA ASP A 358 -29.59 27.04 -2.04
C ASP A 358 -29.29 26.16 -3.22
N GLY A 359 -28.76 26.73 -4.29
CA GLY A 359 -28.51 25.95 -5.51
C GLY A 359 -27.19 25.19 -5.50
N LEU A 360 -26.11 25.93 -5.69
CA LEU A 360 -24.74 25.41 -5.64
C LEU A 360 -24.14 25.68 -4.26
N LYS A 361 -24.05 24.63 -3.46
CA LYS A 361 -23.65 24.75 -2.08
C LYS A 361 -22.13 24.59 -1.98
N MET A 362 -21.43 25.72 -1.99
CA MET A 362 -19.97 25.72 -1.95
C MET A 362 -19.50 25.53 -0.51
N TYR A 363 -19.64 24.31 0.00
CA TYR A 363 -19.35 24.00 1.40
C TYR A 363 -18.07 23.21 1.59
N TYR A 364 -17.47 22.71 0.50
CA TYR A 364 -16.32 21.78 0.59
C TYR A 364 -15.20 22.07 -0.40
N SER A 365 -13.98 21.66 -0.03
CA SER A 365 -12.77 21.97 -0.80
C SER A 365 -12.59 21.09 -2.03
N ASN A 366 -11.79 21.57 -2.98
CA ASN A 366 -11.33 20.79 -4.12
C ASN A 366 -12.48 20.30 -5.01
N VAL A 367 -13.42 21.21 -5.29
CA VAL A 367 -14.64 20.89 -6.00
C VAL A 367 -14.62 21.58 -7.36
N THR A 368 -15.09 20.87 -8.38
CA THR A 368 -15.29 21.43 -9.72
C THR A 368 -16.73 21.19 -10.19
N ALA A 369 -17.45 22.26 -10.52
CA ALA A 369 -18.78 22.16 -11.07
C ALA A 369 -18.86 22.95 -12.36
N ARG A 370 -19.31 22.32 -13.43
CA ARG A 370 -19.45 23.03 -14.70
C ARG A 370 -20.66 22.58 -15.51
N ASN A 371 -21.06 23.48 -16.42
CA ASN A 371 -22.13 23.23 -17.38
C ASN A 371 -23.44 22.92 -16.66
N ILE A 372 -23.89 23.93 -15.91
CA ILE A 372 -25.10 23.87 -15.13
C ILE A 372 -26.13 24.85 -15.69
N VAL A 373 -27.36 24.36 -15.83
CA VAL A 373 -28.51 25.19 -16.17
C VAL A 373 -29.38 25.24 -14.92
N MET A 374 -29.67 26.44 -14.42
CA MET A 374 -30.45 26.59 -13.20
C MET A 374 -31.68 27.47 -13.42
N TRP A 375 -32.83 26.92 -13.02
CA TRP A 375 -34.08 27.66 -12.87
C TRP A 375 -34.26 27.91 -11.37
N LYS A 376 -33.78 29.06 -10.93
CA LYS A 376 -33.91 29.52 -9.55
C LYS A 376 -35.31 30.06 -9.35
N GLU A 377 -35.95 29.62 -8.29
CA GLU A 377 -37.29 30.06 -8.00
C GLU A 377 -37.26 31.39 -7.21
N SER A 378 -37.61 31.38 -5.92
CA SER A 378 -37.82 32.64 -5.20
C SER A 378 -37.02 32.79 -3.90
N VAL A 379 -36.23 31.78 -3.54
CA VAL A 379 -35.50 31.77 -2.28
C VAL A 379 -34.06 31.32 -2.43
N ALA A 380 -33.18 31.97 -1.67
CA ALA A 380 -31.77 31.62 -1.51
C ALA A 380 -30.92 31.96 -2.72
N PRO A 381 -29.60 32.14 -2.50
CA PRO A 381 -28.77 32.50 -3.64
C PRO A 381 -28.54 31.33 -4.59
N VAL A 382 -28.07 31.65 -5.78
CA VAL A 382 -27.64 30.67 -6.76
C VAL A 382 -26.49 29.85 -6.15
N VAL A 383 -25.47 30.58 -5.70
CA VAL A 383 -24.32 30.01 -5.02
C VAL A 383 -24.37 30.42 -3.55
N GLU A 384 -24.20 29.43 -2.67
CA GLU A 384 -24.26 29.67 -1.22
C GLU A 384 -22.95 29.25 -0.55
N PHE A 385 -22.39 30.12 0.30
CA PHE A 385 -21.27 29.75 1.15
C PHE A 385 -21.32 30.41 2.54
N GLY A 386 -22.54 30.67 3.01
CA GLY A 386 -22.79 31.14 4.37
C GLY A 386 -23.26 30.05 5.32
N TRP A 387 -24.12 30.43 6.27
CA TRP A 387 -24.69 29.54 7.29
C TRP A 387 -23.72 29.15 8.42
N THR A 388 -22.54 28.67 8.05
CA THR A 388 -21.53 28.24 9.01
C THR A 388 -20.14 28.53 8.48
N PRO A 389 -19.27 29.10 9.32
CA PRO A 389 -17.91 29.35 8.85
C PRO A 389 -17.15 28.07 8.55
N ARG A 390 -16.33 28.12 7.51
CA ARG A 390 -15.63 26.94 7.02
C ARG A 390 -14.22 27.27 6.57
N ASN A 391 -13.36 26.26 6.64
CA ASN A 391 -12.18 26.22 5.79
C ASN A 391 -12.53 25.53 4.50
N THR A 392 -12.53 26.29 3.41
CA THR A 392 -12.89 25.78 2.09
C THR A 392 -11.93 26.35 1.08
N GLU A 393 -11.32 25.51 0.25
CA GLU A 393 -10.35 26.00 -0.72
C GLU A 393 -10.37 25.26 -2.05
N ASN A 394 -9.98 25.97 -3.11
CA ASN A 394 -9.77 25.38 -4.43
C ASN A 394 -11.08 24.91 -5.08
N VAL A 395 -11.89 25.87 -5.50
CA VAL A 395 -13.18 25.60 -6.10
C VAL A 395 -13.29 26.32 -7.44
N LEU A 396 -13.76 25.60 -8.45
CA LEU A 396 -14.14 26.19 -9.74
C LEU A 396 -15.60 25.87 -10.04
N PHE A 397 -16.41 26.92 -10.21
CA PHE A 397 -17.75 26.83 -10.80
C PHE A 397 -17.69 27.58 -12.13
N ASP A 398 -17.93 26.86 -13.22
CA ASP A 398 -17.80 27.42 -14.55
C ASP A 398 -19.00 27.10 -15.40
N ASN A 399 -19.45 28.09 -16.15
CA ASN A 399 -20.46 27.90 -17.17
C ASN A 399 -21.80 27.51 -16.56
N VAL A 400 -22.36 28.47 -15.85
CA VAL A 400 -23.62 28.32 -15.14
C VAL A 400 -24.59 29.32 -15.76
N ASP A 401 -25.65 28.82 -16.36
CA ASP A 401 -26.68 29.69 -16.89
C ASP A 401 -27.91 29.62 -15.99
N VAL A 402 -28.15 30.73 -15.29
CA VAL A 402 -29.35 30.90 -14.49
C VAL A 402 -30.41 31.46 -15.44
N ILE A 403 -31.25 30.57 -15.95
CA ILE A 403 -32.16 30.94 -17.03
C ILE A 403 -33.38 31.70 -16.52
N HIS A 404 -33.70 31.56 -15.24
CA HIS A 404 -34.75 32.37 -14.59
C HIS A 404 -34.45 32.60 -13.13
N GLN A 405 -34.95 33.73 -12.62
CA GLN A 405 -35.05 33.97 -11.19
C GLN A 405 -36.42 34.60 -10.90
N ALA A 406 -36.95 34.43 -9.70
CA ALA A 406 -38.23 35.05 -9.33
C ALA A 406 -38.27 35.41 -7.85
N TYR A 407 -37.30 36.19 -7.41
CA TYR A 407 -37.27 36.64 -6.02
C TYR A 407 -38.37 37.69 -5.76
N ALA A 408 -38.63 37.94 -4.48
CA ALA A 408 -39.70 38.85 -4.01
C ALA A 408 -39.19 39.95 -3.04
N ASN A 409 -38.27 39.59 -2.14
CA ASN A 409 -37.79 40.51 -1.13
C ASN A 409 -36.41 40.14 -0.57
N ALA A 410 -35.86 41.03 0.24
CA ALA A 410 -34.53 40.85 0.82
C ALA A 410 -34.50 39.62 1.73
N GLY A 411 -35.62 39.37 2.41
CA GLY A 411 -35.75 38.20 3.28
C GLY A 411 -35.60 36.86 2.57
N ASN A 412 -35.72 36.86 1.24
CA ASN A 412 -35.46 35.64 0.47
C ASN A 412 -33.98 35.26 0.38
N ASN A 413 -33.09 36.15 0.81
CA ASN A 413 -31.63 36.00 0.63
C ASN A 413 -31.25 35.79 -0.83
N PRO A 414 -31.61 36.76 -1.68
CA PRO A 414 -31.35 36.66 -3.10
C PRO A 414 -29.90 36.92 -3.43
N GLY A 415 -29.56 36.69 -4.69
CA GLY A 415 -28.24 37.00 -5.19
C GLY A 415 -27.66 35.84 -5.94
N ILE A 416 -26.72 36.14 -6.84
CA ILE A 416 -26.02 35.10 -7.56
C ILE A 416 -24.99 34.47 -6.63
N PHE A 417 -24.15 35.32 -6.03
CA PHE A 417 -23.15 34.86 -5.09
C PHE A 417 -23.52 35.33 -3.70
N GLY A 418 -23.95 34.38 -2.88
CA GLY A 418 -24.45 34.67 -1.54
C GLY A 418 -23.80 33.85 -0.43
N ALA A 419 -23.67 34.48 0.73
CA ALA A 419 -23.29 33.82 1.97
C ALA A 419 -24.14 34.44 3.07
N VAL A 420 -25.18 33.72 3.47
CA VAL A 420 -26.10 34.21 4.47
C VAL A 420 -25.48 34.13 5.87
N ASN A 421 -26.15 34.80 6.79
CA ASN A 421 -25.81 34.87 8.22
C ASN A 421 -25.55 33.50 8.86
N ASN A 422 -24.90 33.51 10.02
CA ASN A 422 -24.63 32.31 10.81
C ASN A 422 -25.90 31.66 11.36
N TYR A 423 -26.09 30.37 11.02
CA TYR A 423 -27.30 29.58 11.34
C TYR A 423 -27.61 29.38 12.83
N LEU A 424 -26.56 29.28 13.66
CA LEU A 424 -26.73 29.09 15.11
C LEU A 424 -27.32 30.33 15.81
N TYR A 425 -27.24 31.48 15.16
CA TYR A 425 -27.66 32.77 15.76
C TYR A 425 -28.70 33.56 14.94
N ALA A 426 -28.71 33.38 13.61
CA ALA A 426 -29.72 33.99 12.75
C ALA A 426 -29.74 33.34 11.36
N SER A 432 -25.02 41.57 18.76
CA SER A 432 -25.35 42.35 17.57
C SER A 432 -24.96 41.59 16.30
N ALA A 433 -25.52 42.06 15.17
CA ALA A 433 -25.68 41.24 13.95
C ALA A 433 -24.44 40.47 13.46
N HIS A 434 -23.38 41.20 13.12
CA HIS A 434 -22.28 40.64 12.33
C HIS A 434 -21.05 40.28 13.17
N SER A 435 -21.27 39.68 14.33
CA SER A 435 -20.19 39.46 15.27
C SER A 435 -19.99 37.99 15.67
N THR A 436 -20.49 37.06 14.87
CA THR A 436 -20.34 35.64 15.17
C THR A 436 -19.52 34.91 14.13
N GLY A 437 -18.51 35.59 13.57
CA GLY A 437 -17.63 34.98 12.60
C GLY A 437 -16.51 34.19 13.26
N ASN A 438 -15.67 33.57 12.45
CA ASN A 438 -14.49 32.90 12.93
C ASN A 438 -13.28 33.41 12.16
N SER A 439 -12.44 34.18 12.85
CA SER A 439 -11.21 34.73 12.25
C SER A 439 -10.14 33.67 12.01
N ASN A 440 -10.32 32.47 12.55
CA ASN A 440 -9.35 31.37 12.39
C ASN A 440 -9.59 30.51 11.14
N MET A 441 -10.65 30.81 10.38
CA MET A 441 -11.01 30.02 9.21
C MET A 441 -11.02 30.90 7.96
N THR A 442 -10.73 30.27 6.82
CA THR A 442 -10.52 30.99 5.56
C THR A 442 -11.09 30.20 4.37
N VAL A 443 -11.75 30.94 3.47
CA VAL A 443 -12.19 30.43 2.19
C VAL A 443 -11.23 31.03 1.16
N ARG A 444 -10.53 30.15 0.44
CA ARG A 444 -9.44 30.53 -0.50
C ARG A 444 -9.64 29.97 -1.89
N ASN A 445 -9.11 30.66 -2.88
CA ASN A 445 -8.97 30.13 -4.23
C ASN A 445 -10.30 29.61 -4.72
N ILE A 446 -11.20 30.57 -4.96
CA ILE A 446 -12.54 30.34 -5.46
C ILE A 446 -12.65 31.09 -6.78
N THR A 447 -12.97 30.35 -7.84
CA THR A 447 -13.18 30.91 -9.15
C THR A 447 -14.63 30.65 -9.57
N TRP A 448 -15.37 31.72 -9.86
CA TRP A 448 -16.71 31.63 -10.41
C TRP A 448 -16.67 32.28 -11.77
N SER A 449 -16.77 31.47 -12.83
CA SER A 449 -16.55 31.94 -14.18
C SER A 449 -17.68 31.61 -15.15
N ASN A 450 -17.89 32.51 -16.10
CA ASN A 450 -18.86 32.33 -17.15
C ASN A 450 -20.25 32.00 -16.61
N PHE A 451 -20.76 32.88 -15.74
CA PHE A 451 -22.14 32.82 -15.26
C PHE A 451 -23.01 33.72 -16.14
N ARG A 452 -24.19 33.23 -16.52
CA ARG A 452 -25.16 34.05 -17.24
C ARG A 452 -26.48 34.07 -16.48
N ALA A 453 -27.03 35.26 -16.30
CA ALA A 453 -28.36 35.42 -15.74
C ALA A 453 -29.26 36.00 -16.81
N GLU A 454 -30.22 35.20 -17.25
CA GLU A 454 -31.18 35.62 -18.27
C GLU A 454 -32.40 36.20 -17.60
N GLY A 455 -33.08 37.10 -18.32
CA GLY A 455 -34.22 37.80 -17.76
C GLY A 455 -33.77 38.76 -16.69
N SER A 456 -34.68 39.12 -15.79
CA SER A 456 -34.34 39.99 -14.68
C SER A 456 -33.64 39.18 -13.60
N SER A 457 -32.69 39.82 -12.92
CA SER A 457 -31.80 39.15 -12.01
C SER A 457 -31.77 39.83 -10.65
N SER A 458 -31.41 39.05 -9.63
CA SER A 458 -31.07 39.59 -8.34
C SER A 458 -29.63 40.09 -8.36
N ALA A 459 -29.17 40.57 -7.21
CA ALA A 459 -27.85 41.16 -7.06
C ALA A 459 -26.71 40.24 -7.47
N LEU A 460 -25.58 40.84 -7.88
CA LEU A 460 -24.39 40.07 -8.19
C LEU A 460 -23.98 39.31 -6.96
N PHE A 461 -23.87 40.01 -5.82
CA PHE A 461 -23.49 39.33 -4.59
C PHE A 461 -24.06 39.93 -3.33
N ARG A 462 -24.35 39.08 -2.36
CA ARG A 462 -24.71 39.48 -1.00
C ARG A 462 -24.00 38.54 -0.04
N ILE A 463 -22.83 38.98 0.41
CA ILE A 463 -21.87 38.11 1.06
C ILE A 463 -21.61 38.63 2.46
N ASN A 464 -21.96 37.80 3.45
CA ASN A 464 -21.50 37.95 4.81
C ASN A 464 -20.20 37.14 4.95
N PRO A 465 -19.06 37.83 5.19
CA PRO A 465 -17.82 37.11 5.44
C PRO A 465 -17.79 36.55 6.85
N ILE A 466 -18.39 35.38 7.04
CA ILE A 466 -18.45 34.75 8.37
C ILE A 466 -17.13 34.04 8.72
N GLN A 467 -16.24 33.98 7.74
CA GLN A 467 -14.83 33.65 7.94
C GLN A 467 -14.07 34.44 6.91
N ASN A 468 -12.75 34.48 7.04
CA ASN A 468 -11.93 35.26 6.11
C ASN A 468 -12.10 34.80 4.65
N LEU A 469 -12.02 35.74 3.72
CA LEU A 469 -12.02 35.46 2.27
C LEU A 469 -10.69 35.87 1.67
N ASP A 470 -10.12 35.00 0.83
CA ASP A 470 -8.80 35.24 0.23
C ASP A 470 -8.73 34.64 -1.18
N ASN A 471 -8.59 35.49 -2.20
CA ASN A 471 -8.36 35.02 -3.57
C ASN A 471 -9.64 34.43 -4.13
N ILE A 472 -10.62 35.31 -4.34
CA ILE A 472 -11.93 34.96 -4.90
C ILE A 472 -12.01 35.73 -6.21
N SER A 473 -12.25 35.04 -7.31
CA SER A 473 -12.29 35.65 -8.64
C SER A 473 -13.61 35.41 -9.34
N ILE A 474 -14.30 36.50 -9.67
CA ILE A 474 -15.45 36.48 -10.56
C ILE A 474 -14.95 36.83 -11.96
N LYS A 475 -15.18 35.95 -12.92
CA LYS A 475 -14.71 36.14 -14.29
C LYS A 475 -15.82 35.85 -15.28
N ASN A 476 -16.27 36.88 -15.99
CA ASN A 476 -17.38 36.77 -16.92
C ASN A 476 -18.68 36.39 -16.24
N VAL A 477 -19.46 37.41 -15.88
CA VAL A 477 -20.81 37.23 -15.39
C VAL A 477 -21.67 38.27 -16.09
N SER A 478 -22.70 37.81 -16.79
CA SER A 478 -23.54 38.70 -17.56
C SER A 478 -24.94 38.68 -16.98
N ILE A 479 -25.46 39.87 -16.70
CA ILE A 479 -26.81 40.02 -16.21
C ILE A 479 -27.54 40.76 -17.30
N GLU A 480 -28.63 40.18 -17.78
CA GLU A 480 -29.40 40.79 -18.86
C GLU A 480 -30.11 42.05 -18.35
N SER A 481 -30.82 41.93 -17.23
CA SER A 481 -31.43 43.09 -16.57
C SER A 481 -31.62 42.80 -15.09
N PHE A 482 -31.88 43.85 -14.33
CA PHE A 482 -32.14 43.72 -12.89
C PHE A 482 -33.63 43.67 -12.60
N GLU A 483 -33.97 42.98 -11.53
CA GLU A 483 -35.31 43.05 -10.96
C GLU A 483 -35.56 44.49 -10.50
N PRO A 484 -36.83 44.84 -10.26
CA PRO A 484 -37.09 46.22 -9.84
C PRO A 484 -36.33 46.58 -8.56
N LEU A 485 -35.74 47.77 -8.54
CA LEU A 485 -35.18 48.41 -7.33
C LEU A 485 -36.10 48.29 -6.15
N SER A 486 -37.38 48.54 -6.42
CA SER A 486 -38.46 48.48 -5.44
C SER A 486 -38.42 47.29 -4.47
N ILE A 487 -38.03 46.10 -4.94
CA ILE A 487 -38.17 44.89 -4.11
C ILE A 487 -36.94 44.52 -3.27
N ASN A 488 -35.90 45.36 -3.29
CA ASN A 488 -34.70 45.20 -2.45
C ASN A 488 -33.95 43.89 -2.65
N THR A 489 -33.81 43.45 -3.89
CA THR A 489 -33.12 42.20 -4.16
C THR A 489 -31.87 42.38 -5.01
N THR A 490 -31.63 43.59 -5.52
CA THR A 490 -30.65 43.78 -6.59
C THR A 490 -29.34 44.50 -6.21
N GLU A 491 -29.29 45.07 -5.01
CA GLU A 491 -28.07 45.73 -4.56
C GLU A 491 -27.12 44.72 -3.97
N SER A 492 -25.87 44.74 -4.40
CA SER A 492 -24.85 43.87 -3.83
C SER A 492 -24.23 44.52 -2.59
N TRP A 493 -23.93 43.69 -1.59
CA TRP A 493 -23.24 44.14 -0.40
C TRP A 493 -22.27 43.13 0.20
N MET A 494 -21.44 43.64 1.09
CA MET A 494 -20.46 42.83 1.83
C MET A 494 -20.07 43.62 3.08
N PRO A 495 -20.83 43.44 4.18
CA PRO A 495 -20.52 44.18 5.41
C PRO A 495 -19.39 43.57 6.21
N VAL A 496 -18.72 44.41 7.00
CA VAL A 496 -17.66 43.97 7.88
C VAL A 496 -18.21 43.03 8.94
N TRP A 497 -17.46 41.97 9.24
CA TRP A 497 -17.82 40.98 10.27
C TRP A 497 -16.70 40.88 11.30
N TYR A 498 -17.00 40.28 12.45
CA TYR A 498 -16.02 40.10 13.52
C TYR A 498 -16.12 38.72 14.15
N ASP A 499 -15.03 38.32 14.81
CA ASP A 499 -14.92 37.00 15.43
C ASP A 499 -15.83 36.86 16.67
N LEU A 500 -16.47 35.70 16.77
CA LEU A 500 -17.38 35.37 17.87
C LEU A 500 -16.75 35.54 19.26
N ASN A 501 -15.54 35.03 19.42
CA ASN A 501 -14.89 34.94 20.72
C ASN A 501 -13.97 36.13 21.07
N ASN A 502 -13.13 36.55 20.14
CA ASN A 502 -12.10 37.56 20.45
C ASN A 502 -12.27 38.92 19.71
N GLY A 503 -13.35 39.08 18.95
CA GLY A 503 -13.66 40.34 18.28
C GLY A 503 -12.71 40.82 17.19
N LYS A 504 -11.82 39.93 16.74
CA LYS A 504 -10.91 40.23 15.66
C LYS A 504 -11.73 40.39 14.36
N GLN A 505 -11.38 41.39 13.56
CA GLN A 505 -12.11 41.67 12.32
C GLN A 505 -11.84 40.59 11.26
N ILE A 506 -12.91 40.11 10.65
CA ILE A 506 -12.78 39.20 9.50
C ILE A 506 -12.19 39.96 8.31
N THR A 507 -11.24 39.33 7.62
CA THR A 507 -10.58 39.96 6.47
C THR A 507 -11.08 39.38 5.14
N VAL A 508 -11.08 40.25 4.13
CA VAL A 508 -11.38 39.90 2.77
C VAL A 508 -10.20 40.42 1.97
N THR A 509 -9.58 39.55 1.19
CA THR A 509 -8.37 39.90 0.47
C THR A 509 -8.45 39.36 -0.95
N ASP A 510 -8.00 40.16 -1.90
CA ASP A 510 -7.86 39.75 -3.30
C ASP A 510 -9.19 39.19 -3.85
N PHE A 511 -10.23 40.03 -3.78
CA PHE A 511 -11.55 39.76 -4.34
C PHE A 511 -11.67 40.53 -5.65
N SER A 512 -11.62 39.83 -6.77
CA SER A 512 -11.62 40.48 -8.08
C SER A 512 -12.89 40.22 -8.90
N ILE A 513 -13.32 41.25 -9.63
CA ILE A 513 -14.46 41.18 -10.53
C ILE A 513 -13.99 41.56 -11.94
N GLU A 514 -14.18 40.67 -12.89
CA GLU A 514 -13.80 40.90 -14.27
C GLU A 514 -14.86 40.36 -15.22
N GLY A 515 -15.09 41.10 -16.31
CA GLY A 515 -16.07 40.71 -17.31
C GLY A 515 -17.51 40.72 -16.84
N PHE A 516 -17.82 41.61 -15.89
CA PHE A 516 -19.19 41.77 -15.38
C PHE A 516 -19.91 42.79 -16.26
N THR A 517 -21.00 42.36 -16.90
CA THR A 517 -21.85 43.24 -17.70
C THR A 517 -23.27 43.26 -17.17
N VAL A 518 -23.93 44.40 -17.35
CA VAL A 518 -25.37 44.54 -17.14
C VAL A 518 -25.90 45.17 -18.42
N GLY A 519 -26.84 44.50 -19.09
CA GLY A 519 -27.16 44.86 -20.46
C GLY A 519 -25.90 44.65 -21.28
N ASN A 520 -25.50 45.63 -22.07
CA ASN A 520 -24.24 45.52 -22.80
C ASN A 520 -23.16 46.44 -22.21
N THR A 521 -23.31 46.79 -20.94
CA THR A 521 -22.36 47.71 -20.30
C THR A 521 -21.45 46.98 -19.32
N THR A 522 -20.15 47.11 -19.57
CA THR A 522 -19.13 46.55 -18.70
C THR A 522 -19.08 47.36 -17.40
N ILE A 523 -18.96 46.65 -16.29
CA ILE A 523 -18.88 47.29 -14.99
C ILE A 523 -17.41 47.53 -14.58
N THR A 524 -17.12 48.77 -14.24
CA THR A 524 -15.82 49.21 -13.76
C THR A 524 -15.99 49.76 -12.35
N ALA A 525 -14.88 50.16 -11.75
CA ALA A 525 -14.91 50.83 -10.44
C ALA A 525 -15.87 52.02 -10.44
N SER A 526 -15.86 52.81 -11.52
CA SER A 526 -16.59 54.09 -11.54
C SER A 526 -18.11 53.96 -11.74
N ASN A 527 -18.57 52.87 -12.33
CA ASN A 527 -20.01 52.62 -12.52
C ASN A 527 -20.55 51.42 -11.74
N ALA A 528 -19.68 50.81 -10.91
CA ALA A 528 -20.05 49.65 -10.11
C ALA A 528 -21.34 49.89 -9.34
N ALA A 529 -21.46 51.06 -8.70
CA ALA A 529 -22.61 51.39 -7.88
C ALA A 529 -23.84 51.72 -8.71
N SER A 530 -23.69 52.64 -9.64
CA SER A 530 -24.81 53.14 -10.44
C SER A 530 -25.37 52.13 -11.45
N VAL A 531 -24.49 51.43 -12.16
CA VAL A 531 -24.94 50.48 -13.17
C VAL A 531 -25.00 49.04 -12.64
N GLY A 532 -23.98 48.61 -11.90
CA GLY A 532 -23.94 47.24 -11.37
C GLY A 532 -24.65 47.07 -10.03
N ARG A 533 -25.09 48.18 -9.44
CA ARG A 533 -25.80 48.19 -8.15
C ARG A 533 -24.98 47.55 -7.03
N ILE A 534 -23.66 47.61 -7.18
CA ILE A 534 -22.73 47.23 -6.13
C ILE A 534 -22.49 48.48 -5.29
N ASP A 535 -23.32 48.66 -4.27
CA ASP A 535 -23.29 49.89 -3.47
C ASP A 535 -23.16 49.62 -1.96
N GLY A 536 -22.86 48.39 -1.59
CA GLY A 536 -22.82 48.00 -0.19
C GLY A 536 -21.54 47.30 0.27
N VAL A 537 -20.44 47.52 -0.45
CA VAL A 537 -19.14 47.06 0.03
C VAL A 537 -18.74 47.93 1.21
N ASP A 538 -18.59 47.31 2.37
CA ASP A 538 -18.13 48.01 3.57
C ASP A 538 -16.83 48.76 3.27
N PRO A 539 -16.66 49.97 3.85
CA PRO A 539 -15.38 50.68 3.69
C PRO A 539 -14.18 49.82 4.10
N ALA A 540 -14.34 48.98 5.11
CA ALA A 540 -13.25 48.09 5.54
C ALA A 540 -12.71 47.15 4.44
N TYR A 541 -13.55 46.87 3.44
CA TYR A 541 -13.18 45.97 2.35
C TYR A 541 -13.08 46.64 0.99
N ALA A 542 -13.27 47.95 0.92
CA ALA A 542 -13.22 48.64 -0.37
C ALA A 542 -11.87 48.46 -1.08
N GLY A 543 -10.78 48.47 -0.32
CA GLY A 543 -9.45 48.26 -0.88
C GLY A 543 -9.17 46.84 -1.32
N SER A 544 -10.00 45.89 -0.89
CA SER A 544 -9.83 44.48 -1.24
C SER A 544 -10.62 44.03 -2.46
N VAL A 545 -11.50 44.89 -2.96
CA VAL A 545 -12.36 44.55 -4.10
C VAL A 545 -11.83 45.27 -5.33
N HIS A 546 -11.42 44.50 -6.32
CA HIS A 546 -10.75 45.05 -7.49
C HIS A 546 -11.52 44.81 -8.77
N TYR A 547 -11.79 45.90 -9.47
CA TYR A 547 -12.40 45.85 -10.78
C TYR A 547 -11.29 45.81 -11.82
N ILE A 548 -11.18 44.69 -12.52
CA ILE A 548 -10.18 44.54 -13.59
C ILE A 548 -10.69 45.29 -14.83
N ASP A 549 -12.02 45.36 -14.96
CA ASP A 549 -12.76 45.87 -16.13
C ASP A 549 -13.11 44.69 -17.05
N PHE B 3 27.13 10.52 -51.87
CA PHE B 3 25.89 10.80 -51.07
C PHE B 3 25.12 12.00 -51.61
N MET B 4 23.85 11.77 -51.97
CA MET B 4 22.91 12.85 -52.26
C MET B 4 21.66 12.66 -51.39
N ALA B 5 21.38 13.66 -50.55
CA ALA B 5 20.27 13.61 -49.60
C ALA B 5 18.92 13.60 -50.31
N VAL B 6 18.03 12.73 -49.85
CA VAL B 6 16.66 12.66 -50.37
C VAL B 6 15.70 13.11 -49.26
N THR B 7 15.10 14.30 -49.42
CA THR B 7 14.19 14.83 -48.42
C THR B 7 12.70 14.64 -48.76
N ALA B 8 11.87 14.57 -47.71
CA ALA B 8 10.43 14.51 -47.86
C ALA B 8 9.83 15.88 -48.13
N ASN B 9 8.84 15.92 -49.02
CA ASN B 9 8.07 17.14 -49.22
C ASN B 9 6.65 16.80 -49.63
N ASN B 10 5.84 16.45 -48.64
CA ASN B 10 4.45 16.12 -48.89
C ASN B 10 3.60 16.50 -47.68
N SER B 11 2.31 16.19 -47.70
CA SER B 11 1.41 16.61 -46.63
C SER B 11 1.45 15.68 -45.40
N GLN B 12 2.17 14.57 -45.49
CA GLN B 12 2.31 13.62 -44.40
C GLN B 12 3.63 13.80 -43.67
N LEU B 13 4.67 14.23 -44.40
CA LEU B 13 6.00 14.35 -43.84
C LEU B 13 6.82 15.38 -44.61
N LEU B 14 7.53 16.24 -43.86
CA LEU B 14 8.49 17.19 -44.42
C LEU B 14 9.83 17.07 -43.70
N THR B 15 10.89 16.86 -44.46
CA THR B 15 12.24 16.94 -43.92
C THR B 15 13.08 17.89 -44.76
N TRP B 16 14.28 18.21 -44.28
CA TRP B 16 15.16 19.12 -44.98
C TRP B 16 16.63 18.79 -44.77
N TRP B 17 17.44 19.42 -45.62
CA TRP B 17 18.88 19.26 -45.66
C TRP B 17 19.54 20.60 -45.85
N HIS B 18 20.86 20.63 -45.62
CA HIS B 18 21.68 21.77 -45.99
C HIS B 18 22.86 21.21 -46.73
N ASN B 19 23.14 21.75 -47.91
CA ASN B 19 24.26 21.29 -48.71
C ASN B 19 25.60 21.74 -48.13
N THR B 20 25.61 22.82 -47.35
CA THR B 20 26.81 23.31 -46.69
C THR B 20 26.97 22.78 -45.25
N GLY B 21 26.50 21.58 -45.00
CA GLY B 21 26.77 20.92 -43.73
C GLY B 21 28.26 20.79 -43.52
N GLU B 22 28.72 20.94 -42.27
CA GLU B 22 30.15 20.83 -41.97
C GLU B 22 30.33 19.94 -40.76
N ILE B 23 31.14 18.89 -40.92
CA ILE B 23 31.53 18.04 -39.80
C ILE B 23 32.68 18.70 -39.09
N ASN B 24 32.47 19.07 -37.83
CA ASN B 24 33.43 19.89 -37.11
C ASN B 24 33.09 19.87 -35.62
N THR B 25 34.03 19.42 -34.80
CA THR B 25 33.82 19.36 -33.35
C THR B 25 34.79 20.26 -32.61
N GLN B 26 35.49 21.14 -33.32
CA GLN B 26 36.60 21.86 -32.69
C GLN B 26 36.60 23.39 -32.83
N THR B 27 36.32 23.91 -34.02
CA THR B 27 36.35 25.34 -34.26
C THR B 27 34.99 25.85 -34.76
N PRO B 28 34.85 27.17 -34.95
CA PRO B 28 33.63 27.64 -35.61
C PRO B 28 33.51 27.02 -36.99
N VAL B 29 32.29 26.69 -37.41
CA VAL B 29 32.05 26.35 -38.81
C VAL B 29 32.07 27.64 -39.59
N ALA B 30 32.18 27.54 -40.93
CA ALA B 30 32.23 28.73 -41.79
C ALA B 30 30.91 29.43 -41.76
N ASP B 31 30.92 30.74 -42.04
CA ASP B 31 29.72 31.55 -41.94
C ASP B 31 28.53 30.92 -42.70
N GLY B 32 28.78 30.39 -43.89
CA GLY B 32 27.71 29.79 -44.69
C GLY B 32 27.49 28.29 -44.48
N ASN B 33 28.24 27.72 -43.55
CA ASN B 33 28.09 26.30 -43.23
C ASN B 33 27.23 26.09 -41.98
N VAL B 34 26.79 24.85 -41.79
CA VAL B 34 25.94 24.47 -40.68
C VAL B 34 26.56 23.24 -40.04
N ARG B 35 26.91 23.33 -38.76
CA ARG B 35 27.53 22.19 -38.08
C ARG B 35 26.59 21.00 -38.07
N GLN B 36 27.10 19.86 -38.53
CA GLN B 36 26.32 18.65 -38.70
C GLN B 36 26.92 17.52 -37.87
N SER B 37 26.07 16.71 -37.26
CA SER B 37 26.57 15.56 -36.50
C SER B 37 27.35 14.65 -37.43
N GLY B 38 28.56 14.28 -37.02
CA GLY B 38 29.35 13.28 -37.72
C GLY B 38 29.03 11.87 -37.24
N LEU B 39 28.16 11.77 -36.23
CA LEU B 39 27.89 10.50 -35.54
C LEU B 39 26.55 9.88 -35.93
N TYR B 40 25.49 10.68 -35.87
CA TYR B 40 24.15 10.17 -36.09
C TYR B 40 23.65 10.58 -37.45
N SER B 41 23.06 9.64 -38.17
CA SER B 41 22.29 10.00 -39.35
C SER B 41 20.85 9.58 -39.08
N VAL B 42 19.91 10.40 -39.54
CA VAL B 42 18.50 10.15 -39.30
C VAL B 42 17.70 10.21 -40.61
N LYS B 43 16.86 9.20 -40.78
CA LYS B 43 15.94 9.11 -41.90
C LYS B 43 14.55 8.84 -41.34
N VAL B 44 13.53 9.30 -42.06
CA VAL B 44 12.16 9.20 -41.59
C VAL B 44 11.26 8.68 -42.70
N GLN B 45 10.33 7.81 -42.33
CA GLN B 45 9.39 7.21 -43.27
C GLN B 45 7.98 7.19 -42.67
N THR B 46 7.03 7.79 -43.37
CA THR B 46 5.63 7.72 -42.98
C THR B 46 5.19 6.25 -43.01
N THR B 47 4.40 5.83 -42.03
CA THR B 47 3.83 4.48 -42.04
C THR B 47 2.65 4.40 -43.04
N PRO B 48 2.35 3.18 -43.55
CA PRO B 48 3.04 1.91 -43.30
C PRO B 48 4.36 1.77 -44.09
N ALA B 49 5.23 0.86 -43.64
CA ALA B 49 6.51 0.60 -44.33
C ALA B 49 6.34 0.09 -45.78
N SER B 50 7.32 0.37 -46.63
CA SER B 50 7.30 0.00 -48.06
C SER B 50 6.38 0.83 -48.98
N SER B 51 5.51 1.67 -48.42
CA SER B 51 4.63 2.53 -49.24
C SER B 51 5.38 3.74 -49.81
N SER B 52 6.49 4.11 -49.15
CA SER B 52 7.29 5.27 -49.51
C SER B 52 8.76 5.09 -49.09
N LEU B 53 9.58 6.11 -49.34
CA LEU B 53 11.03 6.05 -49.10
C LEU B 53 11.38 6.40 -47.66
N TYR B 54 12.60 6.07 -47.24
CA TYR B 54 13.20 6.68 -46.05
C TYR B 54 13.84 8.01 -46.44
N TYR B 55 13.40 9.10 -45.81
CA TYR B 55 13.85 10.44 -46.18
C TYR B 55 14.87 10.99 -45.20
N ASP B 56 15.93 11.58 -45.72
CA ASP B 56 16.99 12.16 -44.89
C ASP B 56 16.47 13.36 -44.11
N SER B 57 16.86 13.42 -42.83
CA SER B 57 16.54 14.56 -41.97
C SER B 57 17.86 15.06 -41.41
N PHE B 58 18.16 16.34 -41.64
CA PHE B 58 19.45 16.89 -41.22
C PHE B 58 19.62 16.84 -39.71
N VAL B 59 20.80 16.38 -39.27
CA VAL B 59 21.12 16.36 -37.85
C VAL B 59 22.10 17.48 -37.54
N TYR B 60 21.58 18.52 -36.89
CA TYR B 60 22.39 19.63 -36.43
C TYR B 60 23.23 19.17 -35.24
N LEU B 61 24.31 19.91 -34.97
CA LEU B 61 25.14 19.65 -33.79
C LEU B 61 25.55 20.95 -33.12
N ALA B 62 25.39 21.01 -31.80
CA ALA B 62 25.96 22.10 -31.02
C ALA B 62 27.02 21.53 -30.09
N ILE B 63 28.07 22.31 -29.87
CA ILE B 63 29.18 21.92 -29.00
C ILE B 63 29.46 23.02 -27.99
N PRO B 64 29.99 22.67 -26.81
CA PRO B 64 30.33 23.68 -25.79
C PRO B 64 31.34 24.68 -26.32
N GLY B 65 31.07 25.96 -26.14
CA GLY B 65 31.96 26.98 -26.63
C GLY B 65 31.75 27.35 -28.09
N ASN B 66 30.91 26.60 -28.81
CA ASN B 66 30.66 26.84 -30.23
C ASN B 66 31.93 26.85 -31.08
N GLY B 67 32.92 26.05 -30.68
CA GLY B 67 34.19 25.99 -31.38
C GLY B 67 35.22 27.02 -30.92
N MET B 68 34.82 27.96 -30.08
CA MET B 68 35.74 29.01 -29.57
C MET B 68 36.36 28.53 -28.29
N SER B 69 37.60 28.06 -28.34
CA SER B 69 38.21 27.41 -27.17
C SER B 69 38.46 28.38 -26.00
N ASP B 70 38.56 29.68 -26.30
CA ASP B 70 38.59 30.73 -25.28
C ASP B 70 37.35 30.79 -24.36
N GLN B 71 36.23 30.27 -24.83
CA GLN B 71 34.94 30.42 -24.15
C GLN B 71 34.56 29.20 -23.31
N LEU B 72 35.35 28.14 -23.38
CA LEU B 72 35.04 26.91 -22.63
C LEU B 72 35.03 27.16 -21.12
N GLN B 73 35.86 28.10 -20.67
CA GLN B 73 35.91 28.52 -19.25
C GLN B 73 34.55 28.96 -18.71
N TYR B 74 33.68 29.41 -19.60
CA TYR B 74 32.33 29.87 -19.27
C TYR B 74 31.25 28.79 -19.40
N THR B 75 31.67 27.53 -19.57
CA THR B 75 30.75 26.39 -19.58
C THR B 75 31.03 25.60 -18.32
N GLN B 76 30.36 24.46 -18.15
CA GLN B 76 30.61 23.63 -16.97
C GLN B 76 31.86 22.77 -17.08
N GLY B 77 32.47 22.74 -18.27
CA GLY B 77 33.72 22.00 -18.50
C GLY B 77 33.52 20.52 -18.78
N TYR B 78 32.30 20.12 -19.11
CA TYR B 78 32.01 18.76 -19.57
C TYR B 78 32.32 18.60 -21.05
N ASN B 79 32.37 17.35 -21.50
CA ASN B 79 32.63 17.06 -22.93
C ASN B 79 31.40 16.67 -23.75
N GLN B 80 30.20 16.92 -23.21
CA GLN B 80 28.97 16.51 -23.89
C GLN B 80 28.70 17.36 -25.12
N THR B 81 28.15 16.75 -26.15
CA THR B 81 27.62 17.48 -27.30
C THR B 81 26.12 17.23 -27.41
N GLN B 82 25.46 18.07 -28.19
CA GLN B 82 24.02 17.95 -28.37
C GLN B 82 23.64 18.10 -29.83
N ALA B 83 23.19 16.99 -30.41
CA ALA B 83 22.68 16.98 -31.77
C ALA B 83 21.18 16.92 -31.71
N TRP B 84 20.54 17.40 -32.75
CA TRP B 84 19.08 17.30 -32.90
C TRP B 84 18.65 17.30 -34.35
N THR B 85 17.44 16.80 -34.59
CA THR B 85 16.84 16.84 -35.92
C THR B 85 15.36 17.18 -35.77
N SER B 86 14.82 17.94 -36.73
CA SER B 86 13.43 18.33 -36.73
C SER B 86 12.77 17.88 -38.03
N PHE B 87 11.49 17.51 -37.95
CA PHE B 87 10.67 17.30 -39.16
C PHE B 87 9.23 17.63 -38.86
N LEU B 88 8.45 17.94 -39.89
CA LEU B 88 7.02 18.15 -39.75
C LEU B 88 6.29 16.90 -40.20
N TYR B 89 5.17 16.62 -39.57
CA TYR B 89 4.40 15.43 -39.88
C TYR B 89 2.93 15.60 -39.54
N SER B 90 2.12 14.71 -40.09
CA SER B 90 0.67 14.70 -39.88
C SER B 90 0.15 13.28 -39.78
N HIS B 91 1.08 12.32 -39.71
CA HIS B 91 0.77 10.90 -39.68
C HIS B 91 1.95 10.18 -39.02
N ASP B 92 1.68 9.05 -38.37
CA ASP B 92 2.72 8.26 -37.73
C ASP B 92 3.91 8.06 -38.64
N ALA B 93 5.10 8.09 -38.07
CA ALA B 93 6.33 7.96 -38.83
C ALA B 93 7.33 7.11 -38.09
N THR B 94 8.21 6.47 -38.84
CA THR B 94 9.27 5.68 -38.25
C THR B 94 10.55 6.46 -38.40
N VAL B 95 11.25 6.64 -37.29
CA VAL B 95 12.50 7.35 -37.27
C VAL B 95 13.61 6.32 -37.21
N LYS B 96 14.46 6.31 -38.24
CA LYS B 96 15.57 5.38 -38.36
C LYS B 96 16.88 6.10 -38.07
N ILE B 97 17.55 5.70 -37.00
CA ILE B 97 18.79 6.33 -36.55
C ILE B 97 19.96 5.38 -36.76
N SER B 98 21.02 5.88 -37.40
CA SER B 98 22.21 5.09 -37.67
C SER B 98 23.45 5.84 -37.20
N ARG B 99 24.46 5.07 -36.76
CA ARG B 99 25.72 5.62 -36.30
C ARG B 99 26.84 5.19 -37.22
N ASN B 100 27.77 6.10 -37.50
CA ASN B 100 28.79 5.87 -38.54
C ASN B 100 29.91 4.86 -38.15
N GLY B 101 30.39 4.94 -36.91
CA GLY B 101 31.56 4.18 -36.46
C GLY B 101 31.75 2.81 -37.08
N SER B 103 31.06 0.06 -35.64
CA SER B 103 30.90 -0.04 -34.19
C SER B 103 29.65 -0.85 -33.83
N ALA B 104 29.62 -1.32 -32.58
CA ALA B 104 28.62 -2.30 -32.16
C ALA B 104 27.21 -1.71 -31.99
N ASN B 105 26.25 -2.59 -31.76
CA ASN B 105 24.87 -2.19 -31.49
C ASN B 105 24.63 -2.03 -29.99
N SER B 106 23.67 -1.19 -29.67
CA SER B 106 23.38 -0.83 -28.30
C SER B 106 21.92 -0.46 -28.20
N ASN B 107 21.31 -0.78 -27.06
CA ASN B 107 19.95 -0.37 -26.80
C ASN B 107 19.92 1.15 -26.57
N VAL B 108 18.75 1.73 -26.78
CA VAL B 108 18.54 3.16 -26.46
C VAL B 108 17.48 3.27 -25.38
N VAL B 109 17.54 4.34 -24.61
CA VAL B 109 16.44 4.75 -23.76
C VAL B 109 15.86 6.04 -24.34
N ILE B 110 14.53 6.11 -24.42
CA ILE B 110 13.85 7.32 -24.84
C ILE B 110 13.38 8.10 -23.62
N ARG B 111 13.78 9.38 -23.53
CA ARG B 111 13.32 10.28 -22.46
C ARG B 111 12.53 11.43 -23.05
N PRO B 112 11.37 11.77 -22.46
CA PRO B 112 10.76 11.18 -21.26
C PRO B 112 10.47 9.68 -21.43
N THR B 113 10.70 8.90 -20.37
CA THR B 113 10.44 7.45 -20.39
C THR B 113 8.94 7.14 -20.48
N SER B 114 8.09 8.10 -20.10
CA SER B 114 6.65 7.95 -20.20
C SER B 114 6.14 7.76 -21.64
N LEU B 115 6.93 8.12 -22.65
CA LEU B 115 6.45 8.07 -24.03
C LEU B 115 6.23 6.63 -24.51
N ASN B 116 7.18 5.76 -24.22
CA ASN B 116 7.06 4.34 -24.58
C ASN B 116 6.65 4.12 -26.05
N PHE B 117 7.45 4.69 -26.96
CA PHE B 117 7.27 4.45 -28.39
C PHE B 117 7.84 3.07 -28.72
N PRO B 118 7.25 2.38 -29.71
CA PRO B 118 7.88 1.13 -30.15
C PRO B 118 9.30 1.35 -30.64
N VAL B 119 10.22 0.51 -30.19
CA VAL B 119 11.60 0.53 -30.64
C VAL B 119 11.96 -0.85 -31.14
N ARG B 120 12.48 -0.93 -32.36
CA ARG B 120 13.02 -2.20 -32.86
C ARG B 120 14.43 -1.99 -33.38
N TYR B 121 15.22 -3.06 -33.40
CA TYR B 121 16.61 -2.98 -33.80
C TYR B 121 16.93 -3.82 -35.03
N ASP B 122 18.04 -3.45 -35.66
CA ASP B 122 18.47 -3.96 -36.95
C ASP B 122 20.00 -4.02 -36.91
N ASN B 123 20.65 -4.29 -38.04
CA ASN B 123 22.10 -4.15 -38.14
C ASN B 123 22.53 -2.68 -38.12
N GLN B 124 22.87 -2.20 -36.93
CA GLN B 124 23.39 -0.85 -36.71
C GLN B 124 22.39 0.27 -37.05
N SER B 125 21.11 -0.02 -36.79
CA SER B 125 20.06 0.98 -36.92
C SER B 125 18.97 0.80 -35.86
N VAL B 126 18.47 1.93 -35.36
CA VAL B 126 17.36 1.94 -34.42
C VAL B 126 16.15 2.56 -35.10
N TYR B 127 15.01 1.92 -34.94
CA TYR B 127 13.76 2.35 -35.55
C TYR B 127 12.77 2.71 -34.44
N ILE B 128 12.32 3.95 -34.42
CA ILE B 128 11.36 4.39 -33.43
C ILE B 128 10.09 4.83 -34.12
N THR B 129 8.96 4.26 -33.71
CA THR B 129 7.67 4.61 -34.30
C THR B 129 7.09 5.78 -33.55
N VAL B 130 7.11 6.95 -34.18
CA VAL B 130 6.62 8.18 -33.55
C VAL B 130 5.18 8.40 -33.96
N PRO B 131 4.24 8.28 -33.01
CA PRO B 131 2.84 8.51 -33.36
C PRO B 131 2.56 9.98 -33.61
N TYR B 132 1.59 10.28 -34.45
CA TYR B 132 1.23 11.66 -34.70
C TYR B 132 0.45 12.18 -33.51
N SER B 133 0.88 13.33 -33.01
CA SER B 133 0.08 14.14 -32.12
C SER B 133 0.03 15.52 -32.73
N PRO B 134 -1.10 16.23 -32.59
CA PRO B 134 -1.13 17.58 -33.15
C PRO B 134 -0.21 18.55 -32.42
N THR B 135 0.25 18.19 -31.22
CA THR B 135 1.19 19.05 -30.50
C THR B 135 2.67 18.60 -30.65
N GLY B 136 2.90 17.51 -31.36
CA GLY B 136 4.26 17.04 -31.64
C GLY B 136 4.90 16.34 -30.46
N TYR B 137 6.17 15.96 -30.61
CA TYR B 137 6.94 15.41 -29.50
C TYR B 137 8.35 15.95 -29.54
N ARG B 138 8.95 16.06 -28.36
CA ARG B 138 10.34 16.45 -28.23
C ARG B 138 11.00 15.48 -27.28
N PHE B 139 11.95 14.70 -27.76
CA PHE B 139 12.53 13.65 -26.93
C PHE B 139 14.00 13.40 -27.21
N SER B 140 14.63 12.69 -26.27
CA SER B 140 16.07 12.38 -26.31
C SER B 140 16.27 10.90 -26.56
N VAL B 141 17.10 10.56 -27.54
CA VAL B 141 17.45 9.17 -27.82
C VAL B 141 18.84 8.90 -27.26
N GLU B 142 18.92 8.01 -26.29
CA GLU B 142 20.14 7.83 -25.50
C GLU B 142 20.70 6.40 -25.61
N PHE B 143 21.83 6.28 -26.31
CA PHE B 143 22.50 4.99 -26.49
C PHE B 143 23.27 4.60 -25.22
N ASP B 144 22.99 3.39 -24.72
CA ASP B 144 23.63 2.89 -23.49
C ASP B 144 25.15 2.94 -23.56
N ASP B 145 25.71 2.54 -24.69
CA ASP B 145 27.16 2.49 -24.84
C ASP B 145 27.80 3.87 -25.08
N ASP B 146 26.98 4.94 -25.07
CA ASP B 146 27.45 6.34 -25.17
C ASP B 146 27.31 7.06 -23.82
N LEU B 147 26.70 6.40 -22.84
CA LEU B 147 26.52 6.99 -21.52
C LEU B 147 27.87 7.21 -20.82
N ILE B 148 27.98 8.32 -20.11
CA ILE B 148 29.15 8.65 -19.29
C ILE B 148 28.69 9.11 -17.92
N SER B 149 29.65 9.25 -17.00
CA SER B 149 29.35 9.74 -15.67
C SER B 149 29.84 11.17 -15.54
N LEU B 150 28.95 12.06 -15.08
CA LEU B 150 29.28 13.47 -14.90
C LEU B 150 29.58 13.75 -13.43
N ALA B 151 30.81 14.15 -13.16
CA ALA B 151 31.26 14.46 -11.82
C ALA B 151 30.84 15.87 -11.45
N PRO B 152 30.55 16.12 -10.17
CA PRO B 152 30.67 15.17 -9.07
C PRO B 152 29.38 14.42 -8.79
N SER B 153 28.32 14.70 -9.56
CA SER B 153 27.01 14.10 -9.28
C SER B 153 26.95 12.61 -9.59
N GLY B 154 27.79 12.15 -10.52
CA GLY B 154 27.72 10.79 -11.03
C GLY B 154 26.55 10.55 -11.98
N ALA B 155 25.90 11.63 -12.45
CA ALA B 155 24.76 11.49 -13.35
C ALA B 155 25.16 10.74 -14.62
N ARG B 156 24.33 9.78 -15.01
CA ARG B 156 24.58 8.96 -16.18
C ARG B 156 23.84 9.56 -17.36
N GLN B 157 24.59 10.11 -18.31
CA GLN B 157 23.99 10.81 -19.46
C GLN B 157 24.77 10.57 -20.76
N PRO B 158 24.10 10.74 -21.92
CA PRO B 158 24.83 10.67 -23.18
C PRO B 158 25.98 11.66 -23.26
N GLU B 159 27.13 11.17 -23.71
CA GLU B 159 28.20 12.07 -24.13
C GLU B 159 27.79 12.82 -25.40
N ASN B 160 27.06 12.14 -26.28
CA ASN B 160 26.66 12.72 -27.56
C ASN B 160 25.16 12.60 -27.72
N ALA B 161 24.45 13.59 -27.17
CA ALA B 161 23.00 13.56 -27.14
C ALA B 161 22.41 13.67 -28.54
N LEU B 162 21.22 13.10 -28.71
CA LEU B 162 20.45 13.20 -29.94
C LEU B 162 19.00 13.44 -29.55
N LEU B 163 18.47 14.57 -29.98
CA LEU B 163 17.12 15.01 -29.70
C LEU B 163 16.31 14.98 -30.98
N ILE B 164 15.04 14.58 -30.87
CA ILE B 164 14.16 14.49 -32.02
C ILE B 164 13.00 15.45 -31.77
N PHE B 165 12.77 16.36 -32.70
CA PHE B 165 11.63 17.27 -32.60
C PHE B 165 10.67 16.99 -33.74
N ALA B 166 9.63 16.20 -33.45
CA ALA B 166 8.57 15.90 -34.42
C ALA B 166 7.45 16.90 -34.20
N SER B 167 7.19 17.76 -35.20
CA SER B 167 6.26 18.87 -35.05
C SER B 167 5.11 18.82 -36.06
N PRO B 168 3.97 19.42 -35.70
CA PRO B 168 2.87 19.55 -36.65
C PRO B 168 3.20 20.50 -37.79
N PHE B 169 2.53 20.33 -38.92
CA PHE B 169 2.66 21.26 -40.05
C PHE B 169 2.23 22.67 -39.65
N GLU B 170 2.70 23.66 -40.40
CA GLU B 170 2.45 25.07 -40.08
C GLU B 170 1.18 25.61 -40.75
N ASN B 171 0.30 26.21 -39.96
CA ASN B 171 -0.91 26.83 -40.47
C ASN B 171 -0.73 28.31 -40.78
N SER B 172 -1.82 28.94 -41.23
CA SER B 172 -1.78 30.32 -41.71
C SER B 172 -1.37 31.32 -40.64
N SER B 173 -1.56 30.96 -39.37
CA SER B 173 -1.14 31.83 -38.28
C SER B 173 0.35 31.70 -37.91
N THR B 174 1.04 30.66 -38.37
CA THR B 174 2.48 30.54 -38.10
C THR B 174 3.37 30.51 -39.35
N LYS B 175 2.76 30.43 -40.53
CA LYS B 175 3.50 30.50 -41.80
C LYS B 175 2.97 31.63 -42.66
N PRO B 176 3.82 32.63 -42.96
CA PRO B 176 3.33 33.73 -43.79
C PRO B 176 2.86 33.21 -45.12
N GLN B 177 1.69 33.67 -45.52
CA GLN B 177 1.17 33.47 -46.86
C GLN B 177 2.22 33.92 -47.87
N PRO B 178 2.45 33.12 -48.91
CA PRO B 178 3.43 33.55 -49.91
C PRO B 178 2.97 34.84 -50.66
N GLY B 179 3.91 35.74 -50.88
CA GLY B 179 3.64 37.01 -51.56
C GLY B 179 2.84 38.02 -50.75
N SER B 180 2.80 37.86 -49.43
CA SER B 180 2.06 38.79 -48.58
C SER B 180 2.67 40.18 -48.71
N PRO B 181 1.82 41.24 -48.63
CA PRO B 181 2.30 42.60 -48.83
C PRO B 181 3.30 43.02 -47.75
N ASN B 182 4.17 43.99 -48.08
CA ASN B 182 5.22 44.47 -47.17
C ASN B 182 5.97 43.31 -46.54
N SER B 183 6.38 42.38 -47.38
CA SER B 183 7.19 41.24 -47.01
C SER B 183 8.62 41.45 -47.53
N ILE B 184 9.60 40.91 -46.82
CA ILE B 184 10.98 40.92 -47.30
C ILE B 184 11.62 39.55 -47.05
N ALA B 185 12.23 38.97 -48.08
CA ALA B 185 12.86 37.66 -47.98
C ALA B 185 14.36 37.73 -48.26
N PRO B 186 15.18 37.97 -47.22
CA PRO B 186 16.63 38.11 -47.43
C PRO B 186 17.27 36.92 -48.15
N ALA B 187 18.27 37.23 -48.96
CA ALA B 187 19.07 36.23 -49.65
C ALA B 187 19.99 35.54 -48.64
N PRO B 188 20.37 34.29 -48.91
CA PRO B 188 21.34 33.64 -48.02
C PRO B 188 22.64 34.44 -47.88
N GLY B 189 23.27 34.32 -46.71
CA GLY B 189 24.53 35.01 -46.43
C GLY B 189 24.34 36.02 -45.32
N ARG B 190 25.18 37.05 -45.32
CA ARG B 190 25.01 38.17 -44.40
C ARG B 190 23.67 38.86 -44.66
N VAL B 191 22.90 39.09 -43.60
CA VAL B 191 21.62 39.78 -43.73
C VAL B 191 21.83 41.21 -43.26
N LEU B 192 21.50 42.18 -44.12
CA LEU B 192 21.69 43.60 -43.79
C LEU B 192 20.43 44.40 -44.09
N GLY B 193 20.18 45.44 -43.29
CA GLY B 193 19.11 46.40 -43.56
C GLY B 193 17.75 46.11 -42.92
N LEU B 194 17.68 45.09 -42.06
CA LEU B 194 16.43 44.74 -41.40
C LEU B 194 16.07 45.72 -40.30
N ASN B 195 17.09 46.39 -39.75
CA ASN B 195 16.84 47.46 -38.77
C ASN B 195 16.23 48.74 -39.34
N THR B 196 16.28 48.89 -40.66
CA THR B 196 15.74 50.07 -41.34
C THR B 196 14.68 49.74 -42.40
N THR B 197 14.30 48.47 -42.54
CA THR B 197 13.27 48.06 -43.50
C THR B 197 11.90 48.62 -43.13
N SER B 198 11.04 48.78 -44.13
CA SER B 198 9.67 49.21 -43.87
C SER B 198 8.69 48.03 -44.03
N ALA B 199 9.21 46.85 -44.33
CA ALA B 199 8.40 45.64 -44.35
C ALA B 199 7.88 45.32 -42.95
N SER B 200 6.72 44.65 -42.91
CA SER B 200 6.14 44.20 -41.64
C SER B 200 6.43 42.73 -41.34
N THR B 201 6.86 41.99 -42.36
CA THR B 201 7.13 40.58 -42.24
C THR B 201 8.48 40.23 -42.87
N VAL B 202 9.30 39.49 -42.13
CA VAL B 202 10.61 39.06 -42.60
C VAL B 202 10.55 37.55 -42.77
N VAL B 203 10.99 37.06 -43.92
CA VAL B 203 10.85 35.65 -44.24
C VAL B 203 12.21 35.05 -44.54
N PHE B 204 12.65 34.12 -43.71
CA PHE B 204 13.87 33.35 -44.00
C PHE B 204 13.50 32.03 -44.68
N ASN B 205 13.66 31.99 -46.00
CA ASN B 205 13.43 30.77 -46.77
C ASN B 205 14.55 29.76 -46.49
N PRO B 206 14.37 28.49 -46.89
CA PRO B 206 15.44 27.50 -46.67
C PRO B 206 16.80 27.99 -47.15
N GLY B 207 17.82 27.78 -46.33
CA GLY B 207 19.16 28.31 -46.63
C GLY B 207 19.85 28.80 -45.37
N VAL B 208 21.08 29.27 -45.52
CA VAL B 208 21.87 29.71 -44.37
C VAL B 208 22.07 31.23 -44.38
N TYR B 209 21.87 31.82 -43.20
CA TYR B 209 21.98 33.26 -42.99
C TYR B 209 22.78 33.52 -41.72
N TYR B 210 23.42 34.68 -41.65
CA TYR B 210 24.22 35.03 -40.49
C TYR B 210 24.31 36.53 -40.28
N PHE B 211 24.43 36.92 -39.01
CA PHE B 211 24.57 38.32 -38.62
C PHE B 211 25.97 38.65 -38.06
N THR B 212 26.85 37.65 -38.02
CA THR B 212 28.14 37.70 -37.35
C THR B 212 28.01 37.84 -35.84
N GLY B 213 29.14 37.65 -35.17
CA GLY B 213 29.23 37.86 -33.73
C GLY B 213 29.35 39.31 -33.28
N HIS B 214 29.22 40.25 -34.22
CA HIS B 214 29.35 41.68 -33.91
C HIS B 214 28.23 42.47 -34.57
N ASP B 215 27.04 41.86 -34.64
CA ASP B 215 25.81 42.50 -35.12
C ASP B 215 24.70 41.54 -34.72
N HIS B 216 23.45 41.97 -34.77
CA HIS B 216 22.34 41.05 -34.53
C HIS B 216 21.11 41.50 -35.28
N MET B 217 20.05 40.70 -35.23
CA MET B 217 18.88 40.98 -36.03
C MET B 217 18.01 41.99 -35.29
N VAL B 218 18.43 43.25 -35.32
CA VAL B 218 17.58 44.34 -34.89
C VAL B 218 16.55 44.53 -36.00
N LEU B 219 15.28 44.47 -35.66
CA LEU B 219 14.20 44.58 -36.64
C LEU B 219 13.56 45.94 -36.48
N SER B 220 13.35 46.66 -37.59
CA SER B 220 12.73 48.00 -37.55
C SER B 220 11.36 47.96 -36.88
N SER B 221 10.81 49.14 -36.62
CA SER B 221 9.54 49.24 -35.88
C SER B 221 8.31 48.85 -36.71
N SER B 222 8.46 48.68 -38.02
CA SER B 222 7.35 48.20 -38.82
C SER B 222 7.25 46.65 -38.83
N VAL B 223 8.30 45.97 -38.37
CA VAL B 223 8.38 44.49 -38.43
C VAL B 223 7.62 43.83 -37.29
N THR B 224 6.51 43.18 -37.64
CA THR B 224 5.67 42.48 -36.67
C THR B 224 5.73 40.94 -36.79
N TRP B 225 6.40 40.43 -37.82
CA TRP B 225 6.53 38.98 -37.99
C TRP B 225 7.91 38.63 -38.56
N VAL B 226 8.63 37.75 -37.86
CA VAL B 226 9.81 37.12 -38.44
C VAL B 226 9.56 35.60 -38.53
N TYR B 227 9.81 35.03 -39.70
CA TYR B 227 9.48 33.64 -40.01
C TYR B 227 10.71 32.83 -40.38
N PHE B 228 10.95 31.76 -39.62
CA PHE B 228 12.07 30.85 -39.86
C PHE B 228 11.54 29.58 -40.50
N ALA B 229 11.72 29.45 -41.81
CA ALA B 229 11.18 28.29 -42.52
C ALA B 229 11.87 27.02 -42.05
N PRO B 230 11.17 25.89 -42.15
CA PRO B 230 11.87 24.61 -42.01
C PRO B 230 12.99 24.57 -43.05
N GLY B 231 14.21 24.28 -42.61
CA GLY B 231 15.39 24.35 -43.49
C GLY B 231 16.08 25.71 -43.52
N ALA B 232 15.58 26.68 -42.76
CA ALA B 232 16.33 27.93 -42.59
C ALA B 232 17.18 27.83 -41.34
N TYR B 233 18.44 28.21 -41.47
CA TYR B 233 19.37 28.24 -40.36
C TYR B 233 19.94 29.66 -40.27
N VAL B 234 19.51 30.39 -39.26
CA VAL B 234 19.91 31.78 -39.09
C VAL B 234 20.82 31.92 -37.86
N LYS B 235 22.05 32.35 -38.08
CA LYS B 235 22.98 32.65 -36.99
C LYS B 235 22.69 34.08 -36.60
N GLY B 236 22.22 34.27 -35.38
CA GLY B 236 21.80 35.60 -34.96
C GLY B 236 21.03 35.63 -33.66
N ALA B 237 20.46 36.80 -33.37
CA ALA B 237 19.65 37.04 -32.18
C ALA B 237 18.62 38.11 -32.54
N VAL B 238 17.38 37.93 -32.07
CA VAL B 238 16.26 38.75 -32.52
C VAL B 238 15.95 39.86 -31.52
N GLU B 239 15.81 41.08 -32.04
CA GLU B 239 15.35 42.21 -31.24
C GLU B 239 14.27 42.98 -32.01
N PHE B 240 13.04 42.93 -31.51
CA PHE B 240 11.92 43.64 -32.10
C PHE B 240 11.90 45.10 -31.61
N LEU B 241 11.85 46.04 -32.53
CA LEU B 241 11.65 47.45 -32.16
C LEU B 241 10.18 47.83 -32.25
N SER B 242 9.38 47.03 -32.95
CA SER B 242 7.96 47.29 -33.02
C SER B 242 7.29 47.28 -31.65
N THR B 243 6.45 48.29 -31.41
CA THR B 243 5.64 48.42 -30.19
C THR B 243 4.16 48.09 -30.45
N ALA B 244 3.88 47.42 -31.57
CA ALA B 244 2.53 47.08 -31.99
C ALA B 244 1.86 46.03 -31.11
N SER B 245 0.58 45.78 -31.41
CA SER B 245 -0.23 44.80 -30.67
C SER B 245 0.35 43.40 -30.64
N GLU B 246 0.94 42.99 -31.76
CA GLU B 246 1.55 41.69 -31.84
C GLU B 246 2.92 41.77 -32.50
N VAL B 247 3.89 41.09 -31.90
CA VAL B 247 5.13 40.73 -32.57
C VAL B 247 5.21 39.22 -32.53
N LYS B 248 5.62 38.63 -33.65
CA LYS B 248 5.61 37.18 -33.79
C LYS B 248 6.91 36.62 -34.34
N ALA B 249 7.39 35.55 -33.72
CA ALA B 249 8.49 34.76 -34.25
C ALA B 249 8.02 33.31 -34.39
N SER B 250 7.97 32.78 -35.61
CA SER B 250 7.38 31.47 -35.86
C SER B 250 8.14 30.70 -36.93
N GLY B 251 7.69 29.47 -37.19
CA GLY B 251 8.34 28.60 -38.17
C GLY B 251 9.30 27.64 -37.51
N HIS B 252 9.66 26.56 -38.21
CA HIS B 252 10.42 25.45 -37.61
C HIS B 252 11.90 25.45 -37.94
N GLY B 253 12.39 26.57 -38.44
CA GLY B 253 13.81 26.75 -38.62
C GLY B 253 14.53 27.00 -37.31
N VAL B 254 15.82 27.31 -37.44
CA VAL B 254 16.72 27.46 -36.31
C VAL B 254 17.26 28.91 -36.24
N LEU B 255 17.30 29.45 -35.03
CA LEU B 255 18.01 30.71 -34.73
C LEU B 255 19.13 30.37 -33.76
N SER B 256 20.38 30.51 -34.21
CA SER B 256 21.55 30.07 -33.45
C SER B 256 22.38 31.26 -33.01
N GLY B 257 22.73 31.31 -31.73
CA GLY B 257 23.60 32.38 -31.22
C GLY B 257 25.08 32.02 -31.21
N GLU B 258 25.47 31.06 -32.04
CA GLU B 258 26.79 30.43 -31.97
C GLU B 258 27.97 31.35 -32.34
N GLN B 259 27.70 32.48 -32.99
CA GLN B 259 28.75 33.39 -33.40
C GLN B 259 29.14 34.39 -32.32
N TYR B 260 28.30 34.51 -31.28
CA TYR B 260 28.51 35.45 -30.18
C TYR B 260 29.30 34.81 -29.03
N VAL B 261 30.28 35.54 -28.52
CA VAL B 261 30.97 35.11 -27.31
C VAL B 261 29.99 35.18 -26.13
N TRP B 262 30.31 34.45 -25.06
CA TRP B 262 29.50 34.46 -23.86
C TRP B 262 29.34 35.88 -23.34
N TYR B 263 28.11 36.20 -22.92
CA TYR B 263 27.80 37.47 -22.32
C TYR B 263 28.07 38.63 -23.28
N ALA B 264 28.01 38.36 -24.59
CA ALA B 264 28.24 39.41 -25.58
C ALA B 264 27.36 40.62 -25.32
N ASP B 265 27.98 41.80 -25.23
CA ASP B 265 27.28 43.03 -24.96
C ASP B 265 27.18 43.87 -26.23
N PRO B 266 25.96 44.01 -26.79
CA PRO B 266 25.83 44.76 -28.06
C PRO B 266 26.20 46.25 -28.00
N ASP B 267 26.41 46.81 -26.81
CA ASP B 267 26.88 48.19 -26.64
C ASP B 267 28.39 48.31 -26.49
N GLU B 268 29.07 47.20 -26.22
CA GLU B 268 30.53 47.17 -26.08
C GLU B 268 31.13 46.41 -27.26
N GLY B 269 30.63 46.67 -28.46
CA GLY B 269 31.07 45.97 -29.66
C GLY B 269 30.91 44.45 -29.60
N TYR B 270 29.90 43.98 -28.88
CA TYR B 270 29.62 42.55 -28.75
C TYR B 270 30.78 41.77 -28.14
N GLN B 271 31.65 42.48 -27.41
CA GLN B 271 32.68 41.86 -26.60
C GLN B 271 32.02 41.44 -25.30
N LYS B 272 32.64 40.47 -24.61
CA LYS B 272 32.17 40.06 -23.30
C LYS B 272 31.89 41.29 -22.43
N ALA B 273 30.67 41.37 -21.88
CA ALA B 273 30.32 42.45 -20.96
C ALA B 273 31.39 42.55 -19.87
N SER B 274 31.95 43.74 -19.68
CA SER B 274 33.13 43.92 -18.81
C SER B 274 32.82 43.70 -17.33
N ALA B 276 30.03 42.59 -16.08
CA ALA B 276 28.94 41.87 -15.44
C ALA B 276 27.71 42.77 -15.21
N ASN B 277 27.39 43.59 -16.22
CA ASN B 277 26.28 44.57 -16.13
C ASN B 277 24.90 44.00 -16.53
N ASN B 278 24.80 42.67 -16.60
CA ASN B 278 23.57 41.96 -16.99
C ASN B 278 23.05 42.36 -18.39
N ASN B 279 23.92 42.96 -19.21
CA ASN B 279 23.52 43.52 -20.50
C ASN B 279 23.89 42.63 -21.68
N GLY B 280 24.08 41.34 -21.42
CA GLY B 280 24.37 40.39 -22.47
C GLY B 280 23.27 40.34 -23.51
N LEU B 281 23.65 39.97 -24.73
CA LEU B 281 22.72 39.87 -25.84
C LEU B 281 21.70 38.77 -25.60
N ARG B 282 20.42 39.12 -25.74
CA ARG B 282 19.30 38.16 -25.64
C ARG B 282 19.01 37.55 -27.00
N MET B 283 18.52 36.31 -27.01
CA MET B 283 18.04 35.69 -28.24
C MET B 283 16.71 36.30 -28.68
N TRP B 284 15.87 36.71 -27.71
CA TRP B 284 14.59 37.35 -27.99
C TRP B 284 14.49 38.65 -27.19
N ARG B 285 14.33 39.77 -27.87
CA ARG B 285 14.08 41.03 -27.18
C ARG B 285 12.98 41.82 -27.86
N GLY B 286 12.14 42.45 -27.06
CA GLY B 286 11.08 43.28 -27.60
C GLY B 286 11.01 44.61 -26.91
N THR B 287 10.19 45.48 -27.47
CA THR B 287 10.08 46.88 -27.04
C THR B 287 8.62 47.23 -26.84
N LEU B 288 8.31 47.88 -25.72
CA LEU B 288 6.95 48.28 -25.39
C LEU B 288 6.78 49.79 -25.46
N GLY B 289 5.70 50.23 -26.11
CA GLY B 289 5.22 51.60 -26.00
C GLY B 289 4.28 51.66 -24.81
N ASN B 290 3.15 52.33 -24.95
CA ASN B 290 2.16 52.45 -23.88
C ASN B 290 0.91 51.62 -24.12
N SER B 291 0.96 50.74 -25.12
CA SER B 291 -0.16 49.85 -25.41
C SER B 291 0.23 48.38 -25.25
N SER B 292 -0.77 47.51 -25.23
CA SER B 292 -0.59 46.09 -24.94
C SER B 292 0.07 45.36 -26.08
N GLN B 293 0.94 44.41 -25.76
CA GLN B 293 1.58 43.61 -26.79
C GLN B 293 1.54 42.13 -26.48
N THR B 294 1.35 41.33 -27.50
CA THR B 294 1.48 39.89 -27.37
C THR B 294 2.68 39.45 -28.20
N PHE B 295 3.59 38.70 -27.55
CA PHE B 295 4.70 38.03 -28.23
C PHE B 295 4.27 36.61 -28.49
N VAL B 296 4.13 36.24 -29.76
CA VAL B 296 3.77 34.90 -30.15
C VAL B 296 5.04 34.21 -30.65
N LEU B 297 5.34 33.07 -30.03
CA LEU B 297 6.53 32.28 -30.35
C LEU B 297 6.16 30.83 -30.56
N ASN B 298 6.46 30.32 -31.75
CA ASN B 298 5.89 29.07 -32.23
C ASN B 298 6.80 28.35 -33.22
N GLY B 299 7.16 27.11 -32.90
CA GLY B 299 7.87 26.24 -33.83
C GLY B 299 9.39 26.30 -33.76
N VAL B 300 9.92 27.49 -33.47
CA VAL B 300 11.35 27.78 -33.64
C VAL B 300 12.22 26.94 -32.70
N THR B 301 13.39 26.54 -33.20
CA THR B 301 14.46 26.03 -32.39
C THR B 301 15.50 27.14 -32.18
N VAL B 302 15.79 27.47 -30.92
CA VAL B 302 16.92 28.31 -30.56
C VAL B 302 18.10 27.45 -30.11
N SER B 303 19.27 27.69 -30.69
CA SER B 303 20.49 27.00 -30.31
C SER B 303 21.57 27.97 -29.83
N ALA B 304 22.34 27.50 -28.84
CA ALA B 304 23.55 28.18 -28.38
C ALA B 304 23.33 29.66 -28.04
N PRO B 305 22.47 29.94 -27.04
CA PRO B 305 22.35 31.31 -26.58
C PRO B 305 23.63 31.77 -25.88
N PRO B 306 24.08 33.00 -26.16
CA PRO B 306 25.27 33.52 -25.47
C PRO B 306 25.01 33.99 -24.03
N PHE B 307 23.75 34.14 -23.64
CA PHE B 307 23.39 34.68 -22.34
C PHE B 307 21.91 34.32 -22.05
N ASN B 308 21.24 35.11 -21.20
CA ASN B 308 19.79 34.97 -20.97
C ASN B 308 19.07 34.95 -22.28
N SER B 309 18.00 34.16 -22.38
CA SER B 309 17.34 34.02 -23.67
C SER B 309 16.37 35.15 -23.98
N MET B 310 15.83 35.83 -22.98
CA MET B 310 14.77 36.80 -23.25
C MET B 310 14.54 37.91 -22.24
N ASP B 311 14.18 39.09 -22.78
CA ASP B 311 13.86 40.29 -21.98
CA ASP B 311 13.75 40.21 -21.97
C ASP B 311 13.12 41.30 -22.85
N TRP B 312 12.03 41.86 -22.35
CA TRP B 312 11.29 42.94 -23.00
C TRP B 312 11.60 44.20 -22.20
N SER B 313 11.38 45.37 -22.78
CA SER B 313 11.54 46.61 -22.02
C SER B 313 10.80 47.76 -22.67
N GLY B 314 10.77 48.90 -21.96
CA GLY B 314 10.20 50.14 -22.50
C GLY B 314 9.02 50.68 -21.72
N ASN B 315 8.32 49.81 -21.00
CA ASN B 315 7.17 50.22 -20.18
C ASN B 315 6.84 49.12 -19.18
N SER B 316 5.73 49.25 -18.46
CA SER B 316 5.31 48.22 -17.51
C SER B 316 5.21 46.87 -18.22
N LEU B 317 5.65 45.83 -17.51
CA LEU B 317 5.61 44.47 -18.04
C LEU B 317 4.19 43.88 -18.00
N ASP B 318 3.27 44.56 -17.31
CA ASP B 318 1.85 44.28 -17.46
C ASP B 318 1.37 44.45 -18.89
N LEU B 319 2.09 45.23 -19.68
CA LEU B 319 1.71 45.46 -21.08
C LEU B 319 2.14 44.35 -22.05
N ILE B 320 2.89 43.36 -21.57
CA ILE B 320 3.36 42.25 -22.42
C ILE B 320 2.81 40.90 -21.94
N THR B 321 2.38 40.07 -22.89
CA THR B 321 2.01 38.68 -22.60
C THR B 321 2.56 37.77 -23.69
N CYS B 322 2.82 36.50 -23.36
CA CYS B 322 3.41 35.55 -24.32
C CYS B 322 2.48 34.40 -24.65
N ARG B 323 2.55 33.95 -25.90
CA ARG B 323 1.90 32.71 -26.35
C ARG B 323 2.98 31.86 -27.01
N VAL B 324 3.46 30.86 -26.26
CA VAL B 324 4.59 30.04 -26.70
C VAL B 324 4.18 28.60 -26.92
N ASP B 325 4.47 28.07 -28.12
CA ASP B 325 4.13 26.69 -28.47
C ASP B 325 5.19 26.03 -29.32
N ASP B 326 5.48 24.77 -29.04
CA ASP B 326 6.26 23.94 -29.98
C ASP B 326 7.62 24.61 -30.17
N TYR B 327 8.24 24.96 -29.05
CA TYR B 327 9.48 25.76 -29.02
C TYR B 327 10.60 24.99 -28.34
N LYS B 328 11.81 25.07 -28.89
CA LYS B 328 12.96 24.34 -28.33
C LYS B 328 14.15 25.24 -28.13
N GLN B 329 14.82 25.09 -26.98
CA GLN B 329 16.17 25.66 -26.75
C GLN B 329 17.18 24.51 -26.62
N VAL B 330 18.21 24.52 -27.46
CA VAL B 330 19.22 23.46 -27.47
C VAL B 330 20.64 24.01 -27.38
N GLY B 331 21.59 23.13 -27.12
CA GLY B 331 23.00 23.50 -27.10
C GLY B 331 23.37 24.69 -26.25
N ALA B 332 22.67 24.86 -25.13
CA ALA B 332 22.87 25.96 -24.20
C ALA B 332 23.95 25.65 -23.13
N PHE B 333 25.19 25.44 -23.59
CA PHE B 333 26.27 25.01 -22.68
C PHE B 333 26.84 26.12 -21.81
N TYR B 334 26.54 27.38 -22.14
CA TYR B 334 27.07 28.48 -21.37
C TYR B 334 26.30 28.70 -20.08
N GLY B 335 26.96 29.30 -19.11
CA GLY B 335 26.32 29.75 -17.87
C GLY B 335 25.31 30.82 -18.22
N GLN B 336 24.31 30.96 -17.36
CA GLN B 336 23.26 31.97 -17.47
C GLN B 336 22.36 31.85 -18.71
N THR B 337 22.18 30.62 -19.19
CA THR B 337 21.30 30.35 -20.33
C THR B 337 19.89 29.93 -19.90
N ASP B 338 19.22 30.83 -19.18
CA ASP B 338 17.89 30.58 -18.65
C ASP B 338 16.82 30.46 -19.74
N GLY B 339 15.64 30.00 -19.34
CA GLY B 339 14.49 29.93 -20.25
C GLY B 339 13.82 31.28 -20.48
N LEU B 340 12.64 31.22 -21.07
CA LEU B 340 11.92 32.42 -21.48
C LEU B 340 11.35 33.14 -20.28
N GLU B 341 11.05 34.42 -20.46
CA GLU B 341 10.20 35.12 -19.51
C GLU B 341 8.77 34.79 -19.86
N MET B 342 7.98 34.52 -18.83
CA MET B 342 6.55 34.26 -19.01
C MET B 342 5.81 35.41 -18.35
N TYR B 343 5.55 36.43 -19.15
CA TYR B 343 4.94 37.66 -18.67
C TYR B 343 3.45 37.47 -18.36
N PRO B 344 2.83 38.41 -17.63
CA PRO B 344 1.43 38.19 -17.19
C PRO B 344 0.49 37.68 -18.27
N GLY B 345 -0.28 36.65 -17.95
CA GLY B 345 -1.28 36.10 -18.90
C GLY B 345 -0.71 35.06 -19.85
N THR B 346 0.57 34.73 -19.70
CA THR B 346 1.25 33.82 -20.63
C THR B 346 0.65 32.41 -20.66
N ILE B 347 0.56 31.85 -21.87
CA ILE B 347 0.24 30.45 -22.05
C ILE B 347 1.41 29.85 -22.81
N LEU B 348 2.10 28.92 -22.16
CA LEU B 348 3.29 28.30 -22.73
C LEU B 348 3.09 26.80 -22.70
N GLN B 349 3.28 26.14 -23.84
CA GLN B 349 3.10 24.70 -23.90
C GLN B 349 3.95 24.02 -24.94
N ASP B 350 4.32 22.77 -24.64
CA ASP B 350 5.00 21.90 -25.60
C ASP B 350 6.38 22.42 -25.96
N VAL B 351 7.21 22.50 -24.94
CA VAL B 351 8.50 23.16 -25.02
C VAL B 351 9.60 22.22 -24.59
N PHE B 352 10.75 22.31 -25.26
CA PHE B 352 11.98 21.63 -24.81
C PHE B 352 13.00 22.69 -24.37
N TYR B 353 13.50 22.55 -23.14
CA TYR B 353 14.54 23.43 -22.60
C TYR B 353 15.80 22.65 -22.23
N HIS B 354 16.90 22.97 -22.89
CA HIS B 354 18.22 22.69 -22.39
C HIS B 354 18.67 24.01 -21.77
N THR B 355 19.03 23.98 -20.50
CA THR B 355 19.29 25.23 -19.78
C THR B 355 20.32 25.03 -18.70
N ASP B 356 21.26 25.97 -18.61
CA ASP B 356 22.21 26.01 -17.49
C ASP B 356 21.97 27.18 -16.54
N ASP B 357 20.71 27.58 -16.41
CA ASP B 357 20.32 28.56 -15.38
C ASP B 357 18.82 28.43 -15.15
N ASP B 358 18.19 29.44 -14.56
CA ASP B 358 16.78 29.38 -14.16
C ASP B 358 15.93 28.86 -15.32
N GLY B 359 15.20 27.78 -15.06
CA GLY B 359 14.41 27.14 -16.10
C GLY B 359 13.04 27.76 -16.26
N LEU B 360 12.14 27.47 -15.35
CA LEU B 360 10.80 28.07 -15.36
C LEU B 360 10.77 29.25 -14.40
N LYS B 361 10.80 30.44 -14.96
CA LYS B 361 10.85 31.64 -14.15
C LYS B 361 9.45 32.11 -13.81
N MET B 362 9.00 31.74 -12.61
CA MET B 362 7.66 32.06 -12.14
C MET B 362 7.67 33.44 -11.49
N TYR B 363 7.72 34.47 -12.34
CA TYR B 363 7.84 35.86 -11.89
C TYR B 363 6.58 36.67 -12.11
N TYR B 364 5.59 36.12 -12.81
CA TYR B 364 4.40 36.90 -13.17
C TYR B 364 3.11 36.11 -13.00
N SER B 365 2.02 36.87 -12.82
CA SER B 365 0.70 36.33 -12.52
C SER B 365 -0.05 35.78 -13.73
N ASN B 366 -1.01 34.90 -13.45
CA ASN B 366 -1.96 34.38 -14.42
C ASN B 366 -1.29 33.65 -15.57
N VAL B 367 -0.33 32.81 -15.20
CA VAL B 367 0.49 32.11 -16.15
C VAL B 367 0.17 30.63 -16.11
N THR B 368 0.11 30.02 -17.29
CA THR B 368 -0.10 28.61 -17.48
C THR B 368 1.04 28.07 -18.34
N ALA B 369 1.78 27.11 -17.80
CA ALA B 369 2.86 26.46 -18.53
C ALA B 369 2.67 24.95 -18.44
N ARG B 370 2.61 24.27 -19.58
CA ARG B 370 2.41 22.82 -19.58
C ARG B 370 3.18 22.06 -20.65
N ASN B 371 3.39 20.78 -20.37
CA ASN B 371 3.98 19.83 -21.33
C ASN B 371 5.38 20.25 -21.76
N ILE B 372 6.29 20.22 -20.79
CA ILE B 372 7.62 20.75 -20.91
C ILE B 372 8.62 19.65 -20.59
N VAL B 373 9.58 19.48 -21.50
CA VAL B 373 10.71 18.58 -21.33
C VAL B 373 11.95 19.44 -21.06
N MET B 374 12.59 19.19 -19.92
CA MET B 374 13.77 19.97 -19.52
C MET B 374 15.02 19.11 -19.31
N TRP B 375 16.09 19.51 -19.98
CA TRP B 375 17.43 18.99 -19.72
C TRP B 375 18.20 20.05 -18.92
N LYS B 376 18.01 20.01 -17.61
CA LYS B 376 18.68 20.91 -16.69
C LYS B 376 20.15 20.55 -16.64
N GLU B 377 21.02 21.54 -16.78
CA GLU B 377 22.46 21.30 -16.72
C GLU B 377 22.98 21.32 -15.27
N SER B 378 23.70 22.36 -14.84
CA SER B 378 24.33 22.33 -13.52
C SER B 378 24.04 23.50 -12.59
N VAL B 379 23.31 24.51 -13.05
CA VAL B 379 23.07 25.70 -12.24
C VAL B 379 21.58 26.11 -12.21
N ALA B 380 21.17 26.61 -11.04
CA ALA B 380 19.85 27.19 -10.81
C ALA B 380 18.76 26.14 -10.74
N PRO B 381 17.64 26.45 -10.04
CA PRO B 381 16.59 25.45 -9.90
C PRO B 381 15.83 25.26 -11.20
N VAL B 382 14.97 24.25 -11.24
CA VAL B 382 14.10 23.97 -12.38
C VAL B 382 13.05 25.06 -12.48
N VAL B 383 12.42 25.36 -11.34
CA VAL B 383 11.47 26.46 -11.20
C VAL B 383 12.07 27.49 -10.24
N GLU B 384 12.00 28.76 -10.63
CA GLU B 384 12.59 29.85 -9.86
C GLU B 384 11.55 30.93 -9.55
N PHE B 385 11.50 31.35 -8.29
CA PHE B 385 10.69 32.52 -7.91
C PHE B 385 11.32 33.33 -6.77
N GLY B 386 12.65 33.44 -6.81
CA GLY B 386 13.42 34.24 -5.86
C GLY B 386 13.99 35.48 -6.51
N TRP B 387 15.14 35.95 -5.99
CA TRP B 387 15.86 37.15 -6.52
C TRP B 387 15.26 38.50 -6.15
N THR B 388 13.96 38.67 -6.37
CA THR B 388 13.23 39.90 -6.02
C THR B 388 11.83 39.53 -5.53
N PRO B 389 11.35 40.15 -4.44
CA PRO B 389 10.00 39.78 -4.00
C PRO B 389 8.92 40.33 -4.92
N ARG B 390 7.78 39.65 -4.95
CA ARG B 390 6.77 39.88 -5.96
C ARG B 390 5.38 39.59 -5.44
N ASN B 391 4.41 40.31 -6.00
CA ASN B 391 3.03 39.91 -5.97
C ASN B 391 2.82 39.08 -7.22
N THR B 392 2.69 37.78 -7.05
CA THR B 392 2.54 36.85 -8.15
C THR B 392 1.41 35.92 -7.78
N GLU B 393 0.45 35.77 -8.66
CA GLU B 393 -0.65 34.88 -8.33
C GLU B 393 -1.29 34.19 -9.51
N ASN B 394 -1.88 33.03 -9.21
CA ASN B 394 -2.67 32.25 -10.16
C ASN B 394 -1.80 31.66 -11.27
N VAL B 395 -1.03 30.65 -10.91
CA VAL B 395 -0.06 30.04 -11.80
C VAL B 395 -0.22 28.54 -11.79
N LEU B 396 -0.22 27.95 -12.98
CA LEU B 396 -0.21 26.50 -13.15
C LEU B 396 0.98 26.09 -14.01
N PHE B 397 1.89 25.30 -13.43
CA PHE B 397 2.91 24.55 -14.17
C PHE B 397 2.53 23.06 -14.11
N ASP B 398 2.30 22.45 -15.25
CA ASP B 398 1.78 21.09 -15.29
C ASP B 398 2.53 20.24 -16.29
N ASN B 399 2.85 19.02 -15.89
CA ASN B 399 3.44 18.03 -16.76
C ASN B 399 4.81 18.49 -17.28
N VAL B 400 5.73 18.57 -16.34
CA VAL B 400 7.08 18.97 -16.61
C VAL B 400 7.98 17.78 -16.32
N ASP B 401 8.70 17.32 -17.35
CA ASP B 401 9.63 16.20 -17.25
C ASP B 401 11.05 16.69 -17.31
N VAL B 402 11.71 16.74 -16.16
CA VAL B 402 13.12 17.05 -16.12
C VAL B 402 13.84 15.74 -16.36
N ILE B 403 14.30 15.54 -17.59
CA ILE B 403 14.87 14.27 -18.01
C ILE B 403 16.31 14.10 -17.55
N HIS B 404 16.98 15.20 -17.23
CA HIS B 404 18.35 15.15 -16.68
C HIS B 404 18.63 16.35 -15.78
N GLN B 405 19.52 16.13 -14.81
CA GLN B 405 20.09 17.18 -13.97
C GLN B 405 21.53 16.81 -13.71
N ALA B 406 22.42 17.78 -13.57
CA ALA B 406 23.82 17.47 -13.22
C ALA B 406 24.46 18.55 -12.36
N TYR B 407 23.84 18.79 -11.20
CA TYR B 407 24.37 19.77 -10.27
C TYR B 407 25.66 19.25 -9.64
N ALA B 408 26.48 20.18 -9.14
CA ALA B 408 27.75 19.88 -8.48
C ALA B 408 27.76 20.23 -6.97
N ASN B 409 27.11 21.33 -6.59
CA ASN B 409 27.18 21.84 -5.21
C ASN B 409 26.04 22.78 -4.83
N ALA B 410 25.97 23.09 -3.54
CA ALA B 410 24.98 23.99 -2.98
C ALA B 410 25.06 25.39 -3.59
N GLY B 411 26.25 25.82 -3.95
CA GLY B 411 26.45 27.14 -4.57
C GLY B 411 25.76 27.25 -5.93
N ASN B 412 25.44 26.12 -6.55
CA ASN B 412 24.68 26.15 -7.79
C ASN B 412 23.19 26.51 -7.63
N ASN B 413 22.71 26.67 -6.40
CA ASN B 413 21.28 26.87 -6.11
C ASN B 413 20.46 25.81 -6.82
N PRO B 414 20.66 24.54 -6.42
CA PRO B 414 19.92 23.45 -7.02
C PRO B 414 18.52 23.33 -6.44
N GLY B 415 17.71 22.45 -7.03
CA GLY B 415 16.36 22.22 -6.56
C GLY B 415 15.38 22.24 -7.71
N ILE B 416 14.28 21.48 -7.54
CA ILE B 416 13.18 21.51 -8.48
C ILE B 416 12.43 22.82 -8.27
N PHE B 417 11.91 23.03 -7.06
CA PHE B 417 11.21 24.27 -6.72
C PHE B 417 12.08 25.20 -5.87
N GLY B 418 12.58 26.26 -6.49
CA GLY B 418 13.52 27.14 -5.85
C GLY B 418 13.15 28.60 -5.83
N ALA B 419 13.56 29.28 -4.75
CA ALA B 419 13.51 30.72 -4.65
C ALA B 419 14.80 31.16 -4.01
N VAL B 420 15.75 31.65 -4.81
CA VAL B 420 17.04 32.05 -4.26
C VAL B 420 16.95 33.43 -3.64
N ASN B 421 17.97 33.74 -2.85
CA ASN B 421 18.06 34.97 -2.09
C ASN B 421 17.88 36.27 -2.90
N ASN B 422 17.43 37.33 -2.23
CA ASN B 422 17.45 38.69 -2.80
C ASN B 422 18.82 39.09 -3.36
N TYR B 423 18.88 39.59 -4.59
CA TYR B 423 20.14 40.10 -5.15
C TYR B 423 20.52 41.50 -4.58
N LEU B 424 19.52 42.29 -4.18
CA LEU B 424 19.74 43.52 -3.40
C LEU B 424 19.46 43.25 -1.92
N TYR B 425 20.52 43.20 -1.11
CA TYR B 425 20.43 42.76 0.29
C TYR B 425 20.73 43.90 1.29
N ALA B 426 20.55 43.60 2.58
CA ALA B 426 20.80 44.56 3.65
C ALA B 426 22.08 44.18 4.41
N PRO B 427 22.72 45.16 5.10
CA PRO B 427 23.96 44.97 5.85
C PRO B 427 24.09 43.62 6.59
N SER B 431 25.46 37.69 6.70
CA SER B 431 25.64 36.72 5.64
C SER B 431 24.28 36.32 5.08
N SER B 432 23.61 35.40 5.76
CA SER B 432 22.28 34.96 5.41
C SER B 432 21.31 35.68 6.35
N ALA B 433 21.26 37.00 6.26
CA ALA B 433 20.44 37.82 7.15
C ALA B 433 18.95 37.46 7.01
N HIS B 434 18.52 37.15 5.78
CA HIS B 434 17.12 36.82 5.50
C HIS B 434 16.17 37.88 6.04
N SER B 435 16.56 39.15 5.85
CA SER B 435 15.88 40.28 6.46
C SER B 435 15.31 41.27 5.43
N THR B 436 15.43 40.97 4.14
CA THR B 436 14.97 41.88 3.08
C THR B 436 13.70 41.38 2.41
N GLY B 437 12.95 40.54 3.09
CA GLY B 437 11.65 40.11 2.59
C GLY B 437 10.68 41.27 2.63
N ASN B 438 9.66 41.22 1.78
CA ASN B 438 8.59 42.21 1.81
C ASN B 438 7.33 41.59 2.35
N SER B 439 6.91 42.08 3.51
CA SER B 439 5.69 41.64 4.17
C SER B 439 4.42 42.16 3.51
N ASN B 440 4.54 43.17 2.65
CA ASN B 440 3.37 43.72 1.96
C ASN B 440 3.17 43.09 0.56
N MET B 441 3.96 42.06 0.24
CA MET B 441 3.78 41.32 -1.00
C MET B 441 3.47 39.85 -0.69
N THR B 442 2.77 39.19 -1.63
CA THR B 442 2.38 37.78 -1.46
C THR B 442 2.41 36.99 -2.77
N VAL B 443 2.91 35.74 -2.68
CA VAL B 443 2.81 34.82 -3.80
C VAL B 443 1.74 33.80 -3.42
N ARG B 444 0.79 33.63 -4.33
CA ARG B 444 -0.50 33.06 -4.00
C ARG B 444 -1.09 32.23 -5.16
N ASN B 445 -1.76 31.13 -4.80
CA ASN B 445 -2.45 30.24 -5.75
C ASN B 445 -1.51 29.73 -6.84
N ILE B 446 -0.56 28.93 -6.38
CA ILE B 446 0.48 28.39 -7.21
C ILE B 446 0.30 26.89 -7.21
N THR B 447 0.14 26.30 -8.40
CA THR B 447 0.01 24.86 -8.53
C THR B 447 1.16 24.32 -9.38
N TRP B 448 1.94 23.40 -8.82
CA TRP B 448 3.00 22.73 -9.54
C TRP B 448 2.63 21.25 -9.58
N SER B 449 2.22 20.76 -10.75
CA SER B 449 1.64 19.43 -10.86
C SER B 449 2.27 18.56 -11.93
N ASN B 450 2.39 17.27 -11.60
CA ASN B 450 2.89 16.26 -12.54
C ASN B 450 4.32 16.57 -13.00
N PHE B 451 5.19 16.76 -12.03
CA PHE B 451 6.62 16.92 -12.28
C PHE B 451 7.27 15.55 -12.15
N ARG B 452 8.15 15.21 -13.10
CA ARG B 452 8.89 13.94 -13.05
C ARG B 452 10.36 14.23 -13.24
N ALA B 453 11.18 13.73 -12.31
CA ALA B 453 12.64 13.86 -12.38
C ALA B 453 13.27 12.50 -12.64
N GLU B 454 13.79 12.31 -13.85
CA GLU B 454 14.45 11.06 -14.22
C GLU B 454 15.93 11.12 -13.84
N GLY B 455 16.53 9.94 -13.65
CA GLY B 455 17.90 9.83 -13.15
C GLY B 455 18.02 10.33 -11.73
N SER B 456 19.19 10.88 -11.39
CA SER B 456 19.42 11.43 -10.07
C SER B 456 19.02 12.91 -10.03
N SER B 457 18.42 13.33 -8.91
CA SER B 457 17.76 14.63 -8.81
C SER B 457 18.25 15.46 -7.62
N SER B 458 18.15 16.78 -7.76
CA SER B 458 18.35 17.68 -6.64
C SER B 458 17.11 17.67 -5.75
N ALA B 459 17.18 18.47 -4.68
CA ALA B 459 16.11 18.61 -3.69
C ALA B 459 14.76 18.90 -4.29
N LEU B 460 13.71 18.53 -3.57
CA LEU B 460 12.36 18.92 -3.93
C LEU B 460 12.25 20.44 -3.95
N PHE B 461 12.66 21.08 -2.85
CA PHE B 461 12.56 22.53 -2.80
C PHE B 461 13.62 23.20 -1.93
N ARG B 462 14.07 24.37 -2.38
CA ARG B 462 14.90 25.24 -1.58
C ARG B 462 14.33 26.63 -1.73
N ILE B 463 13.47 26.98 -0.79
CA ILE B 463 12.65 28.16 -0.92
C ILE B 463 12.98 29.18 0.17
N ASN B 464 13.39 30.36 -0.27
CA ASN B 464 13.47 31.52 0.60
C ASN B 464 12.18 32.31 0.43
N PRO B 465 11.34 32.37 1.47
CA PRO B 465 10.15 33.21 1.38
C PRO B 465 10.54 34.68 1.46
N ILE B 466 10.96 35.22 0.32
CA ILE B 466 11.33 36.63 0.25
C ILE B 466 10.07 37.51 0.18
N GLN B 467 8.90 36.88 0.06
CA GLN B 467 7.63 37.52 0.34
C GLN B 467 6.68 36.46 0.88
N ASN B 468 5.48 36.86 1.29
CA ASN B 468 4.55 35.90 1.86
C ASN B 468 4.17 34.85 0.83
N LEU B 469 4.01 33.62 1.29
CA LEU B 469 3.50 32.53 0.45
C LEU B 469 2.14 32.10 1.01
N ASP B 470 1.17 31.90 0.11
CA ASP B 470 -0.18 31.52 0.51
C ASP B 470 -0.83 30.64 -0.57
N ASN B 471 -1.14 29.40 -0.22
CA ASN B 471 -1.91 28.51 -1.13
C ASN B 471 -1.00 28.04 -2.27
N ILE B 472 -0.05 27.18 -1.91
CA ILE B 472 0.88 26.58 -2.85
C ILE B 472 0.72 25.08 -2.79
N SER B 473 0.50 24.47 -3.96
CA SER B 473 0.23 23.04 -4.05
C SER B 473 1.20 22.34 -4.96
N ILE B 474 1.92 21.39 -4.37
CA ILE B 474 2.73 20.43 -5.11
C ILE B 474 1.90 19.15 -5.21
N LYS B 475 1.57 18.78 -6.44
CA LYS B 475 0.71 17.63 -6.73
C LYS B 475 1.35 16.71 -7.77
N ASN B 476 1.73 15.50 -7.36
CA ASN B 476 2.41 14.54 -8.23
C ASN B 476 3.77 15.02 -8.66
N VAL B 477 4.77 14.70 -7.85
CA VAL B 477 6.16 14.96 -8.20
C VAL B 477 6.91 13.68 -7.87
N SER B 478 7.48 13.06 -8.91
CA SER B 478 8.20 11.82 -8.73
C SER B 478 9.69 12.04 -8.95
N ILE B 479 10.49 11.71 -7.95
CA ILE B 479 11.96 11.69 -8.10
C ILE B 479 12.40 10.24 -8.18
N GLU B 480 13.25 9.96 -9.16
CA GLU B 480 13.66 8.58 -9.41
C GLU B 480 14.69 8.19 -8.37
N SER B 481 15.71 9.04 -8.20
CA SER B 481 16.66 8.86 -7.13
C SER B 481 17.32 10.20 -6.84
N PHE B 482 17.98 10.30 -5.69
CA PHE B 482 18.67 11.54 -5.32
C PHE B 482 20.14 11.49 -5.74
N GLU B 483 20.66 12.67 -6.10
CA GLU B 483 22.10 12.91 -6.21
C GLU B 483 22.77 12.59 -4.86
N PRO B 484 24.10 12.38 -4.84
CA PRO B 484 24.70 11.87 -3.60
C PRO B 484 24.66 12.92 -2.50
N LEU B 485 24.49 12.45 -1.26
CA LEU B 485 24.43 13.33 -0.10
C LEU B 485 25.59 14.32 -0.06
N SER B 486 26.78 13.85 -0.36
CA SER B 486 28.03 14.63 -0.19
C SER B 486 28.09 15.96 -0.93
N ILE B 487 27.37 16.09 -2.05
CA ILE B 487 27.47 17.30 -2.86
C ILE B 487 26.49 18.40 -2.44
N ASN B 488 25.68 18.15 -1.41
CA ASN B 488 24.80 19.18 -0.82
C ASN B 488 23.78 19.77 -1.78
N THR B 489 23.12 18.93 -2.56
CA THR B 489 22.16 19.40 -3.56
C THR B 489 20.74 18.90 -3.32
N THR B 490 20.59 17.97 -2.37
CA THR B 490 19.36 17.17 -2.28
C THR B 490 18.48 17.44 -1.05
N GLU B 491 19.00 18.10 -0.03
CA GLU B 491 18.19 18.45 1.14
C GLU B 491 17.34 19.69 0.89
N SER B 492 16.06 19.59 1.24
CA SER B 492 15.11 20.65 1.02
C SER B 492 15.02 21.54 2.23
N TRP B 493 14.80 22.83 2.01
CA TRP B 493 14.67 23.75 3.09
C TRP B 493 13.81 24.96 2.79
N MET B 494 13.38 25.60 3.88
CA MET B 494 12.60 26.81 3.86
C MET B 494 12.86 27.59 5.16
N PRO B 495 13.89 28.45 5.17
CA PRO B 495 14.20 29.21 6.38
C PRO B 495 13.30 30.42 6.58
N VAL B 496 13.11 30.81 7.83
CA VAL B 496 12.30 31.98 8.19
C VAL B 496 12.93 33.28 7.68
N TRP B 497 12.09 34.17 7.17
CA TRP B 497 12.50 35.46 6.66
C TRP B 497 11.70 36.56 7.34
N TYR B 498 12.25 37.77 7.34
CA TYR B 498 11.62 38.93 7.94
C TYR B 498 11.71 40.11 7.00
N ASP B 499 10.87 41.11 7.28
CA ASP B 499 10.87 42.36 6.56
C ASP B 499 11.54 43.42 7.44
N LEU B 500 12.74 43.84 7.06
CA LEU B 500 13.53 44.79 7.85
C LEU B 500 12.84 46.16 8.04
N ASN B 501 12.10 46.61 7.03
CA ASN B 501 11.41 47.90 7.08
C ASN B 501 10.44 48.04 8.28
N ASN B 502 9.89 46.91 8.74
CA ASN B 502 8.89 46.93 9.82
C ASN B 502 9.00 45.80 10.84
N GLY B 503 10.07 45.00 10.77
CA GLY B 503 10.26 43.89 11.71
C GLY B 503 9.38 42.65 11.49
N LYS B 504 8.43 42.71 10.58
CA LYS B 504 7.46 41.62 10.44
C LYS B 504 8.05 40.33 9.88
N GLN B 505 7.59 39.20 10.41
CA GLN B 505 7.96 37.90 9.88
C GLN B 505 7.16 37.60 8.61
N ILE B 506 7.86 37.13 7.59
CA ILE B 506 7.22 36.70 6.35
C ILE B 506 6.47 35.41 6.61
N THR B 507 5.21 35.35 6.18
CA THR B 507 4.33 34.23 6.49
C THR B 507 4.29 33.23 5.35
N VAL B 508 4.10 31.97 5.72
CA VAL B 508 3.87 30.90 4.76
C VAL B 508 2.62 30.18 5.22
N THR B 509 1.64 30.05 4.32
CA THR B 509 0.34 29.47 4.67
C THR B 509 -0.12 28.51 3.60
N ASP B 510 -0.67 27.38 4.02
CA ASP B 510 -1.34 26.47 3.12
C ASP B 510 -0.41 25.99 2.00
N PHE B 511 0.78 25.55 2.40
CA PHE B 511 1.77 24.96 1.50
C PHE B 511 1.60 23.45 1.60
N SER B 512 1.14 22.80 0.53
CA SER B 512 0.84 21.38 0.58
C SER B 512 1.63 20.55 -0.43
N ILE B 513 1.95 19.32 -0.01
CA ILE B 513 2.69 18.36 -0.82
C ILE B 513 1.89 17.06 -0.91
N GLU B 514 1.59 16.65 -2.13
CA GLU B 514 0.82 15.44 -2.38
C GLU B 514 1.39 14.68 -3.56
N GLY B 515 1.46 13.36 -3.46
CA GLY B 515 1.97 12.53 -4.53
C GLY B 515 3.47 12.71 -4.78
N PHE B 516 4.21 13.00 -3.72
CA PHE B 516 5.65 13.10 -3.80
C PHE B 516 6.28 11.73 -3.56
N THR B 517 6.94 11.18 -4.58
CA THR B 517 7.63 9.91 -4.43
C THR B 517 9.12 10.06 -4.66
N VAL B 518 9.90 9.24 -3.97
CA VAL B 518 11.33 9.08 -4.21
C VAL B 518 11.50 7.58 -4.42
N GLY B 519 11.99 7.17 -5.58
CA GLY B 519 11.90 5.77 -5.97
C GLY B 519 10.45 5.35 -5.88
N ASN B 520 10.17 4.24 -5.21
CA ASN B 520 8.81 3.73 -5.07
C ASN B 520 8.10 4.15 -3.79
N THR B 521 8.75 4.99 -2.99
CA THR B 521 8.22 5.36 -1.67
C THR B 521 7.48 6.70 -1.72
N THR B 522 6.23 6.69 -1.27
CA THR B 522 5.47 7.92 -1.13
C THR B 522 5.93 8.64 0.13
N ILE B 523 6.13 9.94 0.01
CA ILE B 523 6.57 10.74 1.13
C ILE B 523 5.37 11.22 1.96
N THR B 524 5.52 11.16 3.28
CA THR B 524 4.50 11.51 4.26
C THR B 524 5.19 12.36 5.32
N ALA B 525 4.44 12.88 6.29
CA ALA B 525 5.06 13.60 7.40
C ALA B 525 6.17 12.78 8.06
N SER B 526 5.91 11.49 8.30
CA SER B 526 6.85 10.60 9.02
C SER B 526 8.23 10.46 8.40
N ASN B 527 8.27 10.27 7.07
CA ASN B 527 9.52 9.99 6.37
C ASN B 527 10.03 11.19 5.57
N ALA B 528 9.38 12.33 5.71
CA ALA B 528 9.76 13.52 4.95
C ALA B 528 11.26 13.79 5.07
N ALA B 529 11.75 13.76 6.30
CA ALA B 529 13.16 14.00 6.59
C ALA B 529 14.05 12.85 6.09
N SER B 530 13.69 11.61 6.42
CA SER B 530 14.57 10.49 6.14
C SER B 530 14.57 10.18 4.65
N VAL B 531 13.39 10.01 4.06
CA VAL B 531 13.31 9.60 2.67
C VAL B 531 13.23 10.78 1.71
N GLY B 532 12.42 11.79 2.03
CA GLY B 532 12.28 12.96 1.16
C GLY B 532 13.44 13.93 1.25
N ARG B 533 14.28 13.74 2.28
CA ARG B 533 15.40 14.65 2.57
C ARG B 533 14.93 16.10 2.78
N ILE B 534 13.75 16.22 3.39
CA ILE B 534 13.17 17.49 3.74
C ILE B 534 13.48 17.69 5.22
N ASP B 535 14.54 18.43 5.52
CA ASP B 535 14.99 18.58 6.91
C ASP B 535 15.27 20.02 7.33
N GLY B 536 15.07 20.97 6.41
CA GLY B 536 15.35 22.37 6.70
C GLY B 536 14.15 23.29 6.67
N VAL B 537 12.97 22.77 6.99
CA VAL B 537 11.80 23.62 7.15
C VAL B 537 11.89 24.29 8.51
N ASP B 538 12.01 25.62 8.53
CA ASP B 538 12.16 26.39 9.76
C ASP B 538 11.01 26.07 10.70
N PRO B 539 11.27 26.03 12.02
CA PRO B 539 10.17 25.77 12.94
C PRO B 539 9.00 26.75 12.82
N ALA B 540 9.27 28.00 12.47
CA ALA B 540 8.20 28.98 12.26
C ALA B 540 7.19 28.52 11.19
N TYR B 541 7.62 27.71 10.23
CA TYR B 541 6.76 27.22 9.14
C TYR B 541 6.38 25.75 9.21
N ALA B 542 6.80 25.04 10.26
CA ALA B 542 6.49 23.61 10.40
C ALA B 542 4.98 23.31 10.35
N GLY B 543 4.19 24.17 10.98
CA GLY B 543 2.74 24.04 10.96
C GLY B 543 2.10 24.37 9.61
N SER B 544 2.85 25.06 8.74
CA SER B 544 2.33 25.52 7.45
C SER B 544 2.64 24.60 6.26
N VAL B 545 3.44 23.56 6.49
CA VAL B 545 3.77 22.58 5.45
C VAL B 545 2.95 21.33 5.70
N HIS B 546 2.09 20.99 4.77
CA HIS B 546 1.12 19.91 4.96
C HIS B 546 1.37 18.76 3.99
N TYR B 547 1.50 17.57 4.56
CA TYR B 547 1.63 16.34 3.79
C TYR B 547 0.27 15.68 3.69
N ILE B 548 -0.28 15.65 2.48
CA ILE B 548 -1.60 15.08 2.24
C ILE B 548 -1.50 13.56 2.14
N ASP B 549 -0.31 13.09 1.74
CA ASP B 549 -0.03 11.69 1.36
C ASP B 549 -0.47 11.43 -0.08
N PHE C 3 -36.10 -46.71 1.79
CA PHE C 3 -34.72 -46.36 2.23
C PHE C 3 -34.10 -47.43 3.14
N MET C 4 -32.92 -47.92 2.76
CA MET C 4 -32.08 -48.73 3.64
C MET C 4 -30.65 -48.21 3.50
N ALA C 5 -30.04 -47.86 4.63
CA ALA C 5 -28.72 -47.25 4.64
C ALA C 5 -27.63 -48.20 4.13
N VAL C 6 -26.77 -47.71 3.26
CA VAL C 6 -25.60 -48.46 2.79
C VAL C 6 -24.34 -47.73 3.27
N THR C 7 -23.63 -48.31 4.25
CA THR C 7 -22.45 -47.66 4.81
C THR C 7 -21.14 -48.20 4.23
N ALA C 8 -20.10 -47.36 4.25
CA ALA C 8 -18.80 -47.73 3.73
C ALA C 8 -17.94 -48.42 4.79
N ASN C 9 -17.20 -49.44 4.38
CA ASN C 9 -16.17 -50.04 5.22
C ASN C 9 -15.08 -50.69 4.38
N ASN C 10 -14.20 -49.87 3.83
CA ASN C 10 -13.07 -50.36 3.06
C ASN C 10 -11.78 -49.67 3.52
N SER C 11 -10.70 -49.82 2.77
CA SER C 11 -9.40 -49.26 3.18
C SER C 11 -9.29 -47.75 2.91
N GLN C 12 -10.27 -47.20 2.18
CA GLN C 12 -10.29 -45.77 1.85
C GLN C 12 -11.38 -44.97 2.59
N LEU C 13 -12.46 -45.63 3.01
CA LEU C 13 -13.60 -44.92 3.59
C LEU C 13 -14.33 -45.78 4.61
N LEU C 14 -14.65 -45.15 5.76
CA LEU C 14 -15.57 -45.74 6.76
C LEU C 14 -16.70 -44.76 7.13
N THR C 15 -17.95 -45.16 6.91
CA THR C 15 -19.13 -44.43 7.39
C THR C 15 -19.96 -45.35 8.27
N TRP C 16 -20.92 -44.77 8.98
CA TRP C 16 -21.78 -45.55 9.87
C TRP C 16 -23.20 -45.00 9.99
N TRP C 17 -24.08 -45.86 10.49
CA TRP C 17 -25.47 -45.56 10.63
C TRP C 17 -25.92 -45.99 12.03
N HIS C 18 -27.11 -45.56 12.40
CA HIS C 18 -27.78 -46.00 13.60
C HIS C 18 -29.17 -46.37 13.19
N ASN C 19 -29.56 -47.62 13.45
CA ASN C 19 -30.91 -48.07 13.15
C ASN C 19 -31.98 -47.54 14.12
N THR C 20 -31.54 -47.02 15.28
CA THR C 20 -32.45 -46.36 16.22
C THR C 20 -32.44 -44.82 16.06
N GLY C 21 -32.09 -44.35 14.87
CA GLY C 21 -32.16 -42.92 14.57
C GLY C 21 -33.57 -42.42 14.78
N GLU C 22 -33.71 -41.29 15.44
CA GLU C 22 -35.03 -40.71 15.68
C GLU C 22 -35.04 -39.25 15.24
N ILE C 23 -35.92 -38.93 14.31
CA ILE C 23 -36.10 -37.57 13.86
C ILE C 23 -37.03 -36.87 14.83
N ASN C 24 -36.56 -35.75 15.39
CA ASN C 24 -37.25 -35.09 16.50
C ASN C 24 -36.51 -33.80 16.80
N THR C 25 -37.18 -32.66 16.65
CA THR C 25 -36.56 -31.36 16.83
C THR C 25 -37.07 -30.63 18.07
N GLN C 26 -37.84 -31.31 18.92
CA GLN C 26 -38.56 -30.62 19.99
C GLN C 26 -38.46 -31.26 21.37
N THR C 27 -38.38 -32.58 21.45
CA THR C 27 -38.46 -33.29 22.72
C THR C 27 -37.31 -34.29 22.89
N PRO C 28 -37.11 -34.82 24.10
CA PRO C 28 -36.04 -35.80 24.27
C PRO C 28 -36.28 -37.03 23.41
N VAL C 29 -35.22 -37.64 22.92
CA VAL C 29 -35.37 -38.93 22.22
C VAL C 29 -35.43 -40.07 23.23
N ALA C 30 -35.91 -41.24 22.79
CA ALA C 30 -35.94 -42.40 23.67
C ALA C 30 -34.52 -42.76 24.08
N ASP C 31 -34.40 -43.51 25.19
CA ASP C 31 -33.11 -43.84 25.78
C ASP C 31 -32.18 -44.55 24.79
N GLY C 32 -32.76 -45.47 24.02
CA GLY C 32 -32.02 -46.27 23.04
C GLY C 32 -31.88 -45.60 21.68
N ASN C 33 -32.46 -44.41 21.51
CA ASN C 33 -32.45 -43.70 20.22
C ASN C 33 -31.42 -42.58 20.09
N VAL C 34 -31.12 -42.25 18.84
CA VAL C 34 -30.16 -41.20 18.51
C VAL C 34 -30.85 -40.12 17.71
N ARG C 35 -30.84 -38.90 18.22
CA ARG C 35 -31.46 -37.78 17.51
C ARG C 35 -30.75 -37.57 16.16
N GLN C 36 -31.55 -37.59 15.10
CA GLN C 36 -31.04 -37.60 13.73
C GLN C 36 -31.62 -36.40 12.98
N SER C 37 -30.83 -35.82 12.08
CA SER C 37 -31.32 -34.66 11.32
C SER C 37 -32.41 -35.13 10.38
N GLY C 38 -33.53 -34.40 10.35
CA GLY C 38 -34.59 -34.66 9.38
C GLY C 38 -34.42 -33.82 8.13
N LEU C 39 -33.40 -32.97 8.13
CA LEU C 39 -33.21 -32.02 7.06
C LEU C 39 -32.13 -32.48 6.07
N TYR C 40 -30.96 -32.85 6.60
CA TYR C 40 -29.77 -33.09 5.78
C TYR C 40 -29.48 -34.57 5.63
N SER C 41 -29.28 -35.00 4.39
CA SER C 41 -28.78 -36.35 4.10
C SER C 41 -27.34 -36.18 3.61
N VAL C 42 -26.44 -37.01 4.11
CA VAL C 42 -25.03 -36.97 3.70
C VAL C 42 -24.53 -38.34 3.23
N LYS C 43 -24.03 -38.38 1.99
CA LYS C 43 -23.39 -39.57 1.42
C LYS C 43 -21.94 -39.25 1.06
N VAL C 44 -21.10 -40.28 1.05
CA VAL C 44 -19.67 -40.12 0.76
C VAL C 44 -19.17 -41.23 -0.18
N GLN C 45 -18.39 -40.86 -1.20
CA GLN C 45 -17.67 -41.85 -2.02
C GLN C 45 -16.22 -41.42 -2.18
N THR C 46 -15.31 -42.39 -2.26
CA THR C 46 -13.92 -42.11 -2.54
C THR C 46 -13.76 -41.75 -4.02
N THR C 47 -12.87 -40.82 -4.34
CA THR C 47 -12.57 -40.47 -5.75
C THR C 47 -11.81 -41.61 -6.45
N PRO C 48 -11.89 -41.69 -7.80
CA PRO C 48 -12.63 -40.81 -8.73
C PRO C 48 -14.16 -40.95 -8.69
N LEU C 53 -20.05 -45.85 -6.06
CA LEU C 53 -21.11 -46.04 -5.08
C LEU C 53 -21.00 -44.99 -3.97
N TYR C 54 -22.07 -44.22 -3.74
CA TYR C 54 -22.12 -43.26 -2.62
C TYR C 54 -22.63 -43.93 -1.37
N TYR C 55 -21.95 -43.74 -0.24
CA TYR C 55 -22.32 -44.41 1.02
C TYR C 55 -22.92 -43.44 2.04
N ASP C 56 -23.96 -43.90 2.72
CA ASP C 56 -24.67 -43.08 3.71
C ASP C 56 -23.78 -42.79 4.91
N SER C 57 -23.87 -41.57 5.41
CA SER C 57 -23.15 -41.16 6.61
C SER C 57 -24.18 -40.56 7.56
N PHE C 58 -24.24 -41.07 8.79
CA PHE C 58 -25.29 -40.66 9.73
C PHE C 58 -25.16 -39.20 10.14
N VAL C 59 -26.26 -38.46 10.05
CA VAL C 59 -26.28 -37.06 10.45
C VAL C 59 -26.93 -36.93 11.82
N TYR C 60 -26.12 -36.69 12.84
CA TYR C 60 -26.59 -36.47 14.20
C TYR C 60 -27.21 -35.08 14.31
N LEU C 61 -28.00 -34.83 15.33
CA LEU C 61 -28.56 -33.51 15.59
C LEU C 61 -28.59 -33.20 17.08
N ALA C 62 -28.14 -32.01 17.44
CA ALA C 62 -28.32 -31.47 18.79
C ALA C 62 -29.25 -30.26 18.70
N ILE C 63 -30.00 -30.04 19.78
CA ILE C 63 -30.92 -28.93 19.84
C ILE C 63 -30.80 -28.26 21.20
N PRO C 64 -31.14 -26.96 21.25
CA PRO C 64 -31.07 -26.25 22.52
C PRO C 64 -31.97 -26.91 23.55
N GLY C 65 -31.48 -27.05 24.78
CA GLY C 65 -32.25 -27.73 25.82
C GLY C 65 -32.31 -29.25 25.73
N ASN C 66 -31.75 -29.83 24.67
CA ASN C 66 -31.78 -31.29 24.46
C ASN C 66 -33.19 -31.86 24.50
N GLY C 67 -34.16 -31.02 24.13
CA GLY C 67 -35.55 -31.42 24.15
C GLY C 67 -36.26 -31.13 25.45
N MET C 68 -35.52 -30.70 26.47
CA MET C 68 -36.10 -30.37 27.77
C MET C 68 -36.55 -28.92 27.74
N SER C 69 -37.84 -28.72 27.52
CA SER C 69 -38.41 -27.39 27.37
C SER C 69 -38.06 -26.44 28.51
N ASP C 70 -38.09 -26.96 29.73
CA ASP C 70 -37.82 -26.12 30.89
C ASP C 70 -36.36 -25.65 31.02
N GLN C 71 -35.45 -26.24 30.23
CA GLN C 71 -34.02 -25.86 30.30
C GLN C 71 -33.64 -24.74 29.33
N LEU C 72 -34.55 -24.37 28.44
CA LEU C 72 -34.26 -23.36 27.39
C LEU C 72 -33.83 -22.01 27.97
N GLN C 73 -34.36 -21.67 29.14
CA GLN C 73 -33.94 -20.47 29.90
C GLN C 73 -32.43 -20.39 30.17
N TYR C 74 -31.76 -21.54 30.17
CA TYR C 74 -30.31 -21.62 30.40
C TYR C 74 -29.50 -21.58 29.10
N THR C 75 -30.18 -21.39 27.97
CA THR C 75 -29.55 -21.17 26.68
C THR C 75 -29.68 -19.69 26.33
N GLN C 76 -29.12 -19.29 25.19
CA GLN C 76 -29.24 -17.91 24.72
C GLN C 76 -30.61 -17.59 24.11
N GLY C 77 -31.46 -18.60 23.97
CA GLY C 77 -32.83 -18.39 23.53
C GLY C 77 -32.99 -18.30 22.02
N TYR C 78 -31.98 -18.70 21.25
CA TYR C 78 -32.09 -18.72 19.79
C TYR C 78 -32.71 -20.04 19.34
N ASN C 79 -33.19 -20.07 18.09
CA ASN C 79 -33.81 -21.28 17.53
C ASN C 79 -32.84 -22.11 16.67
N GLN C 80 -31.54 -21.85 16.80
CA GLN C 80 -30.54 -22.57 16.00
C GLN C 80 -30.43 -24.03 16.45
N THR C 81 -30.25 -24.93 15.50
CA THR C 81 -29.91 -26.31 15.78
C THR C 81 -28.59 -26.63 15.08
N GLN C 82 -27.95 -27.71 15.51
CA GLN C 82 -26.63 -28.08 15.00
C GLN C 82 -26.54 -29.57 14.67
N ALA C 83 -26.43 -29.87 13.37
CA ALA C 83 -26.27 -31.25 12.90
C ALA C 83 -24.82 -31.49 12.55
N TRP C 84 -24.38 -32.75 12.62
CA TRP C 84 -23.05 -33.11 12.19
C TRP C 84 -22.96 -34.56 11.73
N THR C 85 -21.94 -34.84 10.94
CA THR C 85 -21.64 -36.20 10.50
C THR C 85 -20.14 -36.40 10.59
N SER C 86 -19.74 -37.62 10.92
CA SER C 86 -18.34 -37.99 10.93
C SER C 86 -18.12 -39.19 10.00
N PHE C 87 -16.93 -39.22 9.41
CA PHE C 87 -16.47 -40.39 8.67
C PHE C 87 -14.96 -40.43 8.69
N LEU C 88 -14.41 -41.64 8.52
CA LEU C 88 -12.96 -41.82 8.40
C LEU C 88 -12.57 -42.03 6.93
N TYR C 89 -11.38 -41.53 6.58
CA TYR C 89 -10.89 -41.62 5.20
C TYR C 89 -9.36 -41.66 5.13
N SER C 90 -8.85 -42.18 4.02
CA SER C 90 -7.42 -42.21 3.75
C SER C 90 -7.15 -41.74 2.33
N HIS C 91 -8.17 -41.20 1.69
CA HIS C 91 -8.09 -40.81 0.30
C HIS C 91 -9.12 -39.73 0.09
N ASP C 92 -8.86 -38.82 -0.85
CA ASP C 92 -9.81 -37.77 -1.20
C ASP C 92 -11.22 -38.35 -1.33
N ALA C 93 -12.21 -37.64 -0.79
CA ALA C 93 -13.57 -38.11 -0.85
C ALA C 93 -14.47 -36.98 -1.29
N THR C 94 -15.59 -37.37 -1.87
CA THR C 94 -16.62 -36.44 -2.32
C THR C 94 -17.78 -36.58 -1.33
N VAL C 95 -18.14 -35.46 -0.70
CA VAL C 95 -19.27 -35.44 0.23
C VAL C 95 -20.51 -34.91 -0.50
N LYS C 96 -21.53 -35.75 -0.59
CA LYS C 96 -22.78 -35.43 -1.27
C LYS C 96 -23.87 -35.08 -0.26
N ILE C 97 -24.34 -33.84 -0.30
CA ILE C 97 -25.32 -33.35 0.66
C ILE C 97 -26.64 -33.05 -0.03
N SER C 98 -27.73 -33.61 0.50
CA SER C 98 -29.08 -33.40 -0.01
C SER C 98 -30.00 -32.96 1.12
N ARG C 99 -31.04 -32.22 0.76
CA ARG C 99 -32.05 -31.76 1.72
C ARG C 99 -33.43 -32.21 1.24
N ASN C 100 -34.40 -32.26 2.16
CA ASN C 100 -35.80 -32.48 1.76
C ASN C 100 -36.44 -31.17 1.26
N SER C 103 -36.95 -29.43 -1.57
CA SER C 103 -37.72 -28.22 -1.78
C SER C 103 -37.10 -27.28 -2.83
N ALA C 104 -35.89 -26.79 -2.57
CA ALA C 104 -35.23 -25.80 -3.41
C ALA C 104 -33.70 -25.87 -3.30
N ASN C 105 -33.00 -25.50 -4.37
CA ASN C 105 -31.53 -25.46 -4.35
C ASN C 105 -30.98 -24.13 -3.86
N SER C 106 -29.77 -24.15 -3.32
CA SER C 106 -29.12 -22.95 -2.80
C SER C 106 -27.60 -23.12 -2.75
N ASN C 107 -26.88 -22.03 -2.95
CA ASN C 107 -25.43 -22.06 -2.82
C ASN C 107 -25.06 -22.29 -1.37
N VAL C 108 -23.85 -22.81 -1.17
CA VAL C 108 -23.32 -23.00 0.17
C VAL C 108 -22.05 -22.20 0.33
N VAL C 109 -21.73 -21.89 1.57
CA VAL C 109 -20.44 -21.34 1.97
C VAL C 109 -19.79 -22.34 2.94
N ILE C 110 -18.52 -22.67 2.72
CA ILE C 110 -17.76 -23.57 3.60
C ILE C 110 -16.96 -22.70 4.57
N ARG C 111 -17.08 -22.98 5.87
CA ARG C 111 -16.25 -22.27 6.88
C ARG C 111 -15.41 -23.25 7.68
N PRO C 112 -14.12 -22.94 7.91
CA PRO C 112 -13.32 -21.79 7.44
C PRO C 112 -13.33 -21.58 5.92
N THR C 113 -13.41 -20.31 5.50
CA THR C 113 -13.35 -19.96 4.08
C THR C 113 -11.96 -20.19 3.46
N SER C 114 -10.94 -20.33 4.30
CA SER C 114 -9.58 -20.60 3.82
C SER C 114 -9.37 -22.03 3.31
N LEU C 115 -10.35 -22.92 3.51
CA LEU C 115 -10.16 -24.33 3.13
C LEU C 115 -10.09 -24.53 1.61
N ASN C 116 -10.94 -23.83 0.86
CA ASN C 116 -10.93 -23.92 -0.61
C ASN C 116 -11.12 -25.32 -1.17
N PHE C 117 -12.15 -26.02 -0.69
CA PHE C 117 -12.50 -27.32 -1.28
C PHE C 117 -13.28 -27.06 -2.55
N PRO C 118 -13.07 -27.90 -3.57
CA PRO C 118 -13.97 -27.84 -4.73
C PRO C 118 -15.41 -28.13 -4.34
N VAL C 119 -16.32 -27.38 -4.94
CA VAL C 119 -17.75 -27.51 -4.71
C VAL C 119 -18.46 -27.46 -6.05
N ARG C 120 -19.37 -28.41 -6.30
CA ARG C 120 -20.24 -28.34 -7.46
C ARG C 120 -21.67 -28.74 -7.09
N TYR C 121 -22.60 -28.41 -7.97
CA TYR C 121 -24.02 -28.62 -7.73
C TYR C 121 -24.60 -29.38 -8.90
N ASP C 122 -25.58 -30.23 -8.61
CA ASP C 122 -26.49 -30.69 -9.65
C ASP C 122 -27.91 -30.30 -9.23
N ASN C 123 -28.93 -30.98 -9.75
CA ASN C 123 -30.32 -30.55 -9.57
C ASN C 123 -30.89 -30.70 -8.16
N GLN C 124 -30.31 -31.56 -7.33
CA GLN C 124 -30.71 -31.59 -5.92
C GLN C 124 -29.63 -31.97 -4.91
N SER C 125 -28.36 -31.93 -5.32
CA SER C 125 -27.27 -32.17 -4.38
C SER C 125 -26.13 -31.17 -4.50
N VAL C 126 -25.43 -30.95 -3.38
CA VAL C 126 -24.15 -30.27 -3.36
C VAL C 126 -23.06 -31.33 -3.25
N TYR C 127 -21.94 -31.13 -3.94
CA TYR C 127 -20.82 -32.08 -3.89
C TYR C 127 -19.54 -31.37 -3.49
N ILE C 128 -18.94 -31.79 -2.38
CA ILE C 128 -17.74 -31.14 -1.85
C ILE C 128 -16.59 -32.13 -1.86
N THR C 129 -15.52 -31.77 -2.55
CA THR C 129 -14.35 -32.61 -2.63
C THR C 129 -13.48 -32.28 -1.44
N VAL C 130 -13.42 -33.22 -0.49
CA VAL C 130 -12.59 -33.07 0.69
C VAL C 130 -11.28 -33.82 0.44
N PRO C 131 -10.16 -33.08 0.35
CA PRO C 131 -8.89 -33.78 0.14
C PRO C 131 -8.47 -34.56 1.39
N TYR C 132 -7.71 -35.64 1.20
CA TYR C 132 -7.16 -36.36 2.34
C TYR C 132 -6.12 -35.48 3.03
N SER C 133 -6.25 -35.35 4.34
CA SER C 133 -5.20 -34.79 5.17
C SER C 133 -5.03 -35.74 6.34
N PRO C 134 -3.78 -35.99 6.77
CA PRO C 134 -3.56 -36.89 7.92
C PRO C 134 -4.19 -36.41 9.24
N THR C 135 -4.48 -35.12 9.34
CA THR C 135 -5.13 -34.57 10.51
C THR C 135 -6.61 -34.26 10.25
N GLY C 136 -7.06 -34.57 9.04
CA GLY C 136 -8.45 -34.36 8.67
C GLY C 136 -8.90 -32.91 8.67
N TYR C 137 -10.21 -32.74 8.59
CA TYR C 137 -10.83 -31.42 8.57
C TYR C 137 -12.12 -31.42 9.37
N ARG C 138 -12.43 -30.25 9.91
CA ARG C 138 -13.66 -30.00 10.62
C ARG C 138 -14.21 -28.70 10.06
N PHE C 139 -15.36 -28.76 9.37
CA PHE C 139 -15.94 -27.58 8.71
C PHE C 139 -17.45 -27.54 8.77
N SER C 140 -17.98 -26.33 8.55
CA SER C 140 -19.40 -26.02 8.53
C SER C 140 -19.84 -25.82 7.08
N VAL C 141 -21.00 -26.34 6.71
CA VAL C 141 -21.57 -26.19 5.38
C VAL C 141 -22.83 -25.35 5.56
N GLU C 142 -22.86 -24.20 4.92
CA GLU C 142 -23.87 -23.19 5.24
C GLU C 142 -24.67 -22.82 3.98
N PHE C 143 -25.95 -23.21 3.97
CA PHE C 143 -26.82 -22.93 2.84
C PHE C 143 -27.32 -21.49 2.96
N ASP C 144 -27.10 -20.71 1.89
CA ASP C 144 -27.50 -19.30 1.85
C ASP C 144 -28.96 -19.12 2.25
N ASP C 145 -29.85 -19.94 1.68
CA ASP C 145 -31.30 -19.85 1.96
C ASP C 145 -31.71 -20.30 3.37
N ASP C 146 -30.77 -20.86 4.14
CA ASP C 146 -31.02 -21.26 5.54
C ASP C 146 -30.52 -20.20 6.54
N LEU C 147 -29.81 -19.18 6.05
CA LEU C 147 -29.25 -18.15 6.94
C LEU C 147 -30.33 -17.33 7.63
N ILE C 148 -30.08 -16.99 8.89
CA ILE C 148 -30.96 -16.12 9.65
C ILE C 148 -30.14 -15.07 10.37
N SER C 149 -30.83 -14.07 10.91
CA SER C 149 -30.19 -12.96 11.62
C SER C 149 -30.42 -13.11 13.10
N LEU C 150 -29.34 -13.09 13.87
CA LEU C 150 -29.43 -13.27 15.32
C LEU C 150 -29.36 -11.90 15.99
N ALA C 151 -30.44 -11.53 16.66
CA ALA C 151 -30.50 -10.24 17.33
C ALA C 151 -29.73 -10.35 18.65
N PRO C 152 -29.11 -9.26 19.10
CA PRO C 152 -29.03 -7.93 18.48
C PRO C 152 -27.80 -7.67 17.60
N SER C 153 -26.93 -8.66 17.42
CA SER C 153 -25.71 -8.47 16.60
C SER C 153 -26.01 -8.35 15.12
N GLY C 154 -27.06 -9.03 14.66
CA GLY C 154 -27.31 -9.15 13.22
C GLY C 154 -26.39 -10.15 12.52
N ALA C 155 -25.68 -10.99 13.27
CA ALA C 155 -24.85 -12.04 12.66
C ALA C 155 -25.69 -12.89 11.71
N ARG C 156 -25.17 -13.19 10.53
CA ARG C 156 -25.85 -14.07 9.59
C ARG C 156 -25.29 -15.49 9.73
N GLN C 157 -26.14 -16.39 10.21
CA GLN C 157 -25.75 -17.77 10.53
C GLN C 157 -26.84 -18.73 10.08
N PRO C 158 -26.47 -20.02 9.86
CA PRO C 158 -27.47 -21.04 9.62
C PRO C 158 -28.42 -21.20 10.79
N GLU C 159 -29.71 -21.35 10.48
CA GLU C 159 -30.68 -21.78 11.46
C GLU C 159 -30.40 -23.24 11.80
N ASN C 160 -30.08 -24.01 10.77
CA ASN C 160 -29.82 -25.44 10.90
C ASN C 160 -28.41 -25.77 10.42
N ALA C 161 -27.44 -25.65 11.33
CA ALA C 161 -26.03 -25.91 11.02
C ALA C 161 -25.79 -27.38 10.67
N LEU C 162 -24.84 -27.61 9.76
CA LEU C 162 -24.41 -28.94 9.39
C LEU C 162 -22.91 -28.90 9.43
N LEU C 163 -22.32 -29.74 10.26
CA LEU C 163 -20.87 -29.81 10.40
C LEU C 163 -20.35 -31.11 9.80
N ILE C 164 -19.17 -31.07 9.22
CA ILE C 164 -18.56 -32.25 8.65
C ILE C 164 -17.21 -32.50 9.32
N PHE C 165 -17.06 -33.69 9.90
CA PHE C 165 -15.84 -34.09 10.57
C PHE C 165 -15.22 -35.26 9.83
N ALA C 166 -14.38 -34.94 8.84
CA ALA C 166 -13.61 -35.95 8.10
C ALA C 166 -12.32 -36.21 8.84
N SER C 167 -12.12 -37.46 9.27
CA SER C 167 -11.01 -37.79 10.14
C SER C 167 -10.19 -38.93 9.57
N PRO C 168 -8.91 -38.99 9.94
CA PRO C 168 -8.06 -40.09 9.48
C PRO C 168 -8.43 -41.41 10.13
N PHE C 169 -7.95 -42.50 9.56
CA PHE C 169 -8.15 -43.82 10.14
C PHE C 169 -7.51 -43.93 11.52
N GLU C 170 -8.11 -44.79 12.34
CA GLU C 170 -7.62 -45.06 13.66
C GLU C 170 -6.45 -46.03 13.57
N ASN C 171 -5.44 -45.81 14.41
CA ASN C 171 -4.29 -46.70 14.51
C ASN C 171 -4.26 -47.36 15.89
N SER C 172 -3.23 -48.16 16.15
CA SER C 172 -3.13 -48.93 17.39
C SER C 172 -3.01 -48.09 18.67
N SER C 173 -2.64 -46.83 18.53
CA SER C 173 -2.60 -45.92 19.69
C SER C 173 -3.95 -45.22 19.98
N THR C 174 -4.88 -45.24 19.03
CA THR C 174 -6.21 -44.63 19.25
C THR C 174 -7.36 -45.63 19.21
N LYS C 175 -7.12 -46.80 18.62
CA LYS C 175 -8.04 -47.93 18.69
C LYS C 175 -7.37 -49.07 19.49
N PRO C 176 -8.09 -49.67 20.47
CA PRO C 176 -7.51 -50.73 21.28
C PRO C 176 -7.39 -52.01 20.49
N GLN C 177 -6.31 -52.07 19.72
CA GLN C 177 -6.04 -53.17 18.85
C GLN C 177 -4.52 -53.24 18.76
N PRO C 178 -3.89 -54.17 19.50
CA PRO C 178 -4.45 -55.28 20.30
C PRO C 178 -5.25 -54.87 21.55
N GLY C 179 -4.86 -53.77 22.18
CA GLY C 179 -5.48 -53.34 23.42
C GLY C 179 -4.99 -54.12 24.62
N SER C 180 -5.91 -54.44 25.54
CA SER C 180 -5.58 -54.96 26.85
C SER C 180 -6.25 -56.31 27.10
N PRO C 181 -5.51 -57.29 27.64
CA PRO C 181 -6.16 -58.55 28.04
C PRO C 181 -7.27 -58.28 29.05
N ASN C 182 -7.04 -57.26 29.88
CA ASN C 182 -7.98 -56.85 30.88
C ASN C 182 -8.86 -55.73 30.32
N SER C 183 -9.88 -56.12 29.54
CA SER C 183 -10.85 -55.17 29.00
C SER C 183 -12.31 -55.64 29.08
N ILE C 184 -13.22 -54.67 29.02
CA ILE C 184 -14.66 -54.92 29.04
C ILE C 184 -15.31 -54.20 27.86
N ALA C 185 -16.29 -54.84 27.25
CA ALA C 185 -17.02 -54.29 26.12
C ALA C 185 -18.53 -54.31 26.41
N PRO C 186 -19.06 -53.26 27.06
CA PRO C 186 -20.46 -53.30 27.45
C PRO C 186 -21.42 -53.50 26.29
N ALA C 187 -22.55 -54.15 26.57
CA ALA C 187 -23.62 -54.30 25.61
C ALA C 187 -24.43 -52.99 25.57
N PRO C 188 -25.07 -52.70 24.42
CA PRO C 188 -25.93 -51.51 24.30
C PRO C 188 -26.96 -51.41 25.43
N GLY C 189 -27.39 -50.19 25.76
CA GLY C 189 -28.35 -49.98 26.83
C GLY C 189 -27.72 -49.28 28.01
N ARG C 190 -28.40 -49.35 29.16
CA ARG C 190 -27.86 -48.83 30.42
C ARG C 190 -26.54 -49.50 30.75
N VAL C 191 -25.51 -48.71 31.05
CA VAL C 191 -24.18 -49.27 31.33
C VAL C 191 -23.93 -49.13 32.83
N LEU C 192 -23.59 -50.26 33.47
CA LEU C 192 -23.39 -50.31 34.93
C LEU C 192 -22.12 -51.08 35.26
N GLY C 193 -21.48 -50.71 36.38
CA GLY C 193 -20.36 -51.47 36.94
C GLY C 193 -18.95 -51.03 36.57
N LEU C 194 -18.85 -50.01 35.70
CA LEU C 194 -17.54 -49.57 35.20
C LEU C 194 -16.71 -48.89 36.29
N ASN C 195 -17.38 -48.38 37.30
CA ASN C 195 -16.70 -47.81 38.46
C ASN C 195 -16.08 -48.87 39.37
N THR C 196 -16.36 -50.15 39.11
CA THR C 196 -15.85 -51.26 39.90
C THR C 196 -15.26 -52.36 39.04
N THR C 197 -15.16 -52.13 37.73
CA THR C 197 -14.56 -53.13 36.87
C THR C 197 -13.08 -53.27 37.18
N SER C 198 -12.55 -54.48 37.02
CA SER C 198 -11.12 -54.70 37.14
C SER C 198 -10.47 -54.55 35.77
N ALA C 199 -11.24 -54.19 34.75
CA ALA C 199 -10.70 -53.92 33.42
C ALA C 199 -9.81 -52.68 33.42
N SER C 200 -8.89 -52.63 32.45
CA SER C 200 -8.06 -51.44 32.25
C SER C 200 -8.48 -50.67 30.98
N THR C 201 -9.11 -51.38 30.04
CA THR C 201 -9.60 -50.81 28.79
C THR C 201 -11.11 -51.06 28.65
N VAL C 202 -11.87 -49.98 28.43
CA VAL C 202 -13.33 -50.05 28.21
C VAL C 202 -13.62 -49.73 26.74
N VAL C 203 -14.36 -50.63 26.09
CA VAL C 203 -14.59 -50.55 24.67
C VAL C 203 -16.08 -50.42 24.38
N PHE C 204 -16.47 -49.29 23.78
CA PHE C 204 -17.81 -49.09 23.28
C PHE C 204 -17.88 -49.34 21.79
N ASN C 205 -18.38 -50.53 21.42
CA ASN C 205 -18.56 -50.89 20.01
C ASN C 205 -19.77 -50.18 19.43
N PRO C 206 -19.99 -50.31 18.11
CA PRO C 206 -21.15 -49.65 17.53
C PRO C 206 -22.48 -49.98 18.23
N GLY C 207 -23.28 -48.95 18.52
CA GLY C 207 -24.51 -49.10 19.29
C GLY C 207 -24.78 -47.89 20.17
N VAL C 208 -25.91 -47.93 20.86
CA VAL C 208 -26.33 -46.86 21.73
C VAL C 208 -26.23 -47.30 23.20
N TYR C 209 -25.63 -46.43 24.01
CA TYR C 209 -25.38 -46.67 25.41
C TYR C 209 -25.81 -45.44 26.19
N TYR C 210 -26.23 -45.64 27.43
CA TYR C 210 -26.64 -44.50 28.24
C TYR C 210 -26.36 -44.72 29.73
N PHE C 211 -26.26 -43.60 30.45
CA PHE C 211 -26.05 -43.59 31.89
C PHE C 211 -27.20 -42.95 32.67
N THR C 212 -28.18 -42.41 31.94
CA THR C 212 -29.27 -41.59 32.52
C THR C 212 -28.73 -40.25 32.98
N GLY C 213 -29.66 -39.36 33.32
CA GLY C 213 -29.31 -38.06 33.86
C GLY C 213 -28.98 -38.12 35.35
N HIS C 214 -28.87 -39.33 35.92
CA HIS C 214 -28.71 -39.52 37.37
C HIS C 214 -27.55 -40.45 37.73
N ASP C 215 -26.56 -40.52 36.85
CA ASP C 215 -25.35 -41.34 37.04
C ASP C 215 -24.38 -40.95 35.88
N HIS C 216 -23.11 -41.31 35.97
CA HIS C 216 -22.20 -41.08 34.86
C HIS C 216 -21.13 -42.16 34.75
N MET C 217 -20.32 -42.09 33.70
CA MET C 217 -19.25 -43.06 33.49
C MET C 217 -18.07 -42.84 34.42
N VAL C 218 -18.28 -43.14 35.70
CA VAL C 218 -17.20 -43.18 36.67
C VAL C 218 -16.43 -44.45 36.34
N LEU C 219 -15.15 -44.30 36.02
CA LEU C 219 -14.29 -45.42 35.63
C LEU C 219 -13.42 -45.79 36.82
N SER C 220 -13.33 -47.09 37.11
CA SER C 220 -12.58 -47.58 38.27
C SER C 220 -11.09 -47.24 38.17
N SER C 221 -10.38 -47.42 39.27
CA SER C 221 -8.96 -47.05 39.37
C SER C 221 -8.07 -47.79 38.37
N SER C 222 -8.53 -48.93 37.89
CA SER C 222 -7.77 -49.71 36.92
C SER C 222 -7.98 -49.28 35.46
N VAL C 223 -9.02 -48.49 35.16
CA VAL C 223 -9.28 -48.09 33.77
C VAL C 223 -8.35 -46.96 33.33
N THR C 224 -7.53 -47.25 32.32
CA THR C 224 -6.61 -46.28 31.74
C THR C 224 -6.97 -45.91 30.30
N TRP C 225 -7.90 -46.64 29.70
CA TRP C 225 -8.27 -46.38 28.32
C TRP C 225 -9.77 -46.59 28.12
N VAL C 226 -10.50 -45.52 27.82
CA VAL C 226 -11.88 -45.64 27.33
C VAL C 226 -11.92 -45.34 25.83
N TYR C 227 -12.63 -46.18 25.06
CA TYR C 227 -12.67 -46.11 23.60
C TYR C 227 -14.09 -46.06 23.05
N PHE C 228 -14.35 -45.02 22.27
CA PHE C 228 -15.64 -44.81 21.64
C PHE C 228 -15.51 -45.10 20.16
N ALA C 229 -15.98 -46.27 19.73
CA ALA C 229 -15.83 -46.67 18.33
C ALA C 229 -16.62 -45.77 17.40
N PRO C 230 -16.19 -45.66 16.14
CA PRO C 230 -17.08 -45.06 15.14
C PRO C 230 -18.40 -45.80 15.14
N GLY C 231 -19.51 -45.07 15.21
CA GLY C 231 -20.85 -45.68 15.26
C GLY C 231 -21.34 -46.01 16.66
N ALA C 232 -20.52 -45.72 17.66
CA ALA C 232 -20.95 -45.77 19.04
C ALA C 232 -21.46 -44.40 19.46
N TYR C 233 -22.59 -44.39 20.16
CA TYR C 233 -23.17 -43.18 20.72
C TYR C 233 -23.43 -43.43 22.18
N VAL C 234 -22.69 -42.73 23.04
CA VAL C 234 -22.77 -42.96 24.48
C VAL C 234 -23.31 -41.70 25.13
N LYS C 235 -24.48 -41.83 25.76
CA LYS C 235 -25.05 -40.73 26.54
C LYS C 235 -24.50 -40.84 27.94
N GLY C 236 -23.68 -39.86 28.33
CA GLY C 236 -22.99 -39.92 29.61
C GLY C 236 -21.93 -38.84 29.76
N ALA C 237 -21.05 -39.05 30.73
CA ALA C 237 -19.96 -38.13 31.02
C ALA C 237 -18.87 -38.92 31.74
N VAL C 238 -17.60 -38.59 31.46
CA VAL C 238 -16.49 -39.46 31.86
C VAL C 238 -15.73 -38.91 33.06
N GLU C 239 -15.49 -39.80 34.03
CA GLU C 239 -14.65 -39.52 35.18
C GLU C 239 -13.66 -40.67 35.40
N PHE C 240 -12.38 -40.40 35.17
CA PHE C 240 -11.33 -41.37 35.42
C PHE C 240 -10.93 -41.30 36.89
N LEU C 241 -11.02 -42.42 37.60
CA LEU C 241 -10.49 -42.52 38.97
C LEU C 241 -9.03 -42.95 38.99
N SER C 242 -8.48 -43.39 37.86
CA SER C 242 -7.09 -43.83 37.80
C SER C 242 -6.13 -42.66 37.96
N THR C 243 -5.09 -42.88 38.76
CA THR C 243 -4.05 -41.88 38.97
C THR C 243 -2.75 -42.32 38.29
N ALA C 244 -2.87 -43.24 37.35
CA ALA C 244 -1.72 -43.78 36.64
C ALA C 244 -1.10 -42.72 35.70
N SER C 245 -0.02 -43.10 35.03
CA SER C 245 0.73 -42.15 34.22
C SER C 245 -0.02 -41.71 32.94
N GLU C 246 -0.88 -42.57 32.40
CA GLU C 246 -1.72 -42.22 31.27
C GLU C 246 -3.18 -42.63 31.50
N VAL C 247 -4.09 -41.71 31.18
CA VAL C 247 -5.49 -42.04 31.00
C VAL C 247 -5.85 -41.56 29.60
N LYS C 248 -6.55 -42.40 28.84
CA LYS C 248 -6.83 -42.10 27.45
C LYS C 248 -8.31 -42.25 27.11
N ALA C 249 -8.84 -41.28 26.36
CA ALA C 249 -10.16 -41.37 25.75
C ALA C 249 -9.97 -41.16 24.26
N SER C 250 -10.38 -42.13 23.45
CA SER C 250 -10.11 -42.06 22.01
C SER C 250 -11.21 -42.73 21.20
N GLY C 251 -11.07 -42.66 19.87
CA GLY C 251 -12.08 -43.18 18.96
C GLY C 251 -12.98 -42.06 18.48
N HIS C 252 -13.71 -42.32 17.40
CA HIS C 252 -14.49 -41.27 16.70
C HIS C 252 -16.01 -41.37 16.93
N GLY C 253 -16.41 -42.11 17.96
CA GLY C 253 -17.81 -42.13 18.40
C GLY C 253 -18.16 -40.89 19.20
N VAL C 254 -19.39 -40.86 19.74
CA VAL C 254 -19.90 -39.68 20.43
C VAL C 254 -20.13 -39.92 21.92
N LEU C 255 -19.70 -38.94 22.71
CA LEU C 255 -20.10 -38.85 24.11
C LEU C 255 -21.08 -37.67 24.24
N SER C 256 -22.33 -37.94 24.61
CA SER C 256 -23.34 -36.87 24.70
C SER C 256 -23.86 -36.66 26.13
N GLY C 257 -23.93 -35.40 26.57
CA GLY C 257 -24.45 -35.07 27.90
C GLY C 257 -25.93 -34.67 27.87
N GLU C 258 -26.65 -35.14 26.86
CA GLU C 258 -28.00 -34.65 26.60
C GLU C 258 -29.02 -35.07 27.65
N GLN C 259 -28.72 -36.11 28.41
CA GLN C 259 -29.60 -36.57 29.48
C GLN C 259 -29.52 -35.74 30.75
N TYR C 260 -28.48 -34.91 30.89
CA TYR C 260 -28.29 -34.11 32.12
C TYR C 260 -28.93 -32.73 32.02
N VAL C 261 -29.58 -32.28 33.09
CA VAL C 261 -30.05 -30.90 33.16
C VAL C 261 -28.82 -30.01 33.21
N TRP C 262 -29.00 -28.74 32.90
CA TRP C 262 -27.92 -27.77 32.94
C TRP C 262 -27.38 -27.65 34.34
N TYR C 263 -26.06 -27.59 34.47
CA TYR C 263 -25.39 -27.37 35.75
C TYR C 263 -25.69 -28.51 36.72
N ALA C 264 -25.99 -29.70 36.19
CA ALA C 264 -26.30 -30.87 36.98
C ALA C 264 -25.15 -31.22 37.91
N ASP C 265 -25.46 -31.31 39.21
CA ASP C 265 -24.48 -31.55 40.26
C ASP C 265 -24.48 -33.01 40.71
N PRO C 266 -23.42 -33.76 40.39
CA PRO C 266 -23.41 -35.19 40.71
C PRO C 266 -23.36 -35.48 42.20
N ASP C 267 -22.95 -34.51 43.02
CA ASP C 267 -22.99 -34.64 44.48
C ASP C 267 -24.30 -34.05 45.06
N GLU C 268 -25.33 -33.94 44.22
CA GLU C 268 -26.69 -33.63 44.67
C GLU C 268 -27.71 -34.43 43.85
N GLY C 269 -27.41 -35.70 43.58
CA GLY C 269 -28.27 -36.53 42.75
C GLY C 269 -28.55 -35.92 41.37
N TYR C 270 -27.54 -35.25 40.82
CA TYR C 270 -27.61 -34.68 39.47
C TYR C 270 -28.75 -33.68 39.28
N GLN C 271 -29.19 -33.05 40.37
CA GLN C 271 -30.10 -31.92 40.30
C GLN C 271 -29.26 -30.72 39.89
N LYS C 272 -29.89 -29.71 39.33
CA LYS C 272 -29.20 -28.45 39.06
C LYS C 272 -28.56 -27.97 40.36
N ALA C 273 -27.29 -27.57 40.29
CA ALA C 273 -26.55 -27.19 41.48
C ALA C 273 -27.28 -26.11 42.29
N SER C 274 -27.35 -26.31 43.60
CA SER C 274 -27.95 -25.31 44.50
C SER C 274 -27.04 -24.09 44.55
N GLY C 275 -27.48 -23.00 43.92
CA GLY C 275 -26.63 -21.84 43.71
C GLY C 275 -25.68 -22.02 42.53
N ALA C 276 -24.52 -21.38 42.60
CA ALA C 276 -23.52 -21.41 41.53
C ALA C 276 -22.18 -21.87 42.09
N ASN C 277 -22.13 -23.13 42.50
CA ASN C 277 -20.98 -23.68 43.23
C ASN C 277 -19.87 -24.29 42.37
N ASN C 278 -19.95 -24.07 41.04
CA ASN C 278 -18.99 -24.61 40.06
C ASN C 278 -18.77 -26.13 40.11
N ASN C 279 -19.74 -26.88 40.63
CA ASN C 279 -19.60 -28.32 40.73
C ASN C 279 -20.49 -29.08 39.72
N GLY C 280 -20.96 -28.37 38.69
CA GLY C 280 -21.67 -29.02 37.60
C GLY C 280 -20.85 -30.14 36.97
N LEU C 281 -21.54 -31.17 36.47
CA LEU C 281 -20.90 -32.34 35.88
C LEU C 281 -20.04 -31.98 34.66
N ARG C 282 -18.78 -32.39 34.70
CA ARG C 282 -17.86 -32.29 33.54
C ARG C 282 -18.05 -33.44 32.59
N MET C 283 -17.83 -33.20 31.30
CA MET C 283 -17.79 -34.28 30.33
C MET C 283 -16.50 -35.10 30.48
N TRP C 284 -15.41 -34.45 30.89
CA TRP C 284 -14.13 -35.11 31.09
C TRP C 284 -13.60 -34.77 32.47
N ARG C 285 -13.37 -35.77 33.31
CA ARG C 285 -12.73 -35.53 34.61
C ARG C 285 -11.75 -36.64 34.97
N GLY C 286 -10.64 -36.23 35.58
CA GLY C 286 -9.64 -37.18 36.02
C GLY C 286 -9.24 -36.95 37.46
N THR C 287 -8.35 -37.81 37.93
CA THR C 287 -7.96 -37.86 39.34
C THR C 287 -6.45 -38.04 39.45
N LEU C 288 -5.83 -37.20 40.26
CA LEU C 288 -4.38 -37.21 40.40
C LEU C 288 -3.97 -37.78 41.75
N GLY C 289 -2.92 -38.59 41.73
CA GLY C 289 -2.32 -39.09 42.96
C GLY C 289 -1.14 -38.20 43.28
N ASN C 290 0.02 -38.83 43.49
CA ASN C 290 1.26 -38.11 43.74
C ASN C 290 2.15 -38.04 42.51
N SER C 291 1.81 -38.80 41.47
CA SER C 291 2.67 -38.96 40.31
C SER C 291 2.16 -38.25 39.06
N SER C 292 3.01 -38.22 38.04
CA SER C 292 2.73 -37.51 36.80
C SER C 292 1.66 -38.22 35.98
N GLN C 293 0.77 -37.46 35.36
CA GLN C 293 -0.28 -38.04 34.48
C GLN C 293 -0.43 -37.26 33.17
N THR C 294 -0.64 -37.99 32.08
CA THR C 294 -0.96 -37.42 30.79
C THR C 294 -2.38 -37.87 30.39
N PHE C 295 -3.26 -36.91 30.11
CA PHE C 295 -4.59 -37.21 29.56
C PHE C 295 -4.51 -37.15 28.03
N VAL C 296 -4.78 -38.28 27.38
CA VAL C 296 -4.76 -38.35 25.93
C VAL C 296 -6.20 -38.41 25.42
N LEU C 297 -6.57 -37.42 24.61
CA LEU C 297 -7.94 -37.29 24.09
C LEU C 297 -7.84 -37.14 22.57
N ASN C 298 -8.56 -37.99 21.84
CA ASN C 298 -8.33 -38.18 20.41
C ASN C 298 -9.57 -38.72 19.68
N GLY C 299 -10.03 -38.00 18.65
CA GLY C 299 -11.12 -38.50 17.79
C GLY C 299 -12.53 -38.20 18.26
N VAL C 300 -12.72 -38.19 19.57
CA VAL C 300 -14.05 -38.18 20.19
C VAL C 300 -14.84 -36.92 19.82
N THR C 301 -16.13 -37.10 19.55
CA THR C 301 -17.05 -35.97 19.48
C THR C 301 -17.83 -35.89 20.79
N VAL C 302 -17.75 -34.74 21.46
CA VAL C 302 -18.56 -34.45 22.63
C VAL C 302 -19.74 -33.58 22.19
N SER C 303 -20.94 -34.01 22.53
CA SER C 303 -22.13 -33.20 22.27
C SER C 303 -22.85 -32.84 23.59
N ALA C 304 -23.47 -31.67 23.61
CA ALA C 304 -24.42 -31.32 24.65
C ALA C 304 -23.84 -31.43 26.08
N PRO C 305 -22.74 -30.72 26.33
CA PRO C 305 -22.24 -30.63 27.70
C PRO C 305 -23.23 -29.90 28.60
N PRO C 306 -23.45 -30.40 29.84
CA PRO C 306 -24.33 -29.69 30.78
C PRO C 306 -23.67 -28.54 31.52
N PHE C 307 -22.34 -28.45 31.41
CA PHE C 307 -21.58 -27.46 32.17
C PHE C 307 -20.18 -27.31 31.56
N ASN C 308 -19.17 -26.90 32.33
CA ASN C 308 -17.79 -26.82 31.85
C ASN C 308 -17.38 -28.20 31.34
N SER C 309 -16.70 -28.24 30.20
CA SER C 309 -16.44 -29.53 29.54
C SER C 309 -15.47 -30.41 30.30
N MET C 310 -14.56 -29.82 31.08
CA MET C 310 -13.43 -30.59 31.58
C MET C 310 -12.69 -29.93 32.74
N ASP C 311 -12.49 -30.69 33.80
CA ASP C 311 -11.59 -30.30 34.89
C ASP C 311 -11.08 -31.55 35.58
N TRP C 312 -9.82 -31.49 36.03
CA TRP C 312 -9.18 -32.57 36.77
C TRP C 312 -9.28 -32.28 38.26
N SER C 313 -9.19 -33.33 39.08
CA SER C 313 -9.34 -33.23 40.53
C SER C 313 -7.98 -33.37 41.19
N GLY C 314 -7.76 -32.64 42.27
CA GLY C 314 -6.54 -32.78 43.04
C GLY C 314 -5.92 -31.45 43.46
N ASN C 315 -4.85 -31.55 44.24
CA ASN C 315 -4.16 -30.37 44.78
C ASN C 315 -3.24 -29.76 43.73
N SER C 316 -2.32 -30.57 43.20
CA SER C 316 -1.31 -30.07 42.29
C SER C 316 -1.68 -30.40 40.85
N LEU C 317 -2.05 -29.38 40.09
CA LEU C 317 -2.47 -29.56 38.70
C LEU C 317 -1.32 -29.45 37.70
N ASP C 318 -0.09 -29.24 38.18
CA ASP C 318 1.06 -29.31 37.27
C ASP C 318 1.54 -30.77 37.11
N LEU C 319 0.93 -31.70 37.83
CA LEU C 319 1.19 -33.12 37.60
C LEU C 319 0.38 -33.66 36.42
N ILE C 320 -0.51 -32.85 35.86
CA ILE C 320 -1.29 -33.25 34.67
C ILE C 320 -0.86 -32.45 33.44
N THR C 321 -0.76 -33.14 32.30
CA THR C 321 -0.61 -32.51 31.00
C THR C 321 -1.59 -33.21 30.04
N CYS C 322 -1.94 -32.53 28.93
CA CYS C 322 -2.90 -33.06 27.96
C CYS C 322 -2.35 -33.19 26.54
N ARG C 323 -2.79 -34.22 25.83
CA ARG C 323 -2.45 -34.40 24.42
C ARG C 323 -3.75 -34.56 23.69
N VAL C 324 -4.17 -33.52 22.97
CA VAL C 324 -5.52 -33.47 22.37
C VAL C 324 -5.43 -33.31 20.87
N ASP C 325 -6.08 -34.21 20.14
CA ASP C 325 -6.06 -34.22 18.68
C ASP C 325 -7.41 -34.67 18.10
N ASP C 326 -7.84 -34.00 17.03
CA ASP C 326 -8.95 -34.50 16.19
C ASP C 326 -10.20 -34.67 17.05
N TYR C 327 -10.54 -33.62 17.79
CA TYR C 327 -11.57 -33.65 18.83
C TYR C 327 -12.60 -32.53 18.66
N LYS C 328 -13.87 -32.83 18.91
CA LYS C 328 -14.94 -31.87 18.67
C LYS C 328 -15.89 -31.73 19.85
N GLN C 329 -16.32 -30.49 20.09
CA GLN C 329 -17.43 -30.18 20.99
C GLN C 329 -18.55 -29.54 20.17
N VAL C 330 -19.72 -30.19 20.14
CA VAL C 330 -20.86 -29.73 19.37
C VAL C 330 -22.06 -29.55 20.29
N GLY C 331 -23.07 -28.85 19.79
CA GLY C 331 -24.34 -28.72 20.49
C GLY C 331 -24.28 -28.19 21.90
N ALA C 332 -23.26 -27.39 22.20
CA ALA C 332 -23.11 -26.76 23.49
C ALA C 332 -23.94 -25.47 23.59
N PHE C 333 -25.26 -25.62 23.58
CA PHE C 333 -26.18 -24.46 23.58
C PHE C 333 -26.37 -23.87 24.98
N TYR C 334 -25.95 -24.59 26.01
CA TYR C 334 -26.06 -24.08 27.38
C TYR C 334 -24.96 -23.08 27.71
N GLY C 335 -25.24 -22.22 28.69
CA GLY C 335 -24.24 -21.34 29.27
C GLY C 335 -23.12 -22.14 29.92
N GLN C 336 -21.97 -21.49 30.09
CA GLN C 336 -20.86 -22.05 30.86
C GLN C 336 -20.34 -23.40 30.32
N THR C 337 -20.39 -23.53 29.00
CA THR C 337 -19.87 -24.70 28.29
C THR C 337 -18.45 -24.43 27.74
N ASP C 338 -17.55 -24.18 28.67
CA ASP C 338 -16.12 -23.98 28.44
C ASP C 338 -15.49 -25.00 27.50
N GLY C 339 -14.46 -24.59 26.77
CA GLY C 339 -13.54 -25.55 26.16
C GLY C 339 -12.73 -26.28 27.22
N LEU C 340 -11.78 -27.10 26.79
CA LEU C 340 -10.98 -27.92 27.70
C LEU C 340 -10.04 -27.11 28.57
N GLU C 341 -9.53 -27.71 29.64
CA GLU C 341 -8.42 -27.11 30.35
C GLU C 341 -7.17 -27.56 29.62
N MET C 342 -6.21 -26.66 29.47
CA MET C 342 -4.96 -26.98 28.80
C MET C 342 -3.89 -26.89 29.86
N TYR C 343 -3.70 -27.98 30.58
CA TYR C 343 -2.77 -28.02 31.70
C TYR C 343 -1.32 -27.94 31.20
N PRO C 344 -0.36 -27.69 32.12
CA PRO C 344 1.02 -27.42 31.72
C PRO C 344 1.62 -28.45 30.77
N GLY C 345 2.26 -27.97 29.71
CA GLY C 345 2.87 -28.85 28.70
C GLY C 345 1.94 -29.33 27.60
N THR C 346 0.68 -28.92 27.64
CA THR C 346 -0.32 -29.45 26.71
C THR C 346 0.03 -29.15 25.25
N ILE C 347 -0.19 -30.14 24.40
CA ILE C 347 -0.20 -29.94 22.96
C ILE C 347 -1.62 -30.28 22.51
N LEU C 348 -2.31 -29.28 21.97
CA LEU C 348 -3.68 -29.46 21.47
C LEU C 348 -3.78 -29.03 20.01
N GLN C 349 -4.32 -29.89 19.15
CA GLN C 349 -4.37 -29.60 17.72
C GLN C 349 -5.61 -30.18 17.06
N ASP C 350 -6.09 -29.48 16.04
CA ASP C 350 -7.12 -30.02 15.13
C ASP C 350 -8.39 -30.30 15.89
N VAL C 351 -8.91 -29.22 16.46
CA VAL C 351 -10.06 -29.25 17.32
C VAL C 351 -11.16 -28.39 16.72
N PHE C 352 -12.41 -28.84 16.86
CA PHE C 352 -13.57 -28.00 16.64
C PHE C 352 -14.28 -27.71 17.97
N TYR C 353 -14.56 -26.43 18.25
CA TYR C 353 -15.29 -26.01 19.47
C TYR C 353 -16.53 -25.20 19.15
N HIS C 354 -17.70 -25.73 19.49
CA HIS C 354 -18.92 -24.94 19.64
C HIS C 354 -19.03 -24.65 21.16
N THR C 355 -19.05 -23.37 21.52
CA THR C 355 -18.99 -23.02 22.94
C THR C 355 -19.71 -21.72 23.26
N ASP C 356 -20.36 -21.71 24.42
CA ASP C 356 -21.02 -20.52 24.93
C ASP C 356 -20.37 -20.04 26.22
N ASP C 357 -19.07 -20.27 26.37
CA ASP C 357 -18.29 -19.64 27.43
C ASP C 357 -16.82 -19.67 27.03
N ASP C 358 -15.92 -19.46 28.00
CA ASP C 358 -14.48 -19.37 27.74
C ASP C 358 -13.99 -20.45 26.78
N GLY C 359 -13.41 -20.02 25.67
CA GLY C 359 -13.04 -20.95 24.61
C GLY C 359 -11.68 -21.59 24.81
N LEU C 360 -10.64 -20.82 24.57
CA LEU C 360 -9.27 -21.25 24.79
C LEU C 360 -8.86 -20.67 26.13
N LYS C 361 -8.72 -21.53 27.13
CA LYS C 361 -8.45 -21.06 28.47
C LYS C 361 -6.95 -21.11 28.77
N MET C 362 -6.32 -19.94 28.63
CA MET C 362 -4.87 -19.81 28.73
C MET C 362 -4.47 -19.58 30.18
N TYR C 363 -4.51 -20.67 30.95
CA TYR C 363 -4.29 -20.63 32.40
C TYR C 363 -2.99 -21.27 32.85
N TYR C 364 -2.30 -21.98 31.95
CA TYR C 364 -1.12 -22.78 32.35
C TYR C 364 0.00 -22.60 31.34
N SER C 365 1.21 -22.86 31.82
CA SER C 365 2.44 -22.58 31.08
C SER C 365 2.80 -23.67 30.08
N ASN C 366 3.65 -23.30 29.13
CA ASN C 366 4.26 -24.24 28.20
C ASN C 366 3.25 -25.01 27.36
N VAL C 367 2.25 -24.29 26.87
CA VAL C 367 1.13 -24.87 26.17
C VAL C 367 1.19 -24.49 24.69
N THR C 368 0.85 -25.45 23.84
CA THR C 368 0.78 -25.23 22.40
C THR C 368 -0.61 -25.65 21.91
N ALA C 369 -1.30 -24.75 21.22
CA ALA C 369 -2.61 -25.05 20.67
C ALA C 369 -2.69 -24.51 19.25
N ARG C 370 -2.99 -25.39 18.29
CA ARG C 370 -3.05 -24.99 16.90
C ARG C 370 -4.18 -25.66 16.13
N ASN C 371 -4.56 -25.01 15.05
CA ASN C 371 -5.51 -25.56 14.07
C ASN C 371 -6.84 -25.84 14.72
N ILE C 372 -7.50 -24.77 15.13
CA ILE C 372 -8.74 -24.84 15.88
C ILE C 372 -9.85 -24.09 15.12
N VAL C 373 -11.00 -24.72 14.98
CA VAL C 373 -12.20 -24.07 14.44
C VAL C 373 -13.14 -23.83 15.60
N MET C 374 -13.56 -22.58 15.80
CA MET C 374 -14.46 -22.22 16.88
C MET C 374 -15.72 -21.56 16.36
N TRP C 375 -16.86 -22.07 16.80
CA TRP C 375 -18.16 -21.43 16.62
C TRP C 375 -18.52 -20.85 17.98
N LYS C 376 -18.08 -19.63 18.22
CA LYS C 376 -18.33 -18.94 19.48
C LYS C 376 -19.78 -18.51 19.45
N GLU C 377 -20.46 -18.66 20.58
CA GLU C 377 -21.86 -18.30 20.66
C GLU C 377 -21.98 -16.85 21.15
N SER C 378 -22.41 -16.63 22.39
CA SER C 378 -22.78 -15.27 22.82
C SER C 378 -22.14 -14.81 24.13
N VAL C 379 -21.37 -15.66 24.80
CA VAL C 379 -20.75 -15.31 26.10
C VAL C 379 -19.25 -15.64 26.18
N ALA C 380 -18.49 -14.72 26.79
CA ALA C 380 -17.06 -14.88 27.11
C ALA C 380 -16.14 -14.74 25.89
N PRO C 381 -14.87 -14.41 26.13
CA PRO C 381 -13.94 -14.25 25.01
C PRO C 381 -13.54 -15.55 24.35
N VAL C 382 -12.94 -15.44 23.17
CA VAL C 382 -12.41 -16.59 22.45
C VAL C 382 -11.25 -17.18 23.23
N VAL C 383 -10.31 -16.31 23.60
CA VAL C 383 -9.20 -16.64 24.47
C VAL C 383 -9.47 -15.97 25.81
N GLU C 384 -9.31 -16.72 26.91
CA GLU C 384 -9.48 -16.19 28.25
C GLU C 384 -8.19 -16.34 29.07
N PHE C 385 -7.78 -15.27 29.74
CA PHE C 385 -6.72 -15.36 30.76
C PHE C 385 -6.94 -14.39 31.93
N GLY C 386 -8.22 -14.21 32.28
CA GLY C 386 -8.61 -13.43 33.45
C GLY C 386 -8.98 -14.31 34.63
N TRP C 387 -9.99 -13.86 35.39
CA TRP C 387 -10.57 -14.56 36.56
C TRP C 387 -9.67 -14.59 37.79
N THR C 388 -8.44 -15.08 37.65
CA THR C 388 -7.52 -15.22 38.76
C THR C 388 -6.12 -14.92 38.25
N PRO C 389 -5.34 -14.10 38.99
CA PRO C 389 -3.98 -13.82 38.55
C PRO C 389 -3.04 -15.04 38.63
N ARG C 390 -2.11 -15.14 37.69
CA ARG C 390 -1.32 -16.36 37.53
C ARG C 390 0.11 -16.05 37.07
N ASN C 391 1.00 -17.00 37.34
CA ASN C 391 2.27 -17.07 36.64
C ASN C 391 2.06 -18.01 35.48
N THR C 392 2.00 -17.46 34.28
CA THR C 392 1.85 -18.26 33.08
C THR C 392 2.91 -17.80 32.09
N GLU C 393 3.64 -18.74 31.51
CA GLU C 393 4.66 -18.43 30.52
C GLU C 393 4.79 -19.44 29.39
N ASN C 394 5.21 -18.95 28.24
CA ASN C 394 5.54 -19.77 27.08
C ASN C 394 4.33 -20.47 26.46
N VAL C 395 3.42 -19.66 25.90
CA VAL C 395 2.23 -20.16 25.24
C VAL C 395 2.16 -19.73 23.79
N LEU C 396 1.80 -20.67 22.94
CA LEU C 396 1.54 -20.41 21.52
C LEU C 396 0.14 -20.91 21.16
N PHE C 397 -0.71 -19.99 20.68
CA PHE C 397 -1.96 -20.33 20.01
C PHE C 397 -1.86 -19.89 18.56
N ASP C 398 -1.95 -20.83 17.64
CA ASP C 398 -1.74 -20.52 16.23
C ASP C 398 -2.83 -21.13 15.39
N ASN C 399 -3.32 -20.37 14.41
CA ASN C 399 -4.22 -20.85 13.40
C ASN C 399 -5.56 -21.23 14.01
N VAL C 400 -6.28 -20.20 14.40
CA VAL C 400 -7.55 -20.30 15.06
C VAL C 400 -8.56 -19.55 14.20
N ASP C 401 -9.53 -20.30 13.67
CA ASP C 401 -10.57 -19.75 12.80
C ASP C 401 -11.84 -19.61 13.63
N VAL C 402 -12.17 -18.39 14.04
CA VAL C 402 -13.45 -18.17 14.72
C VAL C 402 -14.50 -17.90 13.64
N ILE C 403 -15.24 -18.96 13.28
CA ILE C 403 -16.10 -18.90 12.10
C ILE C 403 -17.43 -18.19 12.34
N HIS C 404 -17.82 -18.04 13.61
CA HIS C 404 -18.97 -17.25 13.97
C HIS C 404 -18.80 -16.67 15.37
N GLN C 405 -19.42 -15.51 15.57
CA GLN C 405 -19.66 -14.94 16.89
C GLN C 405 -21.07 -14.33 16.88
N ALA C 406 -21.71 -14.33 18.05
CA ALA C 406 -23.07 -13.81 18.18
C ALA C 406 -23.29 -13.14 19.55
N TYR C 407 -22.38 -12.26 19.94
CA TYR C 407 -22.54 -11.53 21.20
C TYR C 407 -23.71 -10.53 21.12
N ALA C 408 -24.11 -10.03 22.28
CA ALA C 408 -25.30 -9.19 22.42
C ALA C 408 -25.04 -7.87 23.17
N ASN C 409 -24.14 -7.91 24.15
CA ASN C 409 -23.84 -6.75 25.00
C ASN C 409 -22.49 -6.87 25.71
N ALA C 410 -22.05 -5.77 26.34
CA ALA C 410 -20.79 -5.74 27.06
C ALA C 410 -20.77 -6.68 28.27
N GLY C 411 -21.94 -6.98 28.82
CA GLY C 411 -22.08 -7.92 29.93
C GLY C 411 -21.68 -9.35 29.59
N ASN C 412 -21.67 -9.70 28.30
CA ASN C 412 -21.22 -11.03 27.87
C ASN C 412 -19.71 -11.25 27.97
N ASN C 413 -18.94 -10.19 28.29
CA ASN C 413 -17.47 -10.22 28.23
C ASN C 413 -16.97 -10.70 26.88
N PRO C 414 -17.33 -9.97 25.80
CA PRO C 414 -16.95 -10.34 24.45
C PRO C 414 -15.50 -9.99 24.11
N GLY C 415 -15.06 -10.39 22.93
CA GLY C 415 -13.72 -10.08 22.46
C GLY C 415 -12.91 -11.32 22.13
N ILE C 416 -11.97 -11.16 21.21
CA ILE C 416 -11.14 -12.29 20.78
C ILE C 416 -10.14 -12.62 21.88
N PHE C 417 -9.29 -11.66 22.26
CA PHE C 417 -8.37 -11.86 23.37
C PHE C 417 -8.89 -11.14 24.59
N GLY C 418 -9.32 -11.91 25.59
CA GLY C 418 -9.94 -11.36 26.79
C GLY C 418 -9.37 -11.84 28.11
N ALA C 419 -9.35 -10.94 29.09
CA ALA C 419 -9.04 -11.28 30.49
C ALA C 419 -10.02 -10.53 31.38
N VAL C 420 -11.02 -11.24 31.88
CA VAL C 420 -12.06 -10.66 32.74
C VAL C 420 -11.58 -10.47 34.17
N ASN C 421 -12.44 -9.85 34.97
CA ASN C 421 -12.13 -9.43 36.31
C ASN C 421 -11.85 -10.59 37.26
N ASN C 422 -11.30 -10.26 38.43
CA ASN C 422 -11.06 -11.21 39.50
C ASN C 422 -12.39 -11.82 39.98
N TYR C 423 -12.49 -13.14 39.89
CA TYR C 423 -13.76 -13.86 40.10
C TYR C 423 -14.23 -13.87 41.57
N LEU C 424 -13.30 -13.75 42.52
CA LEU C 424 -13.65 -13.66 43.94
C LEU C 424 -14.38 -12.36 44.25
N TYR C 425 -14.09 -11.31 43.48
CA TYR C 425 -14.69 -9.99 43.70
C TYR C 425 -15.71 -9.61 42.61
N ALA C 426 -15.70 -10.33 41.49
CA ALA C 426 -16.70 -10.14 40.44
C ALA C 426 -16.90 -11.46 39.68
N PRO C 427 -17.78 -12.34 40.19
CA PRO C 427 -17.93 -13.67 39.58
C PRO C 427 -18.65 -13.67 38.21
N ASP C 428 -19.17 -12.52 37.79
CA ASP C 428 -19.68 -12.32 36.44
C ASP C 428 -18.61 -11.72 35.52
N GLY C 429 -17.46 -11.34 36.08
CA GLY C 429 -16.31 -10.89 35.31
C GLY C 429 -16.28 -9.44 34.84
N LEU C 430 -17.35 -8.67 35.08
CA LEU C 430 -17.43 -7.26 34.65
C LEU C 430 -17.62 -6.31 35.84
N SER C 431 -16.66 -5.41 36.02
CA SER C 431 -16.63 -4.49 37.17
C SER C 431 -15.61 -3.36 36.94
N SER C 432 -15.84 -2.21 37.57
CA SER C 432 -14.90 -1.07 37.50
C SER C 432 -13.76 -1.20 38.53
N ALA C 433 -13.93 -2.10 39.50
CA ALA C 433 -12.92 -2.35 40.54
C ALA C 433 -11.67 -3.02 39.96
N HIS C 434 -10.64 -2.21 39.75
CA HIS C 434 -9.41 -2.67 39.11
C HIS C 434 -8.22 -2.68 40.10
N SER C 435 -8.46 -3.06 41.36
CA SER C 435 -7.35 -3.12 42.34
C SER C 435 -7.38 -4.40 43.15
N THR C 436 -7.64 -5.51 42.47
CA THR C 436 -7.60 -6.83 43.08
C THR C 436 -6.57 -7.72 42.35
N GLY C 437 -5.59 -7.09 41.71
CA GLY C 437 -4.56 -7.80 40.96
C GLY C 437 -3.39 -8.26 41.81
N ASN C 438 -2.32 -8.73 41.17
CA ASN C 438 -1.11 -9.13 41.86
C ASN C 438 0.16 -8.81 41.07
N SER C 439 0.97 -7.90 41.63
CA SER C 439 2.19 -7.44 40.99
C SER C 439 3.39 -8.38 41.20
N ASN C 440 3.18 -9.48 41.91
CA ASN C 440 4.23 -10.49 42.10
C ASN C 440 4.11 -11.64 41.12
N MET C 441 3.18 -11.52 40.18
CA MET C 441 2.95 -12.57 39.20
C MET C 441 2.95 -11.97 37.81
N THR C 442 3.43 -12.77 36.86
CA THR C 442 3.61 -12.30 35.50
C THR C 442 3.12 -13.32 34.49
N VAL C 443 2.45 -12.82 33.45
CA VAL C 443 2.11 -13.62 32.28
C VAL C 443 3.05 -13.14 31.17
N ARG C 444 3.83 -14.06 30.64
CA ARG C 444 4.99 -13.72 29.84
C ARG C 444 5.22 -14.69 28.66
N ASN C 445 5.69 -14.15 27.54
CA ASN C 445 5.96 -14.93 26.33
C ASN C 445 4.72 -15.63 25.77
N ILE C 446 3.70 -14.82 25.45
CA ILE C 446 2.47 -15.35 24.90
C ILE C 446 2.41 -14.95 23.43
N THR C 447 2.18 -15.92 22.55
CA THR C 447 2.02 -15.64 21.13
C THR C 447 0.64 -16.08 20.62
N TRP C 448 -0.10 -15.14 20.04
CA TRP C 448 -1.39 -15.43 19.41
C TRP C 448 -1.29 -15.09 17.92
N SER C 449 -1.24 -16.12 17.08
CA SER C 449 -0.94 -15.92 15.68
C SER C 449 -1.91 -16.63 14.76
N ASN C 450 -2.14 -16.00 13.61
CA ASN C 450 -3.02 -16.51 12.56
C ASN C 450 -4.43 -16.80 13.06
N PHE C 451 -4.99 -15.82 13.75
CA PHE C 451 -6.40 -15.85 14.11
C PHE C 451 -7.23 -15.22 13.00
N ARG C 452 -8.36 -15.85 12.66
CA ARG C 452 -9.29 -15.27 11.69
C ARG C 452 -10.67 -15.28 12.32
N ALA C 453 -11.31 -14.11 12.31
CA ALA C 453 -12.70 -13.98 12.72
C ALA C 453 -13.53 -13.74 11.47
N GLU C 454 -14.41 -14.69 11.15
CA GLU C 454 -15.26 -14.58 9.96
C GLU C 454 -16.57 -13.93 10.37
N GLY C 455 -17.27 -13.36 9.40
CA GLY C 455 -18.49 -12.60 9.67
C GLY C 455 -18.18 -11.45 10.61
N SER C 456 -19.18 -11.01 11.35
CA SER C 456 -19.05 -9.86 12.25
C SER C 456 -18.46 -10.32 13.57
N SER C 457 -17.57 -9.51 14.13
CA SER C 457 -16.76 -9.90 15.28
C SER C 457 -16.86 -8.93 16.44
N SER C 458 -16.52 -9.43 17.63
CA SER C 458 -16.36 -8.59 18.80
C SER C 458 -14.98 -7.93 18.72
N ALA C 459 -14.62 -7.22 19.79
CA ALA C 459 -13.35 -6.49 19.88
C ALA C 459 -12.13 -7.40 19.76
N LEU C 460 -11.01 -6.81 19.35
CA LEU C 460 -9.74 -7.53 19.31
C LEU C 460 -9.36 -7.96 20.72
N PHE C 461 -9.43 -7.02 21.66
CA PHE C 461 -9.10 -7.37 23.05
C PHE C 461 -9.84 -6.55 24.10
N ARG C 462 -10.18 -7.22 25.21
CA ARG C 462 -10.61 -6.57 26.45
C ARG C 462 -9.86 -7.24 27.58
N ILE C 463 -8.72 -6.65 27.93
CA ILE C 463 -7.77 -7.29 28.83
C ILE C 463 -7.67 -6.51 30.11
N ASN C 464 -8.05 -7.14 31.21
CA ASN C 464 -7.71 -6.65 32.53
C ASN C 464 -6.38 -7.26 32.95
N PRO C 465 -5.32 -6.43 33.08
CA PRO C 465 -4.05 -6.90 33.63
C PRO C 465 -4.13 -7.16 35.11
N ILE C 466 -4.72 -8.29 35.50
CA ILE C 466 -4.83 -8.65 36.91
C ILE C 466 -3.50 -9.16 37.47
N GLN C 467 -2.53 -9.35 36.59
CA GLN C 467 -1.13 -9.58 36.97
C GLN C 467 -0.27 -8.94 35.88
N ASN C 468 1.05 -8.83 36.10
CA ASN C 468 1.91 -8.16 35.10
C ASN C 468 1.88 -8.91 33.77
N LEU C 469 1.95 -8.17 32.68
CA LEU C 469 2.04 -8.77 31.34
C LEU C 469 3.38 -8.41 30.71
N ASP C 470 4.04 -9.40 30.11
CA ASP C 470 5.38 -9.18 29.54
C ASP C 470 5.55 -9.99 28.26
N ASN C 471 5.85 -9.31 27.15
CA ASN C 471 6.20 -10.03 25.91
C ASN C 471 4.97 -10.83 25.42
N ILE C 472 4.01 -10.10 24.87
CA ILE C 472 2.79 -10.68 24.32
C ILE C 472 2.67 -10.22 22.86
N SER C 473 2.57 -11.16 21.93
CA SER C 473 2.55 -10.83 20.52
C SER C 473 1.28 -11.32 19.82
N ILE C 474 0.59 -10.39 19.19
CA ILE C 474 -0.47 -10.73 18.27
C ILE C 474 0.10 -10.62 16.86
N LYS C 475 0.06 -11.72 16.11
CA LYS C 475 0.65 -11.81 14.77
C LYS C 475 -0.39 -12.37 13.83
N ASN C 476 -0.83 -11.55 12.88
CA ASN C 476 -1.83 -11.96 11.90
C ASN C 476 -3.17 -12.30 12.52
N VAL C 477 -4.00 -11.28 12.65
CA VAL C 477 -5.37 -11.44 13.12
C VAL C 477 -6.27 -10.63 12.19
N SER C 478 -7.18 -11.30 11.50
CA SER C 478 -8.06 -10.62 10.56
C SER C 478 -9.52 -10.65 11.02
N ILE C 479 -10.11 -9.47 11.14
CA ILE C 479 -11.51 -9.33 11.47
C ILE C 479 -12.20 -8.91 10.17
N GLU C 480 -13.25 -9.64 9.78
CA GLU C 480 -13.93 -9.39 8.52
C GLU C 480 -14.74 -8.09 8.61
N SER C 481 -15.56 -8.00 9.63
CA SER C 481 -16.28 -6.78 9.95
C SER C 481 -16.58 -6.80 11.44
N PHE C 482 -16.91 -5.63 12.00
CA PHE C 482 -17.30 -5.53 13.40
C PHE C 482 -18.81 -5.68 13.56
N GLU C 483 -19.20 -6.14 14.75
CA GLU C 483 -20.59 -6.10 15.20
C GLU C 483 -21.01 -4.63 15.29
N PRO C 484 -22.32 -4.35 15.30
CA PRO C 484 -22.73 -2.94 15.35
C PRO C 484 -22.24 -2.27 16.64
N LEU C 485 -21.85 -1.00 16.52
CA LEU C 485 -21.22 -0.31 17.64
C LEU C 485 -22.15 -0.13 18.83
N SER C 486 -23.45 0.00 18.56
CA SER C 486 -24.44 0.29 19.61
C SER C 486 -24.55 -0.80 20.68
N ILE C 487 -24.26 -2.05 20.33
CA ILE C 487 -24.29 -3.14 21.33
C ILE C 487 -23.04 -3.20 22.22
N ASN C 488 -22.01 -2.40 21.88
CA ASN C 488 -20.89 -2.19 22.80
C ASN C 488 -20.04 -3.46 23.03
N THR C 489 -19.72 -4.17 21.97
CA THR C 489 -18.93 -5.41 22.04
C THR C 489 -17.61 -5.33 21.29
N THR C 490 -17.40 -4.22 20.57
CA THR C 490 -16.34 -4.11 19.55
C THR C 490 -15.17 -3.21 19.94
N GLU C 491 -15.38 -2.32 20.90
CA GLU C 491 -14.31 -1.44 21.38
C GLU C 491 -13.34 -2.19 22.28
N SER C 492 -12.07 -2.21 21.89
CA SER C 492 -11.02 -2.87 22.68
C SER C 492 -10.53 -1.99 23.80
N TRP C 493 -10.18 -2.59 24.92
CA TRP C 493 -9.61 -1.84 26.01
C TRP C 493 -8.67 -2.64 26.93
N MET C 494 -7.92 -1.90 27.75
CA MET C 494 -6.96 -2.45 28.70
C MET C 494 -6.71 -1.43 29.81
N PRO C 495 -7.51 -1.48 30.88
CA PRO C 495 -7.40 -0.47 31.92
C PRO C 495 -6.23 -0.69 32.87
N VAL C 496 -5.70 0.41 33.42
CA VAL C 496 -4.67 0.30 34.45
C VAL C 496 -5.22 -0.45 35.65
N TRP C 497 -4.37 -1.29 36.24
CA TRP C 497 -4.74 -2.14 37.35
C TRP C 497 -3.72 -1.97 38.46
N TYR C 498 -4.08 -2.41 39.66
CA TYR C 498 -3.23 -2.26 40.84
C TYR C 498 -3.29 -3.49 41.73
N ASP C 499 -2.28 -3.62 42.59
CA ASP C 499 -2.13 -4.76 43.49
C ASP C 499 -3.23 -4.75 44.58
N LEU C 500 -3.71 -5.95 44.90
CA LEU C 500 -4.76 -6.18 45.89
C LEU C 500 -4.38 -5.65 47.28
N ASN C 501 -3.13 -5.88 47.68
CA ASN C 501 -2.68 -5.58 49.04
C ASN C 501 -1.96 -4.25 49.17
N ASN C 502 -1.04 -3.96 48.25
CA ASN C 502 -0.16 -2.80 48.39
C ASN C 502 -0.36 -1.68 47.34
N GLY C 503 -1.33 -1.85 46.44
CA GLY C 503 -1.66 -0.79 45.46
C GLY C 503 -0.61 -0.49 44.40
N LYS C 504 0.45 -1.30 44.31
CA LYS C 504 1.49 -1.11 43.32
C LYS C 504 0.92 -1.32 41.91
N GLN C 505 1.31 -0.48 40.96
CA GLN C 505 0.73 -0.55 39.62
C GLN C 505 1.18 -1.82 38.90
N ILE C 506 0.21 -2.53 38.32
CA ILE C 506 0.48 -3.67 37.47
C ILE C 506 1.05 -3.15 36.16
N THR C 507 2.07 -3.82 35.64
CA THR C 507 2.79 -3.36 34.45
C THR C 507 2.48 -4.20 33.21
N VAL C 508 2.45 -3.52 32.07
CA VAL C 508 2.29 -4.18 30.77
C VAL C 508 3.48 -3.73 29.93
N THR C 509 4.24 -4.70 29.42
CA THR C 509 5.47 -4.42 28.68
C THR C 509 5.54 -5.26 27.40
N ASP C 510 6.03 -4.65 26.32
CA ASP C 510 6.29 -5.37 25.08
C ASP C 510 5.04 -6.14 24.60
N PHE C 511 3.94 -5.42 24.48
CA PHE C 511 2.69 -5.92 23.93
C PHE C 511 2.62 -5.45 22.49
N SER C 512 2.77 -6.35 21.53
CA SER C 512 2.82 -5.95 20.13
C SER C 512 1.66 -6.51 19.29
N ILE C 513 1.25 -5.73 18.31
CA ILE C 513 0.19 -6.12 17.39
C ILE C 513 0.72 -5.99 15.97
N GLU C 514 0.70 -7.09 15.22
CA GLU C 514 1.15 -7.08 13.83
C GLU C 514 0.18 -7.86 12.94
N GLY C 515 -0.02 -7.35 11.73
CA GLY C 515 -0.87 -8.00 10.75
C GLY C 515 -2.32 -8.08 11.21
N PHE C 516 -2.74 -7.04 11.93
CA PHE C 516 -4.12 -6.91 12.35
C PHE C 516 -4.85 -6.19 11.22
N THR C 517 -5.83 -6.85 10.62
CA THR C 517 -6.64 -6.22 9.58
C THR C 517 -8.12 -6.19 9.96
N VAL C 518 -8.79 -5.09 9.60
CA VAL C 518 -10.25 -5.00 9.61
C VAL C 518 -10.68 -4.74 8.17
N GLY C 519 -11.39 -5.70 7.57
CA GLY C 519 -11.71 -5.64 6.15
C GLY C 519 -10.45 -5.78 5.33
N ASN C 520 -10.21 -4.84 4.43
CA ASN C 520 -8.96 -4.80 3.67
C ASN C 520 -7.87 -3.99 4.38
N THR C 521 -8.19 -3.41 5.53
CA THR C 521 -7.36 -2.34 6.10
C THR C 521 -6.44 -2.81 7.21
N THR C 522 -5.14 -2.80 6.92
CA THR C 522 -4.12 -3.02 7.94
C THR C 522 -4.19 -1.93 9.00
N ILE C 523 -4.15 -2.33 10.27
CA ILE C 523 -4.23 -1.40 11.39
C ILE C 523 -2.85 -0.96 11.87
N THR C 524 -2.70 0.35 12.02
CA THR C 524 -1.48 0.98 12.52
C THR C 524 -1.86 1.79 13.75
N ALA C 525 -0.88 2.45 14.36
CA ALA C 525 -1.14 3.34 15.50
C ALA C 525 -2.13 4.46 15.14
N SER C 526 -2.01 5.00 13.93
CA SER C 526 -2.83 6.16 13.53
C SER C 526 -4.31 5.82 13.28
N ASN C 527 -4.60 4.65 12.72
CA ASN C 527 -6.00 4.23 12.53
C ASN C 527 -6.48 3.16 13.52
N ALA C 528 -5.72 2.95 14.59
CA ALA C 528 -6.11 1.99 15.64
C ALA C 528 -7.49 2.29 16.22
N ALA C 529 -7.77 3.57 16.48
CA ALA C 529 -9.04 3.97 17.09
C ALA C 529 -10.15 4.00 16.04
N SER C 530 -9.90 4.67 14.92
CA SER C 530 -10.95 4.89 13.93
C SER C 530 -11.41 3.62 13.21
N VAL C 531 -10.48 2.74 12.83
CA VAL C 531 -10.84 1.49 12.13
C VAL C 531 -10.80 0.28 13.08
N GLY C 532 -9.73 0.15 13.86
CA GLY C 532 -9.55 -0.99 14.75
C GLY C 532 -10.39 -0.95 16.00
N ARG C 533 -11.01 0.20 16.27
CA ARG C 533 -11.78 0.44 17.47
C ARG C 533 -10.99 0.14 18.76
N ILE C 534 -9.68 0.35 18.70
CA ILE C 534 -8.83 0.26 19.89
C ILE C 534 -8.84 1.67 20.47
N ASP C 535 -9.58 1.89 21.53
CA ASP C 535 -9.67 3.23 22.12
C ASP C 535 -9.67 3.28 23.65
N GLY C 536 -9.64 2.13 24.30
CA GLY C 536 -9.62 2.09 25.76
C GLY C 536 -8.32 1.57 26.35
N VAL C 537 -7.22 1.72 25.63
CA VAL C 537 -5.91 1.41 26.20
C VAL C 537 -5.58 2.52 27.19
N ASP C 538 -5.28 2.16 28.43
CA ASP C 538 -5.02 3.17 29.45
C ASP C 538 -3.79 4.00 29.09
N PRO C 539 -3.81 5.32 29.41
CA PRO C 539 -2.60 6.12 29.20
C PRO C 539 -1.35 5.50 29.82
N ALA C 540 -1.50 4.89 31.02
CA ALA C 540 -0.38 4.22 31.70
C ALA C 540 0.31 3.12 30.86
N TYR C 541 -0.42 2.54 29.90
CA TYR C 541 0.11 1.47 29.05
C TYR C 541 0.25 1.87 27.58
N ALA C 542 -0.03 3.12 27.25
CA ALA C 542 0.01 3.56 25.86
C ALA C 542 1.43 3.47 25.28
N GLY C 543 2.44 3.56 26.13
CA GLY C 543 3.83 3.33 25.72
C GLY C 543 4.24 1.86 25.64
N SER C 544 3.36 0.96 26.08
CA SER C 544 3.64 -0.48 26.14
C SER C 544 3.04 -1.27 24.98
N VAL C 545 2.09 -0.66 24.27
CA VAL C 545 1.36 -1.30 23.18
C VAL C 545 1.91 -0.78 21.86
N HIS C 546 2.55 -1.66 21.09
CA HIS C 546 3.26 -1.25 19.88
C HIS C 546 2.63 -1.81 18.62
N TYR C 547 2.40 -0.93 17.66
CA TYR C 547 1.88 -1.31 16.37
C TYR C 547 3.05 -1.46 15.39
N ILE C 548 3.24 -2.67 14.89
CA ILE C 548 4.33 -2.97 13.98
C ILE C 548 3.93 -2.60 12.54
N ASP C 549 2.61 -2.57 12.30
CA ASP C 549 1.98 -2.51 10.97
C ASP C 549 1.95 -3.92 10.37
N PHE D 3 47.19 -39.75 -14.56
CA PHE D 3 45.92 -39.48 -13.82
C PHE D 3 45.04 -38.45 -14.53
N MET D 4 43.90 -38.92 -15.06
CA MET D 4 42.84 -38.03 -15.54
C MET D 4 41.71 -38.10 -14.53
N ALA D 5 41.14 -36.94 -14.22
CA ALA D 5 40.00 -36.87 -13.31
C ALA D 5 38.74 -37.29 -14.05
N VAL D 6 38.01 -38.22 -13.46
CA VAL D 6 36.71 -38.64 -13.96
C VAL D 6 35.67 -38.13 -12.95
N THR D 7 34.86 -37.17 -13.36
CA THR D 7 33.84 -36.63 -12.48
C THR D 7 32.45 -37.11 -12.88
N ALA D 8 31.50 -36.97 -11.95
CA ALA D 8 30.09 -37.28 -12.21
C ALA D 8 29.33 -36.01 -12.56
N ASN D 9 28.33 -36.14 -13.44
CA ASN D 9 27.39 -35.05 -13.74
C ASN D 9 26.06 -35.63 -14.19
N ASN D 10 25.50 -36.53 -13.37
CA ASN D 10 24.22 -37.18 -13.66
C ASN D 10 23.10 -36.66 -12.74
N SER D 11 21.94 -37.30 -12.82
CA SER D 11 20.75 -36.88 -12.07
C SER D 11 20.84 -37.20 -10.57
N GLN D 12 21.76 -38.11 -10.21
CA GLN D 12 21.93 -38.55 -8.83
C GLN D 12 23.20 -38.04 -8.12
N LEU D 13 24.16 -37.52 -8.89
CA LEU D 13 25.50 -37.18 -8.35
C LEU D 13 26.21 -36.14 -9.22
N LEU D 14 26.76 -35.11 -8.59
CA LEU D 14 27.59 -34.12 -9.28
C LEU D 14 28.89 -33.85 -8.51
N THR D 15 30.01 -34.35 -9.02
CA THR D 15 31.33 -33.97 -8.53
C THR D 15 31.98 -33.01 -9.53
N TRP D 16 33.15 -32.51 -9.19
CA TRP D 16 33.91 -31.65 -10.12
C TRP D 16 35.39 -31.61 -9.79
N TRP D 17 36.14 -30.97 -10.68
CA TRP D 17 37.59 -30.97 -10.58
C TRP D 17 38.11 -29.62 -11.02
N HIS D 18 39.39 -29.38 -10.74
CA HIS D 18 40.08 -28.22 -11.28
C HIS D 18 41.40 -28.71 -11.84
N ASN D 19 41.67 -28.35 -13.10
CA ASN D 19 42.92 -28.74 -13.75
C ASN D 19 44.11 -27.90 -13.30
N THR D 20 43.85 -26.72 -12.76
CA THR D 20 44.91 -25.89 -12.20
C THR D 20 45.03 -26.08 -10.68
N GLY D 21 44.80 -27.31 -10.21
CA GLY D 21 45.02 -27.64 -8.82
C GLY D 21 46.50 -27.61 -8.49
N GLU D 22 46.85 -27.06 -7.34
CA GLU D 22 48.25 -26.93 -6.95
C GLU D 22 48.47 -27.48 -5.53
N ILE D 23 49.35 -28.48 -5.42
CA ILE D 23 49.79 -29.02 -4.14
C ILE D 23 50.83 -28.08 -3.56
N ASN D 24 50.51 -27.43 -2.44
CA ASN D 24 51.34 -26.37 -1.90
C ASN D 24 50.91 -26.08 -0.46
N THR D 25 51.85 -26.13 0.48
CA THR D 25 51.54 -25.88 1.89
C THR D 25 52.42 -24.80 2.48
N GLN D 26 53.06 -24.00 1.62
CA GLN D 26 54.06 -23.05 2.09
C GLN D 26 53.93 -21.62 1.53
N THR D 27 53.40 -21.48 0.31
CA THR D 27 53.28 -20.17 -0.32
C THR D 27 51.87 -19.94 -0.84
N PRO D 28 51.54 -18.69 -1.20
CA PRO D 28 50.31 -18.52 -1.96
C PRO D 28 50.36 -19.31 -3.26
N VAL D 29 49.22 -19.87 -3.66
CA VAL D 29 49.13 -20.52 -4.95
C VAL D 29 49.09 -19.45 -6.03
N ALA D 30 49.29 -19.87 -7.28
CA ALA D 30 49.23 -18.94 -8.42
C ALA D 30 47.82 -18.37 -8.51
N ASP D 31 47.67 -17.24 -9.20
CA ASP D 31 46.38 -16.55 -9.30
C ASP D 31 45.29 -17.43 -9.90
N GLY D 32 45.62 -18.17 -10.96
CA GLY D 32 44.66 -19.03 -11.64
C GLY D 32 44.67 -20.46 -11.14
N ASN D 33 45.45 -20.71 -10.09
CA ASN D 33 45.51 -22.03 -9.46
C ASN D 33 44.63 -22.10 -8.22
N VAL D 34 44.33 -23.33 -7.81
CA VAL D 34 43.49 -23.62 -6.64
C VAL D 34 44.23 -24.59 -5.72
N ARG D 35 44.43 -24.19 -4.47
CA ARG D 35 45.18 -25.02 -3.53
C ARG D 35 44.41 -26.32 -3.29
N GLN D 36 45.11 -27.43 -3.40
CA GLN D 36 44.52 -28.76 -3.39
C GLN D 36 45.19 -29.60 -2.32
N SER D 37 44.44 -30.48 -1.65
CA SER D 37 45.05 -31.32 -0.62
C SER D 37 46.00 -32.31 -1.27
N GLY D 38 47.23 -32.34 -0.77
CA GLY D 38 48.17 -33.38 -1.15
C GLY D 38 47.93 -34.69 -0.41
N LEU D 39 47.15 -34.65 0.66
CA LEU D 39 46.97 -35.80 1.55
C LEU D 39 45.74 -36.65 1.21
N TYR D 40 44.59 -36.01 0.99
CA TYR D 40 43.32 -36.71 0.85
C TYR D 40 42.80 -36.77 -0.57
N SER D 41 42.39 -37.96 -0.99
CA SER D 41 41.68 -38.12 -2.25
C SER D 41 40.28 -38.53 -1.88
N VAL D 42 39.29 -37.82 -2.41
CA VAL D 42 37.90 -38.21 -2.18
C VAL D 42 37.27 -38.63 -3.51
N LYS D 43 36.61 -39.78 -3.46
CA LYS D 43 35.78 -40.24 -4.57
C LYS D 43 34.39 -40.60 -4.05
N VAL D 44 33.39 -40.45 -4.91
CA VAL D 44 32.01 -40.70 -4.53
C VAL D 44 31.32 -41.64 -5.52
N GLN D 45 30.46 -42.52 -4.99
CA GLN D 45 29.66 -43.44 -5.82
C GLN D 45 28.24 -43.55 -5.27
N THR D 46 27.26 -43.33 -6.16
CA THR D 46 25.85 -43.57 -5.85
C THR D 46 25.61 -45.05 -5.46
N THR D 47 24.74 -45.29 -4.49
CA THR D 47 24.41 -46.64 -4.06
C THR D 47 23.50 -47.33 -5.09
N PRO D 48 23.49 -48.68 -5.10
CA PRO D 48 24.17 -49.63 -4.19
C PRO D 48 25.70 -49.67 -4.35
N ALA D 49 26.37 -49.99 -3.25
CA ALA D 49 27.84 -50.06 -3.20
C ALA D 49 28.37 -51.12 -4.16
N SER D 50 28.80 -50.66 -5.33
CA SER D 50 29.21 -51.52 -6.44
C SER D 50 30.73 -51.57 -6.58
N SER D 51 31.20 -52.34 -7.55
CA SER D 51 32.58 -52.28 -8.00
C SER D 51 32.70 -51.48 -9.30
N SER D 52 31.68 -50.67 -9.59
CA SER D 52 31.67 -49.78 -10.75
C SER D 52 32.46 -48.49 -10.43
N LEU D 53 32.27 -47.46 -11.25
CA LEU D 53 32.98 -46.19 -11.12
C LEU D 53 32.68 -45.45 -9.82
N TYR D 54 33.74 -45.13 -9.08
CA TYR D 54 33.72 -44.04 -8.11
C TYR D 54 34.19 -42.80 -8.86
N TYR D 55 33.60 -41.64 -8.57
CA TYR D 55 33.93 -40.40 -9.27
C TYR D 55 34.78 -39.46 -8.41
N ASP D 56 35.71 -38.76 -9.05
CA ASP D 56 36.64 -37.89 -8.35
C ASP D 56 35.99 -36.59 -7.87
N SER D 57 36.23 -36.24 -6.61
CA SER D 57 35.71 -35.00 -6.04
C SER D 57 36.87 -34.17 -5.55
N PHE D 58 37.00 -32.95 -6.08
CA PHE D 58 38.15 -32.11 -5.77
C PHE D 58 38.21 -31.80 -4.29
N VAL D 59 39.40 -32.01 -3.70
CA VAL D 59 39.64 -31.68 -2.30
C VAL D 59 40.42 -30.36 -2.17
N TYR D 60 39.71 -29.29 -1.87
CA TYR D 60 40.30 -27.97 -1.62
C TYR D 60 41.09 -28.01 -0.32
N LEU D 61 42.04 -27.08 -0.18
CA LEU D 61 42.86 -26.99 1.03
C LEU D 61 43.10 -25.54 1.40
N ALA D 62 42.82 -25.23 2.67
CA ALA D 62 43.11 -23.94 3.26
C ALA D 62 44.20 -24.15 4.33
N ILE D 63 45.15 -23.22 4.40
CA ILE D 63 46.24 -23.28 5.37
C ILE D 63 46.34 -21.96 6.11
N PRO D 64 46.87 -21.97 7.35
CA PRO D 64 46.99 -20.72 8.10
C PRO D 64 47.89 -19.73 7.39
N GLY D 65 47.46 -18.47 7.34
CA GLY D 65 48.21 -17.42 6.67
C GLY D 65 48.09 -17.42 5.16
N ASN D 66 47.37 -18.40 4.61
CA ASN D 66 47.20 -18.52 3.16
C ASN D 66 48.54 -18.59 2.40
N GLY D 67 49.57 -19.06 3.08
CA GLY D 67 50.90 -19.12 2.51
C GLY D 67 51.73 -17.88 2.74
N MET D 68 51.20 -16.88 3.42
CA MET D 68 51.92 -15.63 3.68
C MET D 68 52.59 -15.72 5.06
N SER D 69 53.89 -16.03 5.06
CA SER D 69 54.70 -16.12 6.28
C SER D 69 54.51 -14.94 7.20
N ASP D 70 54.49 -13.75 6.60
CA ASP D 70 54.30 -12.49 7.34
C ASP D 70 52.99 -12.39 8.12
N GLN D 71 52.01 -13.22 7.76
CA GLN D 71 50.65 -13.15 8.32
C GLN D 71 50.38 -14.20 9.40
N LEU D 72 51.28 -15.16 9.58
CA LEU D 72 51.08 -16.24 10.56
C LEU D 72 50.94 -15.69 11.97
N GLN D 73 51.60 -14.58 12.24
CA GLN D 73 51.48 -13.87 13.52
C GLN D 73 50.02 -13.52 13.89
N TYR D 74 49.16 -13.36 12.89
CA TYR D 74 47.75 -13.02 13.14
C TYR D 74 46.82 -14.25 13.27
N THR D 75 47.39 -15.46 13.29
CA THR D 75 46.67 -16.68 13.59
C THR D 75 46.98 -17.15 15.02
N GLN D 76 46.47 -18.33 15.40
CA GLN D 76 46.74 -18.89 16.72
C GLN D 76 48.12 -19.52 16.86
N GLY D 77 48.80 -19.74 15.74
CA GLY D 77 50.10 -20.38 15.72
C GLY D 77 50.06 -21.89 15.85
N TYR D 78 48.94 -22.51 15.47
CA TYR D 78 48.90 -23.97 15.35
C TYR D 78 49.34 -24.39 13.94
N ASN D 79 49.60 -25.69 13.78
CA ASN D 79 49.99 -26.25 12.49
C ASN D 79 48.85 -27.02 11.81
N GLN D 80 47.61 -26.74 12.18
CA GLN D 80 46.47 -27.42 11.56
C GLN D 80 46.15 -26.87 10.17
N THR D 81 45.83 -27.76 9.24
CA THR D 81 45.29 -27.37 7.95
C THR D 81 43.86 -27.87 7.86
N GLN D 82 43.12 -27.34 6.88
CA GLN D 82 41.72 -27.71 6.70
C GLN D 82 41.39 -27.92 5.21
N ALA D 83 41.17 -29.18 4.86
CA ALA D 83 40.77 -29.56 3.52
C ALA D 83 39.26 -29.81 3.49
N TRP D 84 38.65 -29.65 2.32
CA TRP D 84 37.27 -30.01 2.15
C TRP D 84 36.91 -30.35 0.72
N THR D 85 35.81 -31.09 0.57
CA THR D 85 35.25 -31.39 -0.72
C THR D 85 33.74 -31.19 -0.65
N SER D 86 33.19 -30.61 -1.71
CA SER D 86 31.75 -30.53 -1.87
C SER D 86 31.34 -31.41 -3.05
N PHE D 87 30.16 -32.01 -2.94
CA PHE D 87 29.48 -32.59 -4.10
C PHE D 87 27.97 -32.41 -3.94
N LEU D 88 27.23 -32.57 -5.03
CA LEU D 88 25.77 -32.52 -4.99
C LEU D 88 25.21 -33.92 -5.20
N TYR D 89 24.10 -34.22 -4.54
CA TYR D 89 23.49 -35.54 -4.63
C TYR D 89 21.97 -35.47 -4.46
N SER D 90 21.30 -36.55 -4.89
CA SER D 90 19.86 -36.72 -4.71
C SER D 90 19.53 -38.19 -4.45
N HIS D 91 20.51 -38.94 -3.98
CA HIS D 91 20.33 -40.35 -3.64
C HIS D 91 21.52 -40.70 -2.77
N ASP D 92 21.35 -41.64 -1.84
CA ASP D 92 22.45 -42.06 -0.97
C ASP D 92 23.73 -42.21 -1.80
N ALA D 93 24.87 -42.16 -1.11
CA ALA D 93 26.16 -42.24 -1.78
C ALA D 93 27.24 -42.72 -0.84
N THR D 94 28.18 -43.49 -1.38
CA THR D 94 29.35 -43.93 -0.64
C THR D 94 30.49 -42.97 -0.96
N VAL D 95 31.09 -42.40 0.08
CA VAL D 95 32.23 -41.52 -0.06
C VAL D 95 33.49 -42.32 0.23
N LYS D 96 34.39 -42.36 -0.76
CA LYS D 96 35.62 -43.13 -0.69
C LYS D 96 36.78 -42.19 -0.43
N ILE D 97 37.42 -42.33 0.73
CA ILE D 97 38.51 -41.45 1.12
C ILE D 97 39.81 -42.26 1.18
N SER D 98 40.83 -41.80 0.46
CA SER D 98 42.16 -42.42 0.51
C SER D 98 43.20 -41.40 0.95
N ARG D 99 44.31 -41.88 1.51
CA ARG D 99 45.40 -41.04 1.95
C ARG D 99 46.69 -41.36 1.19
N ASN D 100 47.48 -40.32 0.90
CA ASN D 100 48.61 -40.44 -0.04
C ASN D 100 49.77 -41.30 0.47
N ALA D 104 49.72 -46.96 6.02
CA ALA D 104 49.22 -47.25 7.37
C ALA D 104 47.74 -46.89 7.50
N ASN D 105 46.95 -47.82 8.05
CA ASN D 105 45.50 -47.61 8.25
C ASN D 105 45.15 -47.06 9.63
N SER D 106 43.98 -46.42 9.71
CA SER D 106 43.51 -45.78 10.94
C SER D 106 41.98 -45.68 10.94
N ASN D 107 41.37 -45.81 12.13
CA ASN D 107 39.93 -45.60 12.28
C ASN D 107 39.54 -44.13 12.17
N VAL D 108 38.31 -43.87 11.75
CA VAL D 108 37.81 -42.50 11.67
C VAL D 108 36.66 -42.21 12.63
N VAL D 109 36.56 -40.95 13.04
CA VAL D 109 35.38 -40.43 13.70
C VAL D 109 34.73 -39.40 12.78
N ILE D 110 33.41 -39.50 12.65
CA ILE D 110 32.62 -38.52 11.96
C ILE D 110 32.01 -37.58 13.00
N ARG D 111 32.14 -36.26 12.76
CA ARG D 111 31.56 -35.23 13.63
C ARG D 111 30.62 -34.34 12.81
N PRO D 112 29.40 -34.12 13.28
CA PRO D 112 28.80 -34.54 14.55
C PRO D 112 28.71 -36.07 14.74
N THR D 113 29.09 -36.55 15.93
CA THR D 113 29.06 -38.01 16.22
C THR D 113 27.65 -38.60 16.18
N SER D 114 26.64 -37.73 16.26
CA SER D 114 25.25 -38.16 16.21
C SER D 114 24.74 -38.51 14.80
N LEU D 115 25.58 -38.39 13.78
CA LEU D 115 25.18 -38.76 12.42
C LEU D 115 25.08 -40.28 12.19
N ASN D 116 25.95 -41.06 12.81
CA ASN D 116 25.87 -42.54 12.78
C ASN D 116 25.94 -43.17 11.38
N PHE D 117 26.61 -42.53 10.44
CA PHE D 117 26.71 -43.07 9.08
C PHE D 117 27.52 -44.37 9.08
N PRO D 118 27.12 -45.35 8.26
CA PRO D 118 27.91 -46.57 8.15
C PRO D 118 29.33 -46.28 7.64
N VAL D 119 30.30 -46.97 8.23
CA VAL D 119 31.70 -46.77 7.94
C VAL D 119 32.41 -48.11 7.84
N ARG D 120 32.93 -48.43 6.66
CA ARG D 120 33.80 -49.61 6.53
C ARG D 120 35.14 -49.25 5.88
N TYR D 121 36.14 -50.09 6.14
CA TYR D 121 37.50 -49.85 5.72
C TYR D 121 37.92 -50.91 4.69
N ASP D 122 39.16 -50.83 4.22
CA ASP D 122 39.76 -51.87 3.39
C ASP D 122 41.29 -51.68 3.31
N ASN D 123 41.93 -52.18 2.25
CA ASN D 123 43.37 -51.96 2.01
C ASN D 123 43.85 -50.57 2.42
N GLN D 124 43.42 -49.53 1.71
CA GLN D 124 43.84 -48.16 2.01
C GLN D 124 42.76 -47.13 1.70
N SER D 125 41.54 -47.39 2.19
CA SER D 125 40.44 -46.46 2.02
C SER D 125 39.39 -46.62 3.09
N VAL D 126 38.69 -45.52 3.37
CA VAL D 126 37.52 -45.51 4.23
C VAL D 126 36.32 -45.25 3.34
N TYR D 127 35.23 -45.97 3.62
CA TYR D 127 33.99 -45.83 2.88
C TYR D 127 32.93 -45.38 3.85
N ILE D 128 32.38 -44.20 3.60
CA ILE D 128 31.33 -43.65 4.43
C ILE D 128 30.06 -43.60 3.61
N THR D 129 29.04 -44.31 4.06
CA THR D 129 27.73 -44.29 3.41
C THR D 129 26.95 -43.07 3.89
N VAL D 130 26.75 -42.11 2.99
CA VAL D 130 26.06 -40.88 3.32
C VAL D 130 24.63 -40.99 2.80
N PRO D 131 23.64 -40.96 3.71
CA PRO D 131 22.27 -41.03 3.23
C PRO D 131 21.88 -39.71 2.59
N TYR D 132 20.90 -39.73 1.70
CA TYR D 132 20.39 -38.50 1.13
C TYR D 132 19.57 -37.77 2.18
N SER D 133 19.77 -36.47 2.29
CA SER D 133 18.85 -35.59 2.98
C SER D 133 18.65 -34.38 2.08
N PRO D 134 17.42 -33.83 2.03
CA PRO D 134 17.18 -32.64 1.20
C PRO D 134 17.86 -31.35 1.69
N THR D 135 18.37 -31.35 2.93
CA THR D 135 19.13 -30.21 3.47
C THR D 135 20.63 -30.47 3.47
N GLY D 136 21.03 -31.67 3.07
CA GLY D 136 22.44 -32.03 3.00
C GLY D 136 23.06 -32.33 4.35
N TYR D 137 24.36 -32.66 4.33
CA TYR D 137 25.15 -32.76 5.54
C TYR D 137 26.45 -32.01 5.39
N ARG D 138 26.99 -31.59 6.53
CA ARG D 138 28.31 -30.97 6.62
C ARG D 138 29.00 -31.63 7.79
N PHE D 139 30.02 -32.44 7.53
CA PHE D 139 30.68 -33.16 8.61
C PHE D 139 32.19 -33.22 8.43
N SER D 140 32.87 -33.68 9.50
CA SER D 140 34.32 -33.77 9.56
C SER D 140 34.74 -35.23 9.73
N VAL D 141 35.67 -35.68 8.88
CA VAL D 141 36.20 -37.03 8.99
C VAL D 141 37.58 -36.91 9.64
N GLU D 142 37.78 -37.65 10.73
CA GLU D 142 38.93 -37.47 11.60
C GLU D 142 39.65 -38.82 11.82
N PHE D 143 40.90 -38.90 11.36
CA PHE D 143 41.68 -40.12 11.46
C PHE D 143 42.43 -40.13 12.79
N ASP D 144 42.21 -41.18 13.59
CA ASP D 144 42.84 -41.30 14.92
C ASP D 144 44.35 -41.03 14.87
N ASP D 145 45.03 -41.62 13.89
CA ASP D 145 46.49 -41.44 13.79
C ASP D 145 46.93 -40.07 13.26
N ASP D 146 45.98 -39.25 12.82
CA ASP D 146 46.21 -37.86 12.42
C ASP D 146 45.99 -36.89 13.59
N LEU D 147 45.48 -37.39 14.72
CA LEU D 147 45.12 -36.52 15.83
C LEU D 147 46.37 -36.00 16.53
N ILE D 148 46.32 -34.74 16.95
CA ILE D 148 47.39 -34.08 17.67
C ILE D 148 46.78 -33.37 18.88
N SER D 149 47.62 -32.96 19.82
CA SER D 149 47.15 -32.26 21.02
C SER D 149 47.44 -30.78 20.90
N LEU D 150 46.41 -29.97 21.08
CA LEU D 150 46.57 -28.51 20.99
C LEU D 150 46.79 -27.94 22.39
N ALA D 151 47.94 -27.29 22.56
CA ALA D 151 48.33 -26.65 23.82
C ALA D 151 47.74 -25.24 23.90
N PRO D 152 47.29 -24.81 25.10
CA PRO D 152 47.36 -25.51 26.38
C PRO D 152 46.12 -26.32 26.77
N SER D 153 45.09 -26.35 25.92
CA SER D 153 43.87 -27.10 26.24
C SER D 153 44.07 -28.61 26.30
N GLY D 154 45.00 -29.14 25.51
CA GLY D 154 45.13 -30.59 25.34
C GLY D 154 44.07 -31.18 24.42
N ALA D 155 43.34 -30.31 23.72
CA ALA D 155 42.28 -30.77 22.81
C ALA D 155 42.88 -31.66 21.74
N ARG D 156 42.26 -32.82 21.53
CA ARG D 156 42.69 -33.78 20.52
C ARG D 156 41.96 -33.50 19.22
N GLN D 157 42.69 -33.08 18.20
CA GLN D 157 42.06 -32.70 16.93
C GLN D 157 42.91 -33.09 15.72
N PRO D 158 42.27 -33.30 14.58
CA PRO D 158 43.07 -33.54 13.38
C PRO D 158 44.09 -32.42 13.14
N GLU D 159 45.32 -32.82 12.81
CA GLU D 159 46.31 -31.90 12.27
C GLU D 159 45.87 -31.51 10.85
N ASN D 160 45.30 -32.46 10.13
CA ASN D 160 44.85 -32.23 8.77
C ASN D 160 43.39 -32.56 8.68
N ALA D 161 42.54 -31.54 8.81
CA ALA D 161 41.11 -31.76 8.83
C ALA D 161 40.57 -32.02 7.42
N LEU D 162 39.49 -32.79 7.36
CA LEU D 162 38.82 -33.10 6.11
C LEU D 162 37.34 -32.95 6.33
N LEU D 163 36.74 -31.99 5.63
CA LEU D 163 35.33 -31.71 5.75
C LEU D 163 34.63 -32.18 4.49
N ILE D 164 33.45 -32.75 4.65
CA ILE D 164 32.64 -33.21 3.54
C ILE D 164 31.34 -32.43 3.55
N PHE D 165 31.06 -31.75 2.45
CA PHE D 165 29.84 -30.96 2.32
C PHE D 165 28.96 -31.55 1.21
N ALA D 166 28.09 -32.48 1.60
CA ALA D 166 27.14 -33.09 0.68
C ALA D 166 25.88 -32.25 0.67
N SER D 167 25.58 -31.67 -0.49
CA SER D 167 24.45 -30.77 -0.64
C SER D 167 23.46 -31.28 -1.70
N PRO D 168 22.19 -30.83 -1.63
CA PRO D 168 21.19 -31.21 -2.61
C PRO D 168 21.39 -30.43 -3.90
N PHE D 169 20.78 -30.90 -4.97
CA PHE D 169 20.84 -30.21 -6.26
C PHE D 169 20.27 -28.80 -6.15
N GLU D 170 20.73 -27.92 -7.03
CA GLU D 170 20.29 -26.53 -7.04
C GLU D 170 19.03 -26.41 -7.87
N ASN D 171 17.96 -25.90 -7.27
CA ASN D 171 16.73 -25.68 -8.02
C ASN D 171 16.82 -24.35 -8.74
N SER D 172 15.72 -23.93 -9.36
CA SER D 172 15.71 -22.71 -10.17
C SER D 172 15.73 -21.42 -9.35
N SER D 173 15.61 -21.50 -8.04
CA SER D 173 15.75 -20.32 -7.18
C SER D 173 17.21 -20.02 -6.79
N THR D 174 18.10 -21.02 -6.86
CA THR D 174 19.51 -20.80 -6.50
C THR D 174 20.48 -20.96 -7.67
N LYS D 175 19.97 -21.23 -8.87
CA LYS D 175 20.81 -21.45 -10.06
C LYS D 175 20.19 -20.74 -11.27
N PRO D 176 20.81 -19.65 -11.75
CA PRO D 176 20.21 -18.96 -12.88
C PRO D 176 20.21 -19.83 -14.13
N GLN D 177 19.31 -19.53 -15.05
CA GLN D 177 19.31 -20.17 -16.35
C GLN D 177 20.54 -19.68 -17.12
N PRO D 178 21.27 -20.61 -17.76
CA PRO D 178 22.41 -20.17 -18.56
C PRO D 178 21.96 -19.34 -19.76
N GLY D 179 22.84 -18.45 -20.20
CA GLY D 179 22.60 -17.61 -21.37
C GLY D 179 21.52 -16.57 -21.21
N SER D 180 21.01 -16.40 -19.99
CA SER D 180 19.98 -15.42 -19.72
C SER D 180 20.50 -14.02 -20.05
N PRO D 181 19.74 -13.24 -20.85
CA PRO D 181 20.13 -11.84 -21.03
C PRO D 181 19.87 -11.01 -19.77
N ASN D 182 20.72 -10.02 -19.58
CA ASN D 182 20.85 -9.32 -18.31
C ASN D 182 21.68 -10.12 -17.29
N SER D 183 22.28 -11.23 -17.75
CA SER D 183 23.30 -11.96 -17.00
C SER D 183 24.67 -11.81 -17.68
N ILE D 184 25.72 -11.69 -16.88
CA ILE D 184 27.10 -11.59 -17.37
C ILE D 184 27.90 -12.76 -16.80
N ALA D 185 28.70 -13.39 -17.65
CA ALA D 185 29.45 -14.59 -17.28
C ALA D 185 30.95 -14.42 -17.54
N PRO D 186 31.66 -13.68 -16.66
CA PRO D 186 33.11 -13.45 -16.81
C PRO D 186 33.89 -14.72 -17.16
N ALA D 187 34.86 -14.59 -18.06
CA ALA D 187 35.78 -15.68 -18.36
C ALA D 187 36.74 -15.88 -17.18
N PRO D 188 37.40 -17.04 -17.11
CA PRO D 188 38.40 -17.23 -16.06
C PRO D 188 39.47 -16.14 -16.02
N GLY D 189 40.23 -16.11 -14.92
CA GLY D 189 41.27 -15.09 -14.73
C GLY D 189 40.74 -13.90 -13.97
N ARG D 190 41.47 -12.80 -14.04
CA ARG D 190 41.08 -11.56 -13.36
C ARG D 190 39.71 -11.08 -13.82
N VAL D 191 38.88 -10.69 -12.86
CA VAL D 191 37.54 -10.19 -13.13
C VAL D 191 37.55 -8.66 -13.01
N LEU D 192 36.92 -8.01 -13.99
CA LEU D 192 36.84 -6.55 -14.05
C LEU D 192 35.48 -6.12 -14.56
N GLY D 193 35.07 -4.90 -14.21
CA GLY D 193 33.87 -4.29 -14.77
C GLY D 193 32.54 -4.62 -14.10
N LEU D 194 32.56 -5.37 -13.01
CA LEU D 194 31.33 -5.73 -12.32
C LEU D 194 30.78 -4.58 -11.48
N ASN D 195 31.65 -3.65 -11.08
CA ASN D 195 31.20 -2.46 -10.35
C ASN D 195 30.52 -1.40 -11.24
N THR D 196 30.61 -1.57 -12.55
CA THR D 196 29.96 -0.66 -13.49
C THR D 196 28.98 -1.36 -14.44
N THR D 197 28.91 -2.69 -14.38
CA THR D 197 28.01 -3.44 -15.25
C THR D 197 26.54 -3.05 -15.03
N SER D 198 25.70 -3.48 -15.97
CA SER D 198 24.26 -3.25 -15.90
C SER D 198 23.49 -4.58 -15.92
N ALA D 199 24.21 -5.69 -15.85
CA ALA D 199 23.59 -7.01 -15.67
C ALA D 199 22.93 -7.07 -14.30
N SER D 200 21.96 -7.97 -14.17
CA SER D 200 21.29 -8.22 -12.89
C SER D 200 21.75 -9.51 -12.22
N THR D 201 22.45 -10.34 -12.98
CA THR D 201 22.87 -11.64 -12.51
C THR D 201 24.30 -11.90 -12.97
N VAL D 202 25.23 -11.94 -12.02
CA VAL D 202 26.60 -12.33 -12.34
C VAL D 202 26.73 -13.85 -12.18
N VAL D 203 27.23 -14.49 -13.22
CA VAL D 203 27.37 -15.94 -13.24
C VAL D 203 28.85 -16.30 -13.34
N PHE D 204 29.34 -17.05 -12.35
CA PHE D 204 30.69 -17.59 -12.36
C PHE D 204 30.58 -19.06 -12.65
N ASN D 205 30.86 -19.44 -13.89
CA ASN D 205 30.83 -20.86 -14.29
C ASN D 205 32.11 -21.58 -13.86
N PRO D 206 32.14 -22.93 -13.99
CA PRO D 206 33.33 -23.69 -13.60
C PRO D 206 34.63 -23.12 -14.16
N GLY D 207 35.66 -23.05 -13.33
CA GLY D 207 36.88 -22.30 -13.65
C GLY D 207 37.35 -21.45 -12.48
N VAL D 208 38.44 -20.74 -12.66
CA VAL D 208 39.13 -20.04 -11.59
C VAL D 208 39.14 -18.54 -11.85
N TYR D 209 38.78 -17.77 -10.83
CA TYR D 209 38.63 -16.32 -10.93
C TYR D 209 39.32 -15.66 -9.74
N TYR D 210 39.74 -14.41 -9.91
CA TYR D 210 40.41 -13.69 -8.83
C TYR D 210 40.31 -12.20 -8.99
N PHE D 211 40.43 -11.50 -7.86
CA PHE D 211 40.38 -10.03 -7.81
C PHE D 211 41.69 -9.42 -7.33
N THR D 212 42.66 -10.27 -6.99
CA THR D 212 43.91 -9.85 -6.32
C THR D 212 43.63 -9.42 -4.89
N GLY D 213 44.70 -9.20 -4.15
CA GLY D 213 44.62 -8.70 -2.79
C GLY D 213 44.46 -7.20 -2.66
N HIS D 214 44.28 -6.49 -3.77
CA HIS D 214 44.09 -5.02 -3.69
C HIS D 214 42.86 -4.53 -4.46
N ASP D 215 41.92 -5.45 -4.72
CA ASP D 215 40.59 -5.13 -5.26
C ASP D 215 39.61 -6.16 -4.71
N HIS D 216 38.32 -5.89 -4.83
CA HIS D 216 37.29 -6.89 -4.55
C HIS D 216 36.02 -6.76 -5.41
N MET D 217 35.12 -7.72 -5.27
CA MET D 217 33.92 -7.78 -6.09
C MET D 217 32.87 -6.80 -5.62
N VAL D 218 33.10 -5.52 -5.92
CA VAL D 218 32.06 -4.52 -5.78
C VAL D 218 31.09 -4.74 -6.95
N LEU D 219 29.86 -5.08 -6.61
CA LEU D 219 28.82 -5.32 -7.61
C LEU D 219 27.99 -4.05 -7.79
N SER D 220 27.69 -3.70 -9.04
CA SER D 220 26.92 -2.49 -9.36
C SER D 220 25.49 -2.63 -8.89
N SER D 221 24.81 -1.49 -8.75
CA SER D 221 23.46 -1.42 -8.20
C SER D 221 22.38 -2.18 -8.98
N SER D 222 22.68 -2.58 -10.21
CA SER D 222 21.77 -3.41 -10.99
C SER D 222 21.91 -4.90 -10.67
N VAL D 223 23.01 -5.27 -9.99
CA VAL D 223 23.27 -6.68 -9.65
C VAL D 223 22.50 -7.06 -8.39
N THR D 224 21.62 -8.05 -8.52
CA THR D 224 20.85 -8.55 -7.38
C THR D 224 21.07 -10.05 -7.15
N TRP D 225 21.83 -10.69 -8.03
CA TRP D 225 22.12 -12.11 -7.91
C TRP D 225 23.53 -12.39 -8.40
N VAL D 226 24.35 -12.99 -7.53
CA VAL D 226 25.68 -13.47 -7.90
C VAL D 226 25.74 -14.97 -7.65
N TYR D 227 26.22 -15.72 -8.64
CA TYR D 227 26.14 -17.17 -8.59
C TYR D 227 27.52 -17.78 -8.71
N PHE D 228 27.80 -18.76 -7.85
CA PHE D 228 29.07 -19.47 -7.85
C PHE D 228 28.80 -20.93 -8.15
N ALA D 229 29.01 -21.34 -9.39
CA ALA D 229 28.61 -22.65 -9.83
C ALA D 229 29.46 -23.71 -9.14
N PRO D 230 28.90 -24.92 -8.98
CA PRO D 230 29.71 -26.03 -8.52
C PRO D 230 30.91 -26.19 -9.45
N GLY D 231 32.11 -25.96 -8.92
CA GLY D 231 33.33 -26.03 -9.73
C GLY D 231 33.87 -24.66 -10.09
N ALA D 232 33.20 -23.62 -9.62
CA ALA D 232 33.74 -22.27 -9.67
C ALA D 232 34.53 -22.01 -8.38
N TYR D 233 35.69 -21.36 -8.52
CA TYR D 233 36.50 -20.93 -7.37
C TYR D 233 36.87 -19.48 -7.62
N VAL D 234 36.36 -18.60 -6.76
CA VAL D 234 36.52 -17.17 -6.94
C VAL D 234 37.27 -16.59 -5.75
N LYS D 235 38.43 -16.03 -6.03
CA LYS D 235 39.23 -15.38 -5.02
C LYS D 235 38.80 -13.91 -4.95
N GLY D 236 38.21 -13.53 -3.84
CA GLY D 236 37.76 -12.15 -3.66
C GLY D 236 36.78 -12.00 -2.52
N ALA D 237 36.12 -10.85 -2.47
CA ALA D 237 35.14 -10.53 -1.44
C ALA D 237 33.96 -9.83 -2.10
N VAL D 238 32.76 -10.01 -1.56
CA VAL D 238 31.54 -9.51 -2.21
C VAL D 238 30.97 -8.29 -1.51
N GLU D 239 30.67 -7.25 -2.30
CA GLU D 239 29.99 -6.05 -1.80
C GLU D 239 28.85 -5.63 -2.77
N PHE D 240 27.61 -5.80 -2.32
CA PHE D 240 26.43 -5.39 -3.11
C PHE D 240 26.21 -3.90 -2.97
N LEU D 241 26.05 -3.20 -4.10
CA LEU D 241 25.65 -1.78 -4.10
C LEU D 241 24.13 -1.62 -4.28
N SER D 242 23.50 -2.64 -4.86
CA SER D 242 22.04 -2.70 -5.04
C SER D 242 21.31 -2.54 -3.71
N THR D 243 20.32 -1.65 -3.69
CA THR D 243 19.47 -1.45 -2.51
C THR D 243 18.05 -1.97 -2.78
N ALA D 244 17.92 -2.89 -3.72
CA ALA D 244 16.65 -3.50 -4.08
C ALA D 244 16.11 -4.41 -2.97
N SER D 245 14.96 -5.05 -3.25
CA SER D 245 14.28 -5.83 -2.22
C SER D 245 14.94 -7.20 -1.97
N GLU D 246 15.62 -7.74 -2.98
CA GLU D 246 16.46 -8.93 -2.82
C GLU D 246 17.87 -8.71 -3.37
N VAL D 247 18.86 -9.13 -2.59
CA VAL D 247 20.22 -9.35 -3.07
C VAL D 247 20.58 -10.77 -2.69
N LYS D 248 21.13 -11.49 -3.65
CA LYS D 248 21.28 -12.90 -3.48
C LYS D 248 22.66 -13.39 -3.90
N ALA D 249 23.17 -14.37 -3.17
CA ALA D 249 24.39 -15.07 -3.53
C ALA D 249 24.14 -16.55 -3.29
N SER D 250 24.18 -17.33 -4.36
CA SER D 250 23.93 -18.77 -4.28
C SER D 250 24.93 -19.55 -5.14
N GLY D 251 24.74 -20.86 -5.22
CA GLY D 251 25.65 -21.76 -5.90
C GLY D 251 26.59 -22.41 -4.91
N HIS D 252 27.04 -23.62 -5.22
CA HIS D 252 27.90 -24.39 -4.32
C HIS D 252 29.39 -24.24 -4.64
N GLY D 253 29.73 -23.19 -5.36
CA GLY D 253 31.12 -22.86 -5.61
C GLY D 253 31.72 -22.22 -4.39
N VAL D 254 32.91 -21.65 -4.56
CA VAL D 254 33.70 -21.12 -3.46
C VAL D 254 34.05 -19.66 -3.70
N LEU D 255 33.89 -18.85 -2.68
CA LEU D 255 34.44 -17.52 -2.62
C LEU D 255 35.54 -17.53 -1.55
N SER D 256 36.80 -17.33 -1.96
CA SER D 256 37.93 -17.36 -1.04
C SER D 256 38.56 -15.99 -0.85
N GLY D 257 38.82 -15.62 0.41
CA GLY D 257 39.50 -14.37 0.72
C GLY D 257 41.01 -14.53 0.86
N GLU D 258 41.57 -15.62 0.32
CA GLU D 258 42.99 -15.99 0.58
C GLU D 258 44.04 -14.96 0.14
N GLN D 259 43.71 -14.12 -0.85
CA GLN D 259 44.66 -13.14 -1.39
C GLN D 259 44.79 -11.90 -0.51
N TYR D 260 43.85 -11.67 0.40
CA TYR D 260 43.90 -10.50 1.28
C TYR D 260 44.71 -10.78 2.53
N VAL D 261 45.46 -9.79 2.98
CA VAL D 261 46.14 -9.87 4.27
C VAL D 261 45.13 -9.68 5.40
N TRP D 262 45.48 -10.12 6.60
CA TRP D 262 44.62 -9.96 7.77
C TRP D 262 44.23 -8.50 7.97
N TYR D 263 42.95 -8.23 8.13
CA TYR D 263 42.46 -6.88 8.43
C TYR D 263 42.74 -5.93 7.25
N ALA D 264 42.76 -6.47 6.04
CA ALA D 264 42.95 -5.67 4.84
C ALA D 264 41.93 -4.53 4.78
N ASP D 265 42.41 -3.29 4.68
CA ASP D 265 41.53 -2.12 4.64
C ASP D 265 41.34 -1.63 3.21
N PRO D 266 40.15 -1.83 2.63
CA PRO D 266 39.95 -1.45 1.23
C PRO D 266 40.02 0.05 0.93
N ASP D 267 40.06 0.91 1.95
CA ASP D 267 40.22 2.35 1.78
C ASP D 267 41.68 2.81 1.93
N GLU D 268 42.55 1.92 2.40
CA GLU D 268 44.00 2.19 2.44
C GLU D 268 44.76 1.17 1.59
N GLY D 269 44.33 1.01 0.34
CA GLY D 269 45.01 0.13 -0.61
C GLY D 269 45.05 -1.33 -0.22
N TYR D 270 44.11 -1.75 0.63
CA TYR D 270 44.02 -3.13 1.12
C TYR D 270 45.23 -3.57 1.94
N GLN D 271 45.78 -2.64 2.71
CA GLN D 271 46.85 -2.95 3.66
C GLN D 271 46.23 -3.21 5.01
N LYS D 272 46.97 -3.86 5.90
CA LYS D 272 46.53 -4.06 7.27
C LYS D 272 46.07 -2.71 7.81
N ALA D 273 44.81 -2.64 8.23
CA ALA D 273 44.23 -1.40 8.70
C ALA D 273 45.12 -0.78 9.78
N SER D 274 45.45 0.49 9.60
CA SER D 274 46.27 1.22 10.59
C SER D 274 45.40 1.60 11.79
N GLY D 275 45.51 0.81 12.86
CA GLY D 275 44.64 0.96 14.03
C GLY D 275 43.44 0.02 13.93
N ALA D 276 42.84 -0.29 15.08
CA ALA D 276 41.67 -1.16 15.15
C ALA D 276 40.38 -0.41 14.79
N ASN D 277 40.27 -0.02 13.52
CA ASN D 277 39.16 0.81 13.05
C ASN D 277 37.92 -0.01 12.71
N ASN D 278 38.02 -1.34 12.81
CA ASN D 278 36.94 -2.25 12.46
C ASN D 278 36.52 -2.17 10.99
N ASN D 279 37.43 -1.69 10.13
CA ASN D 279 37.13 -1.48 8.71
C ASN D 279 37.86 -2.47 7.80
N GLY D 280 38.15 -3.66 8.32
CA GLY D 280 38.74 -4.73 7.52
C GLY D 280 37.73 -5.23 6.51
N LEU D 281 38.23 -5.69 5.37
CA LEU D 281 37.38 -6.13 4.27
C LEU D 281 36.48 -7.27 4.73
N ARG D 282 35.17 -7.11 4.49
CA ARG D 282 34.19 -8.15 4.78
C ARG D 282 34.08 -9.08 3.59
N MET D 283 33.72 -10.33 3.83
CA MET D 283 33.42 -11.26 2.71
C MET D 283 32.04 -10.99 2.12
N TRP D 284 31.09 -10.58 2.96
CA TRP D 284 29.77 -10.19 2.49
C TRP D 284 29.46 -8.81 3.03
N ARG D 285 29.12 -7.91 2.13
CA ARG D 285 28.70 -6.57 2.49
C ARG D 285 27.59 -6.16 1.54
N GLY D 286 26.64 -5.39 2.04
CA GLY D 286 25.56 -4.89 1.22
C GLY D 286 25.19 -3.45 1.55
N THR D 287 24.26 -2.92 0.76
CA THR D 287 23.94 -1.50 0.83
C THR D 287 22.44 -1.30 0.99
N LEU D 288 22.07 -0.52 2.01
CA LEU D 288 20.67 -0.28 2.34
C LEU D 288 20.20 1.06 1.81
N GLY D 289 19.06 1.04 1.12
CA GLY D 289 18.43 2.24 0.62
C GLY D 289 17.48 2.80 1.67
N ASN D 290 16.21 2.91 1.29
CA ASN D 290 15.14 3.30 2.20
C ASN D 290 14.04 2.24 2.27
N SER D 291 14.06 1.27 1.34
CA SER D 291 13.17 0.13 1.38
C SER D 291 13.88 -1.06 2.05
N SER D 292 13.08 -2.02 2.50
CA SER D 292 13.64 -3.17 3.20
C SER D 292 14.25 -4.15 2.21
N GLN D 293 15.35 -4.77 2.61
CA GLN D 293 16.09 -5.68 1.74
C GLN D 293 16.28 -7.04 2.40
N THR D 294 16.20 -8.08 1.60
CA THR D 294 16.44 -9.44 2.06
C THR D 294 17.71 -9.98 1.38
N PHE D 295 18.68 -10.37 2.22
CA PHE D 295 19.91 -11.01 1.75
C PHE D 295 19.71 -12.51 1.78
N VAL D 296 19.70 -13.13 0.61
CA VAL D 296 19.57 -14.57 0.51
C VAL D 296 20.94 -15.17 0.23
N LEU D 297 21.36 -16.14 1.04
CA LEU D 297 22.66 -16.78 0.91
C LEU D 297 22.48 -18.30 0.95
N ASN D 298 22.82 -18.97 -0.15
CA ASN D 298 22.50 -20.39 -0.29
C ASN D 298 23.64 -21.15 -0.95
N GLY D 299 24.10 -22.22 -0.33
CA GLY D 299 25.00 -23.15 -0.99
C GLY D 299 26.47 -22.79 -0.91
N VAL D 300 26.78 -21.51 -0.80
CA VAL D 300 28.15 -21.03 -1.01
C VAL D 300 29.12 -21.51 0.09
N THR D 301 30.36 -21.81 -0.30
CA THR D 301 31.46 -22.00 0.65
C THR D 301 32.34 -20.76 0.65
N VAL D 302 32.43 -20.08 1.79
CA VAL D 302 33.40 -19.02 1.99
C VAL D 302 34.64 -19.63 2.63
N SER D 303 35.81 -19.26 2.11
CA SER D 303 37.09 -19.70 2.68
C SER D 303 38.03 -18.53 2.98
N ALA D 304 38.89 -18.73 3.99
CA ALA D 304 39.95 -17.79 4.34
C ALA D 304 39.49 -16.33 4.39
N PRO D 305 38.53 -16.01 5.28
CA PRO D 305 38.14 -14.60 5.43
C PRO D 305 39.26 -13.80 6.10
N PRO D 306 39.56 -12.59 5.58
CA PRO D 306 40.63 -11.80 6.16
C PRO D 306 40.24 -11.06 7.44
N PHE D 307 38.94 -10.98 7.72
CA PHE D 307 38.44 -10.22 8.87
C PHE D 307 37.04 -10.73 9.24
N ASN D 308 36.22 -9.87 9.85
CA ASN D 308 34.79 -10.15 10.07
C ASN D 308 34.17 -10.60 8.74
N SER D 309 33.33 -11.63 8.76
CA SER D 309 32.77 -12.16 7.53
C SER D 309 31.75 -11.23 6.87
N MET D 310 31.05 -10.42 7.66
CA MET D 310 29.93 -9.67 7.11
C MET D 310 29.53 -8.43 7.85
N ASP D 311 29.15 -7.40 7.11
CA ASP D 311 28.38 -6.29 7.67
C ASP D 311 27.69 -5.49 6.55
N TRP D 312 26.45 -5.07 6.83
CA TRP D 312 25.67 -4.20 5.94
C TRP D 312 25.74 -2.77 6.48
N SER D 313 25.33 -1.80 5.67
CA SER D 313 25.24 -0.41 6.12
C SER D 313 24.35 0.43 5.22
N GLY D 314 24.11 1.67 5.64
CA GLY D 314 23.39 2.65 4.83
C GLY D 314 22.11 3.21 5.44
N ASN D 315 21.58 2.53 6.45
CA ASN D 315 20.31 2.92 7.10
C ASN D 315 20.16 2.22 8.45
N SER D 316 18.93 2.05 8.92
CA SER D 316 18.66 1.17 10.06
C SER D 316 18.92 -0.25 9.63
N LEU D 317 19.45 -1.05 10.54
CA LEU D 317 19.66 -2.46 10.26
C LEU D 317 18.35 -3.25 10.41
N ASP D 318 17.29 -2.57 10.86
CA ASP D 318 15.93 -3.13 10.83
C ASP D 318 15.41 -3.40 9.40
N LEU D 319 15.91 -2.66 8.41
CA LEU D 319 15.52 -2.85 7.01
C LEU D 319 16.20 -4.03 6.32
N ILE D 320 17.09 -4.73 7.03
CA ILE D 320 17.78 -5.88 6.42
C ILE D 320 17.42 -7.13 7.19
N THR D 321 17.17 -8.21 6.46
CA THR D 321 16.95 -9.51 7.05
C THR D 321 17.66 -10.56 6.20
N CYS D 322 17.97 -11.72 6.78
CA CYS D 322 18.75 -12.74 6.08
C CYS D 322 18.04 -14.10 5.95
N ARG D 323 18.32 -14.80 4.86
CA ARG D 323 17.82 -16.17 4.64
C ARG D 323 19.00 -16.99 4.19
N VAL D 324 19.55 -17.78 5.11
CA VAL D 324 20.82 -18.45 4.90
C VAL D 324 20.60 -19.94 5.02
N ASP D 325 21.01 -20.67 4.00
CA ASP D 325 20.89 -22.13 4.00
C ASP D 325 22.12 -22.73 3.34
N ASP D 326 22.56 -23.88 3.86
CA ASP D 326 23.54 -24.71 3.16
C ASP D 326 24.81 -23.95 2.87
N TYR D 327 25.27 -23.19 3.87
CA TYR D 327 26.38 -22.28 3.74
C TYR D 327 27.54 -22.72 4.63
N LYS D 328 28.77 -22.58 4.16
CA LYS D 328 29.95 -23.01 4.91
C LYS D 328 31.05 -21.94 4.95
N GLN D 329 31.63 -21.75 6.13
CA GLN D 329 32.84 -20.94 6.29
C GLN D 329 33.96 -21.87 6.72
N VAL D 330 35.02 -21.92 5.92
CA VAL D 330 36.15 -22.81 6.15
C VAL D 330 37.47 -22.05 6.15
N GLY D 331 38.52 -22.67 6.71
CA GLY D 331 39.86 -22.09 6.70
C GLY D 331 39.97 -20.69 7.28
N ALA D 332 39.15 -20.40 8.28
CA ALA D 332 39.18 -19.14 8.98
C ALA D 332 40.23 -19.11 10.12
N PHE D 333 41.50 -19.28 9.77
CA PHE D 333 42.58 -19.37 10.78
C PHE D 333 42.98 -18.03 11.40
N TYR D 334 42.58 -16.91 10.79
CA TYR D 334 42.91 -15.60 11.36
C TYR D 334 42.02 -15.25 12.55
N GLY D 335 42.54 -14.36 13.41
CA GLY D 335 41.74 -13.71 14.44
C GLY D 335 40.60 -12.90 13.82
N GLN D 336 39.54 -12.72 14.60
CA GLN D 336 38.40 -11.88 14.23
C GLN D 336 37.62 -12.33 12.99
N THR D 337 37.57 -13.65 12.80
CA THR D 337 36.85 -14.27 11.70
C THR D 337 35.42 -14.64 12.11
N ASP D 338 34.69 -13.63 12.57
CA ASP D 338 33.26 -13.70 12.95
C ASP D 338 32.39 -14.56 12.03
N GLY D 339 31.33 -15.12 12.59
CA GLY D 339 30.23 -15.66 11.79
C GLY D 339 29.42 -14.53 11.16
N LEU D 340 28.32 -14.88 10.49
CA LEU D 340 27.50 -13.89 9.79
C LEU D 340 26.78 -13.00 10.80
N GLU D 341 26.34 -11.82 10.35
CA GLU D 341 25.38 -11.04 11.12
C GLU D 341 24.00 -11.63 10.83
N MET D 342 23.18 -11.74 11.85
CA MET D 342 21.82 -12.25 11.71
C MET D 342 20.88 -11.11 12.06
N TYR D 343 20.52 -10.35 11.03
CA TYR D 343 19.72 -9.14 11.23
C TYR D 343 18.27 -9.52 11.50
N PRO D 344 17.41 -8.54 11.86
CA PRO D 344 16.08 -8.91 12.33
C PRO D 344 15.28 -9.72 11.33
N GLY D 345 14.53 -10.71 11.83
CA GLY D 345 13.75 -11.60 10.97
C GLY D 345 14.53 -12.74 10.36
N THR D 346 15.83 -12.81 10.62
CA THR D 346 16.71 -13.78 9.93
C THR D 346 16.31 -15.23 10.20
N ILE D 347 16.31 -16.05 9.15
CA ILE D 347 16.23 -17.49 9.28
C ILE D 347 17.51 -18.08 8.68
N LEU D 348 18.31 -18.71 9.53
CA LEU D 348 19.59 -19.28 9.13
C LEU D 348 19.59 -20.74 9.54
N GLN D 349 19.96 -21.62 8.60
CA GLN D 349 19.81 -23.06 8.81
C GLN D 349 20.86 -23.85 8.06
N ASP D 350 21.31 -24.96 8.65
CA ASP D 350 22.13 -25.93 7.95
C ASP D 350 23.45 -25.27 7.51
N VAL D 351 24.21 -24.82 8.51
CA VAL D 351 25.42 -24.07 8.29
C VAL D 351 26.61 -24.73 8.98
N PHE D 352 27.78 -24.63 8.33
CA PHE D 352 29.06 -24.99 8.93
C PHE D 352 29.90 -23.73 9.15
N TYR D 353 30.34 -23.51 10.38
CA TYR D 353 31.24 -22.43 10.72
C TYR D 353 32.55 -22.96 11.30
N HIS D 354 33.66 -22.63 10.66
CA HIS D 354 34.97 -22.64 11.28
C HIS D 354 35.24 -21.19 11.62
N THR D 355 35.47 -20.90 12.90
CA THR D 355 35.59 -19.51 13.33
C THR D 355 36.55 -19.34 14.49
N ASP D 356 37.34 -18.26 14.43
CA ASP D 356 38.23 -17.88 15.52
C ASP D 356 37.77 -16.61 16.21
N ASP D 357 36.48 -16.34 16.19
CA ASP D 357 35.92 -15.24 16.96
C ASP D 357 34.42 -15.48 17.11
N ASP D 358 33.65 -14.41 17.34
CA ASP D 358 32.25 -14.57 17.74
C ASP D 358 31.49 -15.40 16.73
N GLY D 359 30.93 -16.52 17.18
CA GLY D 359 30.25 -17.44 16.26
C GLY D 359 28.83 -17.06 15.90
N LEU D 360 27.91 -17.32 16.82
CA LEU D 360 26.51 -16.93 16.66
C LEU D 360 26.30 -15.61 17.41
N LYS D 361 26.19 -14.54 16.64
CA LYS D 361 26.04 -13.18 17.16
C LYS D 361 24.57 -12.83 17.34
N MET D 362 24.11 -12.99 18.57
CA MET D 362 22.72 -12.75 18.93
C MET D 362 22.54 -11.27 19.26
N TYR D 363 22.53 -10.45 18.21
CA TYR D 363 22.47 -8.98 18.34
C TYR D 363 21.14 -8.40 17.86
N TYR D 364 20.26 -9.25 17.32
CA TYR D 364 19.01 -8.78 16.71
C TYR D 364 17.82 -9.69 17.03
N SER D 365 16.63 -9.09 17.01
CA SER D 365 15.40 -9.75 17.39
C SER D 365 14.83 -10.60 16.27
N ASN D 366 13.94 -11.52 16.63
CA ASN D 366 13.17 -12.30 15.68
C ASN D 366 14.05 -13.14 14.76
N VAL D 367 15.09 -13.70 15.36
CA VAL D 367 16.02 -14.54 14.65
C VAL D 367 15.79 -15.99 15.03
N THR D 368 15.88 -16.85 14.02
CA THR D 368 15.88 -18.28 14.20
C THR D 368 17.14 -18.83 13.52
N ALA D 369 17.97 -19.52 14.29
CA ALA D 369 19.15 -20.21 13.76
C ALA D 369 19.11 -21.68 14.15
N ARG D 370 19.31 -22.55 13.15
CA ARG D 370 18.98 -23.95 13.25
C ARG D 370 20.02 -24.84 12.55
N ASN D 371 20.34 -25.98 13.15
CA ASN D 371 21.16 -27.01 12.50
C ASN D 371 22.52 -26.49 12.03
N ILE D 372 23.37 -26.21 13.01
CA ILE D 372 24.66 -25.56 12.78
C ILE D 372 25.77 -26.44 13.34
N VAL D 373 26.78 -26.69 12.51
CA VAL D 373 28.00 -27.35 12.96
C VAL D 373 29.07 -26.26 13.08
N MET D 374 29.72 -26.19 14.23
CA MET D 374 30.74 -25.18 14.48
C MET D 374 32.04 -25.81 14.95
N TRP D 375 33.11 -25.48 14.24
CA TRP D 375 34.47 -25.72 14.69
C TRP D 375 34.99 -24.41 15.27
N LYS D 376 34.68 -24.17 16.53
CA LYS D 376 35.23 -23.04 17.27
C LYS D 376 36.73 -23.21 17.40
N GLU D 377 37.48 -22.14 17.14
CA GLU D 377 38.93 -22.20 17.28
C GLU D 377 39.36 -21.84 18.71
N SER D 378 39.96 -20.67 18.92
CA SER D 378 40.55 -20.36 20.24
C SER D 378 40.05 -19.06 20.90
N VAL D 379 39.24 -18.27 20.23
CA VAL D 379 38.80 -16.99 20.77
C VAL D 379 37.27 -16.81 20.69
N ALA D 380 36.73 -16.18 21.72
CA ALA D 380 35.34 -15.69 21.75
C ALA D 380 34.35 -16.81 21.99
N PRO D 381 33.16 -16.48 22.51
CA PRO D 381 32.19 -17.54 22.77
C PRO D 381 31.60 -18.14 21.51
N VAL D 382 30.88 -19.23 21.67
CA VAL D 382 30.11 -19.83 20.59
C VAL D 382 28.94 -18.90 20.26
N VAL D 383 28.23 -18.48 21.30
CA VAL D 383 27.15 -17.52 21.18
C VAL D 383 27.56 -16.26 21.94
N GLU D 384 27.42 -15.11 21.27
CA GLU D 384 27.79 -13.82 21.82
C GLU D 384 26.59 -12.89 21.84
N PHE D 385 26.38 -12.25 22.99
CA PHE D 385 25.41 -11.17 23.10
C PHE D 385 25.90 -10.08 24.06
N GLY D 386 27.22 -9.86 24.07
CA GLY D 386 27.83 -8.82 24.87
C GLY D 386 28.25 -7.61 24.05
N TRP D 387 29.35 -6.99 24.44
CA TRP D 387 29.95 -5.80 23.81
C TRP D 387 29.20 -4.51 24.18
N THR D 388 27.90 -4.47 23.96
CA THR D 388 27.12 -3.26 24.22
C THR D 388 25.65 -3.62 24.45
N PRO D 389 24.95 -2.89 25.34
CA PRO D 389 23.58 -3.27 25.69
C PRO D 389 22.61 -3.19 24.51
N ARG D 390 21.60 -4.06 24.52
CA ARG D 390 20.67 -4.19 23.41
C ARG D 390 19.29 -4.49 23.90
N ASN D 391 18.31 -4.08 23.09
CA ASN D 391 16.98 -4.61 23.14
C ASN D 391 16.95 -5.68 22.08
N THR D 392 16.97 -6.92 22.53
CA THR D 392 16.93 -8.06 21.65
C THR D 392 15.89 -9.01 22.21
N GLU D 393 15.02 -9.52 21.35
CA GLU D 393 13.97 -10.40 21.81
C GLU D 393 13.52 -11.43 20.78
N ASN D 394 13.01 -12.55 21.29
CA ASN D 394 12.39 -13.57 20.47
C ASN D 394 13.43 -14.22 19.55
N VAL D 395 14.36 -14.94 20.16
CA VAL D 395 15.41 -15.64 19.44
C VAL D 395 15.35 -17.13 19.76
N LEU D 396 15.51 -17.96 18.73
CA LEU D 396 15.69 -19.39 18.89
C LEU D 396 16.98 -19.83 18.19
N PHE D 397 17.91 -20.43 18.95
CA PHE D 397 19.05 -21.14 18.37
C PHE D 397 18.85 -22.60 18.77
N ASP D 398 18.69 -23.46 17.76
CA ASP D 398 18.41 -24.87 18.02
C ASP D 398 19.34 -25.76 17.24
N ASN D 399 19.76 -26.84 17.90
CA ASN D 399 20.57 -27.88 17.29
C ASN D 399 21.90 -27.36 16.78
N VAL D 400 22.75 -27.01 17.74
CA VAL D 400 24.07 -26.49 17.46
C VAL D 400 25.11 -27.46 17.98
N ASP D 401 25.88 -28.06 17.08
CA ASP D 401 26.94 -29.00 17.46
C ASP D 401 28.28 -28.33 17.30
N VAL D 402 28.88 -27.97 18.44
CA VAL D 402 30.25 -27.47 18.46
C VAL D 402 31.15 -28.69 18.51
N ILE D 403 31.63 -29.09 17.33
CA ILE D 403 32.39 -30.34 17.22
C ILE D 403 33.80 -30.23 17.83
N HIS D 404 34.34 -29.01 17.90
CA HIS D 404 35.63 -28.76 18.54
C HIS D 404 35.69 -27.38 19.17
N GLN D 405 36.52 -27.28 20.20
CA GLN D 405 36.95 -26.02 20.79
C GLN D 405 38.44 -26.18 21.11
N ALA D 406 39.15 -25.05 21.21
CA ALA D 406 40.58 -25.09 21.56
C ALA D 406 41.02 -23.76 22.19
N TYR D 407 40.34 -23.36 23.26
CA TYR D 407 40.71 -22.15 23.98
C TYR D 407 42.03 -22.32 24.73
N ALA D 408 42.59 -21.21 25.18
CA ALA D 408 43.90 -21.17 25.82
C ALA D 408 43.85 -20.50 27.20
N ASN D 409 43.06 -19.44 27.34
CA ASN D 409 43.01 -18.68 28.57
C ASN D 409 41.72 -17.86 28.72
N ALA D 410 41.54 -17.30 29.92
CA ALA D 410 40.36 -16.49 30.24
C ALA D 410 40.22 -15.29 29.32
N GLY D 411 41.35 -14.68 28.97
CA GLY D 411 41.39 -13.50 28.12
C GLY D 411 40.83 -13.72 26.71
N ASN D 412 40.74 -14.99 26.32
CA ASN D 412 40.09 -15.38 25.07
C ASN D 412 38.57 -15.22 25.07
N ASN D 413 37.96 -15.02 26.24
CA ASN D 413 36.52 -14.94 26.37
C ASN D 413 35.82 -16.23 25.94
N PRO D 414 36.20 -17.35 26.57
CA PRO D 414 35.61 -18.63 26.19
C PRO D 414 34.20 -18.75 26.72
N GLY D 415 33.53 -19.83 26.32
CA GLY D 415 32.18 -20.11 26.79
C GLY D 415 31.27 -20.50 25.65
N ILE D 416 30.25 -21.26 25.96
CA ILE D 416 29.24 -21.58 24.98
C ILE D 416 28.31 -20.38 24.85
N PHE D 417 27.78 -19.93 25.98
CA PHE D 417 26.90 -18.76 26.02
C PHE D 417 27.63 -17.60 26.70
N GLY D 418 27.99 -16.59 25.91
CA GLY D 418 28.82 -15.51 26.41
C GLY D 418 28.28 -14.12 26.11
N ALA D 419 28.44 -13.23 27.08
CA ALA D 419 28.25 -11.80 26.86
C ALA D 419 29.45 -11.12 27.51
N VAL D 420 30.42 -10.77 26.68
CA VAL D 420 31.71 -10.28 27.14
C VAL D 420 31.61 -8.79 27.49
N ASN D 421 32.61 -8.32 28.23
CA ASN D 421 32.66 -6.93 28.68
C ASN D 421 32.75 -5.90 27.55
N ASN D 422 32.52 -4.64 27.91
CA ASN D 422 32.68 -3.54 26.98
C ASN D 422 34.07 -3.53 26.34
N TYR D 423 34.23 -2.69 25.33
CA TYR D 423 35.41 -2.69 24.49
C TYR D 423 36.67 -2.22 25.23
N ASP D 428 44.44 -0.87 32.54
CA ASP D 428 45.71 -1.02 33.24
C ASP D 428 45.72 -2.29 34.10
N GLY D 429 45.35 -3.41 33.48
CA GLY D 429 45.26 -4.69 34.21
C GLY D 429 43.95 -4.89 34.97
N LEU D 430 43.28 -3.80 35.35
CA LEU D 430 41.99 -3.88 36.06
C LEU D 430 40.91 -4.57 35.21
N SER D 431 40.14 -5.44 35.84
CA SER D 431 38.91 -5.94 35.23
C SER D 431 37.91 -4.81 35.34
N SER D 432 36.99 -4.72 34.39
CA SER D 432 36.13 -3.54 34.33
C SER D 432 35.18 -3.46 35.52
N ALA D 433 34.78 -2.25 35.87
CA ALA D 433 33.70 -2.05 36.83
C ALA D 433 32.43 -2.56 36.17
N HIS D 434 31.49 -3.00 36.97
CA HIS D 434 30.24 -3.54 36.42
C HIS D 434 29.16 -2.48 36.60
N SER D 435 29.52 -1.25 36.26
CA SER D 435 28.70 -0.08 36.53
C SER D 435 28.32 0.71 35.27
N THR D 436 28.48 0.11 34.09
CA THR D 436 28.10 0.76 32.81
C THR D 436 26.95 0.03 32.10
N GLY D 437 26.08 -0.60 32.89
CA GLY D 437 24.94 -1.31 32.35
C GLY D 437 23.85 -0.34 31.97
N ASN D 438 22.88 -0.83 31.22
CA ASN D 438 21.72 -0.02 30.87
C ASN D 438 20.47 -0.72 31.35
N SER D 439 19.86 -0.15 32.38
CA SER D 439 18.64 -0.71 32.93
C SER D 439 17.40 -0.40 32.09
N ASN D 440 17.53 0.44 31.07
CA ASN D 440 16.41 0.74 30.16
C ASN D 440 16.28 -0.28 29.03
N MET D 441 17.31 -1.10 28.82
CA MET D 441 17.25 -2.15 27.81
C MET D 441 17.07 -3.53 28.44
N THR D 442 16.49 -4.44 27.66
CA THR D 442 16.19 -5.79 28.13
C THR D 442 16.32 -6.82 27.01
N VAL D 443 16.96 -7.95 27.31
CA VAL D 443 17.01 -9.06 26.40
C VAL D 443 15.99 -10.10 26.86
N ARG D 444 15.11 -10.47 25.94
CA ARG D 444 13.88 -11.24 26.22
C ARG D 444 13.68 -12.46 25.37
N ASN D 445 13.04 -13.48 25.95
CA ASN D 445 12.54 -14.60 25.18
C ASN D 445 13.61 -15.15 24.26
N ILE D 446 14.63 -15.72 24.90
CA ILE D 446 15.76 -16.32 24.24
C ILE D 446 15.75 -17.81 24.53
N THR D 447 15.69 -18.63 23.48
CA THR D 447 15.76 -20.09 23.64
C THR D 447 17.00 -20.62 22.96
N TRP D 448 17.86 -21.27 23.75
CA TRP D 448 19.03 -21.96 23.26
C TRP D 448 18.83 -23.42 23.57
N SER D 449 18.63 -24.24 22.53
CA SER D 449 18.24 -25.62 22.71
C SER D 449 19.03 -26.62 21.88
N ASN D 450 19.26 -27.79 22.45
CA ASN D 450 19.92 -28.90 21.75
C ASN D 450 21.30 -28.48 21.24
N PHE D 451 22.11 -27.99 22.17
CA PHE D 451 23.52 -27.73 21.92
C PHE D 451 24.34 -28.95 22.35
N ARG D 452 25.32 -29.33 21.53
CA ARG D 452 26.28 -30.35 21.91
C ARG D 452 27.67 -29.77 21.77
N ALA D 453 28.52 -30.09 22.73
CA ALA D 453 29.92 -29.77 22.64
C ALA D 453 30.69 -31.07 22.72
N GLU D 454 31.35 -31.43 21.62
CA GLU D 454 32.12 -32.67 21.56
C GLU D 454 33.54 -32.38 22.02
N GLY D 455 34.21 -33.40 22.56
CA GLY D 455 35.56 -33.24 23.10
C GLY D 455 35.55 -32.35 24.33
N SER D 456 36.70 -31.77 24.66
CA SER D 456 36.79 -30.84 25.77
C SER D 456 36.17 -29.49 25.40
N SER D 457 35.46 -28.91 26.36
CA SER D 457 34.69 -27.70 26.16
C SER D 457 35.07 -26.63 27.18
N SER D 458 34.82 -25.37 26.80
CA SER D 458 34.83 -24.24 27.73
C SER D 458 33.55 -24.20 28.57
N ALA D 459 33.46 -23.20 29.45
CA ALA D 459 32.34 -23.02 30.35
C ALA D 459 31.00 -22.97 29.65
N LEU D 460 29.94 -23.35 30.37
CA LEU D 460 28.58 -23.25 29.86
C LEU D 460 28.20 -21.82 29.56
N PHE D 461 28.47 -20.93 30.52
CA PHE D 461 28.21 -19.52 30.31
C PHE D 461 29.15 -18.60 31.07
N ARG D 462 29.48 -17.48 30.44
CA ARG D 462 30.11 -16.34 31.10
C ARG D 462 29.37 -15.12 30.62
N ILE D 463 28.45 -14.63 31.44
CA ILE D 463 27.52 -13.59 31.00
C ILE D 463 27.63 -12.37 31.90
N ASN D 464 27.93 -11.23 31.29
CA ASN D 464 27.81 -9.94 31.94
C ASN D 464 26.42 -9.38 31.59
N PRO D 465 25.53 -9.27 32.59
CA PRO D 465 24.24 -8.62 32.34
C PRO D 465 24.39 -7.12 32.16
N ILE D 466 24.82 -6.72 30.97
CA ILE D 466 25.01 -5.31 30.67
C ILE D 466 23.67 -4.63 30.37
N GLN D 467 22.65 -5.45 30.19
CA GLN D 467 21.26 -5.00 30.23
C GLN D 467 20.44 -6.10 30.91
N ASN D 468 19.20 -5.78 31.26
CA ASN D 468 18.36 -6.75 31.94
C ASN D 468 18.16 -7.99 31.06
N LEU D 469 18.07 -9.14 31.73
CA LEU D 469 17.78 -10.40 31.06
C LEU D 469 16.44 -10.90 31.58
N ASP D 470 15.60 -11.42 30.69
CA ASP D 470 14.24 -11.79 31.05
C ASP D 470 13.76 -12.97 30.20
N ASN D 471 13.63 -14.14 30.84
CA ASN D 471 13.09 -15.33 30.19
C ASN D 471 14.05 -15.88 29.13
N ILE D 472 15.10 -16.53 29.63
CA ILE D 472 16.13 -17.15 28.83
C ILE D 472 16.16 -18.62 29.22
N SER D 473 15.96 -19.50 28.24
CA SER D 473 15.86 -20.93 28.50
C SER D 473 16.96 -21.70 27.80
N ILE D 474 17.77 -22.38 28.60
CA ILE D 474 18.71 -23.36 28.09
C ILE D 474 18.04 -24.72 28.24
N LYS D 475 17.76 -25.38 27.10
CA LYS D 475 17.12 -26.69 27.06
C LYS D 475 17.98 -27.67 26.27
N ASN D 476 18.54 -28.67 26.95
CA ASN D 476 19.40 -29.68 26.31
C ASN D 476 20.75 -29.15 25.83
N VAL D 477 21.75 -29.25 26.69
CA VAL D 477 23.12 -28.89 26.35
C VAL D 477 24.04 -29.95 26.94
N SER D 478 24.73 -30.69 26.09
CA SER D 478 25.63 -31.72 26.58
C SER D 478 27.06 -31.33 26.33
N ILE D 479 27.86 -31.36 27.39
CA ILE D 479 29.28 -31.14 27.31
C ILE D 479 29.95 -32.48 27.58
N GLU D 480 30.73 -32.97 26.63
CA GLU D 480 31.35 -34.28 26.76
C GLU D 480 32.34 -34.27 27.93
N SER D 481 33.26 -33.31 27.91
CA SER D 481 34.19 -33.10 29.01
C SER D 481 34.62 -31.63 29.04
N PHE D 482 35.24 -31.23 30.16
CA PHE D 482 35.74 -29.87 30.35
C PHE D 482 37.22 -29.77 30.03
N GLU D 483 37.63 -28.61 29.54
CA GLU D 483 39.04 -28.25 29.40
C GLU D 483 39.67 -28.18 30.82
N PRO D 484 40.99 -28.25 30.91
CA PRO D 484 41.57 -28.33 32.26
C PRO D 484 41.30 -27.08 33.10
N LEU D 485 41.19 -27.28 34.41
CA LEU D 485 40.94 -26.17 35.35
C LEU D 485 42.00 -25.10 35.27
N SER D 486 43.24 -25.50 35.04
CA SER D 486 44.37 -24.59 35.13
C SER D 486 44.32 -23.42 34.14
N ILE D 487 43.71 -23.61 32.97
CA ILE D 487 43.65 -22.55 31.95
C ILE D 487 42.48 -21.58 32.12
N ASN D 488 41.64 -21.83 33.12
CA ASN D 488 40.59 -20.89 33.51
C ASN D 488 39.61 -20.54 32.37
N THR D 489 39.04 -21.58 31.76
CA THR D 489 38.10 -21.44 30.65
C THR D 489 36.78 -22.15 30.86
N THR D 490 36.64 -22.86 31.98
CA THR D 490 35.54 -23.80 32.19
C THR D 490 34.53 -23.36 33.26
N GLU D 491 34.92 -22.48 34.18
CA GLU D 491 33.99 -21.99 35.20
C GLU D 491 32.98 -21.01 34.60
N SER D 492 31.70 -21.23 34.90
CA SER D 492 30.65 -20.34 34.43
C SER D 492 30.41 -19.20 35.41
N TRP D 493 30.12 -18.01 34.89
CA TRP D 493 29.82 -16.88 35.74
C TRP D 493 28.85 -15.83 35.21
N MET D 494 28.22 -15.13 36.16
CA MET D 494 27.27 -14.08 35.90
C MET D 494 27.35 -13.06 37.04
N PRO D 495 28.32 -12.13 36.98
CA PRO D 495 28.44 -11.14 38.07
C PRO D 495 27.33 -10.10 38.04
N VAL D 496 27.12 -9.43 39.16
CA VAL D 496 26.04 -8.46 39.28
C VAL D 496 26.45 -7.15 38.60
N TRP D 497 25.48 -6.53 37.92
CA TRP D 497 25.73 -5.31 37.17
C TRP D 497 24.78 -4.22 37.61
N TYR D 498 25.23 -2.98 37.41
CA TYR D 498 24.47 -1.79 37.81
C TYR D 498 24.38 -0.81 36.67
N ASP D 499 23.28 -0.06 36.65
CA ASP D 499 23.04 0.94 35.63
C ASP D 499 24.05 2.09 35.74
N LEU D 500 24.50 2.53 34.56
CA LEU D 500 25.57 3.52 34.39
C LEU D 500 25.35 4.82 35.16
N ASN D 501 24.09 5.27 35.22
CA ASN D 501 23.78 6.60 35.69
C ASN D 501 23.08 6.61 37.04
N ASN D 502 22.03 5.82 37.17
CA ASN D 502 21.25 5.82 38.41
C ASN D 502 21.67 4.75 39.44
N GLY D 503 22.57 3.84 39.07
CA GLY D 503 23.05 2.81 39.99
C GLY D 503 22.07 1.68 40.31
N LYS D 504 20.92 1.68 39.64
CA LYS D 504 19.92 0.62 39.77
C LYS D 504 20.49 -0.72 39.31
N GLN D 505 20.16 -1.78 40.03
CA GLN D 505 20.69 -3.09 39.72
C GLN D 505 20.09 -3.65 38.42
N ILE D 506 20.95 -4.16 37.53
CA ILE D 506 20.47 -4.82 36.33
C ILE D 506 19.86 -6.14 36.78
N THR D 507 18.66 -6.43 36.29
CA THR D 507 17.94 -7.61 36.76
C THR D 507 18.10 -8.76 35.82
N VAL D 508 17.91 -9.96 36.38
CA VAL D 508 17.91 -11.20 35.63
C VAL D 508 16.73 -11.98 36.18
N THR D 509 15.79 -12.33 35.32
CA THR D 509 14.58 -13.01 35.76
C THR D 509 14.29 -14.18 34.84
N ASP D 510 13.97 -15.32 35.45
CA ASP D 510 13.49 -16.47 34.71
C ASP D 510 14.55 -16.97 33.73
N PHE D 511 15.74 -17.24 34.29
CA PHE D 511 16.86 -17.84 33.57
C PHE D 511 16.90 -19.32 33.95
N SER D 512 16.40 -20.17 33.06
CA SER D 512 16.31 -21.59 33.37
C SER D 512 17.32 -22.44 32.61
N ILE D 513 17.78 -23.48 33.29
CA ILE D 513 18.70 -24.47 32.73
C ILE D 513 18.09 -25.87 32.85
N GLU D 514 17.84 -26.50 31.71
CA GLU D 514 17.29 -27.85 31.69
C GLU D 514 18.06 -28.73 30.73
N GLY D 515 18.25 -29.98 31.13
CA GLY D 515 18.95 -30.96 30.31
C GLY D 515 20.43 -30.65 30.06
N PHE D 516 21.07 -30.04 31.03
CA PHE D 516 22.51 -29.77 30.98
C PHE D 516 23.26 -30.99 31.52
N THR D 517 24.14 -31.59 30.71
CA THR D 517 24.96 -32.71 31.14
C THR D 517 26.45 -32.45 30.94
N VAL D 518 27.26 -32.94 31.87
CA VAL D 518 28.71 -32.97 31.74
C VAL D 518 29.14 -34.42 31.93
N GLY D 519 29.73 -35.02 30.89
CA GLY D 519 29.88 -36.45 30.83
C GLY D 519 28.49 -37.02 30.58
N ASN D 520 28.01 -37.88 31.47
CA ASN D 520 26.61 -38.28 31.41
C ASN D 520 25.95 -38.02 32.76
N THR D 521 26.29 -36.87 33.34
CA THR D 521 25.77 -36.48 34.64
C THR D 521 24.89 -35.26 34.46
N THR D 522 23.63 -35.37 34.86
CA THR D 522 22.70 -34.25 34.77
C THR D 522 23.07 -33.21 35.84
N ILE D 523 23.03 -31.94 35.45
CA ILE D 523 23.39 -30.88 36.36
C ILE D 523 22.12 -30.37 37.04
N THR D 524 22.21 -30.15 38.34
CA THR D 524 21.12 -29.69 39.19
C THR D 524 21.68 -28.58 40.05
N ALA D 525 20.84 -27.95 40.86
CA ALA D 525 21.31 -26.89 41.77
C ALA D 525 22.38 -27.43 42.74
N SER D 526 22.27 -28.71 43.11
CA SER D 526 23.19 -29.35 44.06
C SER D 526 24.61 -29.47 43.54
N ASN D 527 24.76 -30.06 42.35
CA ASN D 527 26.07 -30.29 41.73
C ASN D 527 26.47 -29.22 40.71
N ALA D 528 25.78 -28.08 40.70
CA ALA D 528 26.05 -27.02 39.72
C ALA D 528 27.49 -26.50 39.77
N ALA D 529 28.06 -26.39 40.96
CA ALA D 529 29.43 -25.91 41.11
C ALA D 529 30.44 -27.05 40.99
N SER D 530 30.20 -28.15 41.68
CA SER D 530 31.18 -29.24 41.76
C SER D 530 31.38 -29.97 40.43
N VAL D 531 30.31 -30.10 39.65
CA VAL D 531 30.33 -30.84 38.38
C VAL D 531 30.12 -29.92 37.15
N GLY D 532 29.19 -28.98 37.25
CA GLY D 532 28.91 -28.04 36.15
C GLY D 532 29.89 -26.88 36.11
N ARG D 533 30.69 -26.75 37.16
CA ARG D 533 31.63 -25.66 37.34
C ARG D 533 30.96 -24.28 37.27
N ILE D 534 29.68 -24.24 37.65
CA ILE D 534 28.94 -22.99 37.75
C ILE D 534 29.15 -22.45 39.15
N ASP D 535 30.13 -21.56 39.32
CA ASP D 535 30.47 -21.02 40.63
C ASP D 535 30.67 -19.51 40.66
N GLY D 536 30.30 -18.83 39.57
CA GLY D 536 30.44 -17.38 39.48
C GLY D 536 29.12 -16.63 39.36
N VAL D 537 28.02 -17.27 39.70
CA VAL D 537 26.75 -16.56 39.74
C VAL D 537 26.70 -15.70 41.00
N ASP D 538 26.48 -14.40 40.83
CA ASP D 538 26.48 -13.49 41.95
C ASP D 538 25.27 -13.81 42.84
N PRO D 539 25.46 -13.78 44.17
CA PRO D 539 24.36 -14.00 45.11
C PRO D 539 23.09 -13.23 44.75
N ALA D 540 23.25 -12.02 44.21
CA ALA D 540 22.10 -11.23 43.80
C ALA D 540 21.21 -11.97 42.81
N TYR D 541 21.80 -12.81 41.95
CA TYR D 541 21.03 -13.54 40.93
C TYR D 541 20.77 -15.02 41.28
N ALA D 542 21.12 -15.44 42.48
CA ALA D 542 20.95 -16.85 42.88
C ALA D 542 19.50 -17.34 42.74
N GLY D 543 18.55 -16.45 43.00
CA GLY D 543 17.14 -16.79 42.84
C GLY D 543 16.61 -16.63 41.42
N SER D 544 17.43 -16.06 40.53
CA SER D 544 17.06 -15.85 39.13
C SER D 544 17.46 -16.99 38.22
N VAL D 545 18.31 -17.89 38.71
CA VAL D 545 18.83 -18.99 37.92
C VAL D 545 18.23 -20.30 38.41
N HIS D 546 17.34 -20.86 37.59
CA HIS D 546 16.53 -22.00 38.01
C HIS D 546 16.98 -23.25 37.30
N TYR D 547 17.45 -24.22 38.09
CA TYR D 547 17.79 -25.53 37.60
C TYR D 547 16.53 -26.39 37.62
N ILE D 548 16.02 -26.72 36.43
CA ILE D 548 14.80 -27.51 36.27
C ILE D 548 15.08 -29.01 36.46
N ASP D 549 16.30 -29.41 36.09
CA ASP D 549 16.85 -30.80 36.17
C ASP D 549 16.84 -31.49 34.80
#